data_1VGJ
# 
_entry.id   1VGJ 
# 
_audit_conform.dict_name       mmcif_pdbx.dic 
_audit_conform.dict_version    5.398 
_audit_conform.dict_location   http://mmcif.pdb.org/dictionaries/ascii/mmcif_pdbx.dic 
# 
loop_
_database_2.database_id 
_database_2.database_code 
_database_2.pdbx_database_accession 
_database_2.pdbx_DOI 
PDB   1VGJ         pdb_00001vgj 10.2210/pdb1vgj/pdb 
RCSB  RCSB006590   ?            ?                   
WWPDB D_1000006590 ?            ?                   
# 
loop_
_pdbx_audit_revision_history.ordinal 
_pdbx_audit_revision_history.data_content_type 
_pdbx_audit_revision_history.major_revision 
_pdbx_audit_revision_history.minor_revision 
_pdbx_audit_revision_history.revision_date 
1 'Structure model' 1 0 2005-06-07 
2 'Structure model' 1 1 2008-04-27 
3 'Structure model' 1 2 2011-07-13 
4 'Structure model' 1 3 2023-10-25 
5 'Structure model' 1 4 2023-11-15 
6 'Structure model' 1 5 2024-11-13 
# 
_pdbx_audit_revision_details.ordinal             1 
_pdbx_audit_revision_details.revision_ordinal    1 
_pdbx_audit_revision_details.data_content_type   'Structure model' 
_pdbx_audit_revision_details.provider            repository 
_pdbx_audit_revision_details.type                'Initial release' 
_pdbx_audit_revision_details.description         ? 
_pdbx_audit_revision_details.details             ? 
# 
loop_
_pdbx_audit_revision_group.ordinal 
_pdbx_audit_revision_group.revision_ordinal 
_pdbx_audit_revision_group.data_content_type 
_pdbx_audit_revision_group.group 
1 2 'Structure model' 'Version format compliance' 
2 3 'Structure model' 'Version format compliance' 
3 4 'Structure model' 'Data collection'           
4 4 'Structure model' 'Database references'       
5 4 'Structure model' 'Derived calculations'      
6 4 'Structure model' 'Refinement description'    
7 5 'Structure model' 'Data collection'           
8 6 'Structure model' 'Structure summary'         
# 
loop_
_pdbx_audit_revision_category.ordinal 
_pdbx_audit_revision_category.revision_ordinal 
_pdbx_audit_revision_category.data_content_type 
_pdbx_audit_revision_category.category 
1  4 'Structure model' chem_comp_atom                
2  4 'Structure model' chem_comp_bond                
3  4 'Structure model' database_2                    
4  4 'Structure model' pdbx_initial_refinement_model 
5  4 'Structure model' struct_conn                   
6  4 'Structure model' struct_ref_seq_dif            
7  5 'Structure model' chem_comp_atom                
8  5 'Structure model' chem_comp_bond                
9  6 'Structure model' pdbx_entry_details            
10 6 'Structure model' pdbx_modification_feature     
# 
loop_
_pdbx_audit_revision_item.ordinal 
_pdbx_audit_revision_item.revision_ordinal 
_pdbx_audit_revision_item.data_content_type 
_pdbx_audit_revision_item.item 
1 4 'Structure model' '_database_2.pdbx_DOI'                
2 4 'Structure model' '_database_2.pdbx_database_accession' 
3 4 'Structure model' '_struct_conn.pdbx_leaving_atom_flag' 
4 4 'Structure model' '_struct_ref_seq_dif.details'         
5 5 'Structure model' '_chem_comp_atom.atom_id'             
6 5 'Structure model' '_chem_comp_bond.atom_id_2'           
# 
_pdbx_database_status.status_code                     REL 
_pdbx_database_status.entry_id                        1VGJ 
_pdbx_database_status.recvd_initial_deposition_date   2004-04-27 
_pdbx_database_status.deposit_site                    PDBJ 
_pdbx_database_status.process_site                    PDBJ 
_pdbx_database_status.status_code_sf                  REL 
_pdbx_database_status.status_code_mr                  ? 
_pdbx_database_status.SG_entry                        Y 
_pdbx_database_status.pdb_format_compatible           Y 
_pdbx_database_status.status_code_cs                  ? 
_pdbx_database_status.status_code_nmr_data            ? 
_pdbx_database_status.methods_development_category    ? 
# 
loop_
_audit_author.name 
_audit_author.pdbx_ordinal 
'Yao, M.'    1 
'Morita, H.' 2 
'Okada, A.'  3 
'Tanaka, I.' 4 
# 
_citation.id                        primary 
_citation.title                     
;The structure of Pyrococcus horikoshii 2'-5' RNA ligase at 1.94 A resolution reveals a possible open form with a wider active-site cleft
;
_citation.journal_abbrev            'ACTA CRYSTALLOGR.,SECT.F' 
_citation.journal_volume            62 
_citation.page_first                1196 
_citation.page_last                 1200 
_citation.year                      2006 
_citation.journal_id_ASTM           ? 
_citation.country                   DK 
_citation.journal_id_ISSN           1744-3091 
_citation.journal_id_CSD            ? 
_citation.book_publisher            ? 
_citation.pdbx_database_id_PubMed   17142895 
_citation.pdbx_database_id_DOI      10.1107/S1744309106046616 
# 
loop_
_citation_author.citation_id 
_citation_author.name 
_citation_author.ordinal 
_citation_author.identifier_ORCID 
primary 'Gao, Y.G.'  1 ? 
primary 'Yao, M.'    2 ? 
primary 'Okada, A.'  3 ? 
primary 'Tanaka, I.' 4 ? 
# 
loop_
_entity.id 
_entity.type 
_entity.src_method 
_entity.pdbx_description 
_entity.formula_weight 
_entity.pdbx_number_of_molecules 
_entity.pdbx_ec 
_entity.pdbx_mutation 
_entity.pdbx_fragment 
_entity.details 
1 polymer man 'Hypothetical protein PH0099' 21271.248 1  ? ? ? ? 
2 water   nat water                         18.015    41 ? ? ? ? 
# 
_entity_name_com.entity_id   1 
_entity_name_com.name        
;2'-5' RNA ligase
;
# 
_entity_poly.entity_id                      1 
_entity_poly.type                           'polypeptide(L)' 
_entity_poly.nstd_linkage                   no 
_entity_poly.nstd_monomer                   yes 
_entity_poly.pdbx_seq_one_letter_code       
;(MSE)RAFIAIDVNESVRDSLVRAQDYIGSKEAKIKFVERENLHITLKFLGEITEEQAEEIKNILKKIAEKYKKHEVKVK
GIGVFPNPNYIRVIWAGIENDEIIRE(MSE)AREIEDELAKLGFKKEGNFVAHITLGRVKFVKDKLGLT(MSE)KLKELA
NEDFGSFVVDAIELKKSTLTPKGPIYETLARFELSE
;
_entity_poly.pdbx_seq_one_letter_code_can   
;MRAFIAIDVNESVRDSLVRAQDYIGSKEAKIKFVERENLHITLKFLGEITEEQAEEIKNILKKIAEKYKKHEVKVKGIGV
FPNPNYIRVIWAGIENDEIIREMAREIEDELAKLGFKKEGNFVAHITLGRVKFVKDKLGLTMKLKELANEDFGSFVVDAI
ELKKSTLTPKGPIYETLARFELSE
;
_entity_poly.pdbx_strand_id                 A 
_entity_poly.pdbx_target_identifier         ? 
# 
_pdbx_entity_nonpoly.entity_id   2 
_pdbx_entity_nonpoly.name        water 
_pdbx_entity_nonpoly.comp_id     HOH 
# 
loop_
_entity_poly_seq.entity_id 
_entity_poly_seq.num 
_entity_poly_seq.mon_id 
_entity_poly_seq.hetero 
1 1   MSE n 
1 2   ARG n 
1 3   ALA n 
1 4   PHE n 
1 5   ILE n 
1 6   ALA n 
1 7   ILE n 
1 8   ASP n 
1 9   VAL n 
1 10  ASN n 
1 11  GLU n 
1 12  SER n 
1 13  VAL n 
1 14  ARG n 
1 15  ASP n 
1 16  SER n 
1 17  LEU n 
1 18  VAL n 
1 19  ARG n 
1 20  ALA n 
1 21  GLN n 
1 22  ASP n 
1 23  TYR n 
1 24  ILE n 
1 25  GLY n 
1 26  SER n 
1 27  LYS n 
1 28  GLU n 
1 29  ALA n 
1 30  LYS n 
1 31  ILE n 
1 32  LYS n 
1 33  PHE n 
1 34  VAL n 
1 35  GLU n 
1 36  ARG n 
1 37  GLU n 
1 38  ASN n 
1 39  LEU n 
1 40  HIS n 
1 41  ILE n 
1 42  THR n 
1 43  LEU n 
1 44  LYS n 
1 45  PHE n 
1 46  LEU n 
1 47  GLY n 
1 48  GLU n 
1 49  ILE n 
1 50  THR n 
1 51  GLU n 
1 52  GLU n 
1 53  GLN n 
1 54  ALA n 
1 55  GLU n 
1 56  GLU n 
1 57  ILE n 
1 58  LYS n 
1 59  ASN n 
1 60  ILE n 
1 61  LEU n 
1 62  LYS n 
1 63  LYS n 
1 64  ILE n 
1 65  ALA n 
1 66  GLU n 
1 67  LYS n 
1 68  TYR n 
1 69  LYS n 
1 70  LYS n 
1 71  HIS n 
1 72  GLU n 
1 73  VAL n 
1 74  LYS n 
1 75  VAL n 
1 76  LYS n 
1 77  GLY n 
1 78  ILE n 
1 79  GLY n 
1 80  VAL n 
1 81  PHE n 
1 82  PRO n 
1 83  ASN n 
1 84  PRO n 
1 85  ASN n 
1 86  TYR n 
1 87  ILE n 
1 88  ARG n 
1 89  VAL n 
1 90  ILE n 
1 91  TRP n 
1 92  ALA n 
1 93  GLY n 
1 94  ILE n 
1 95  GLU n 
1 96  ASN n 
1 97  ASP n 
1 98  GLU n 
1 99  ILE n 
1 100 ILE n 
1 101 ARG n 
1 102 GLU n 
1 103 MSE n 
1 104 ALA n 
1 105 ARG n 
1 106 GLU n 
1 107 ILE n 
1 108 GLU n 
1 109 ASP n 
1 110 GLU n 
1 111 LEU n 
1 112 ALA n 
1 113 LYS n 
1 114 LEU n 
1 115 GLY n 
1 116 PHE n 
1 117 LYS n 
1 118 LYS n 
1 119 GLU n 
1 120 GLY n 
1 121 ASN n 
1 122 PHE n 
1 123 VAL n 
1 124 ALA n 
1 125 HIS n 
1 126 ILE n 
1 127 THR n 
1 128 LEU n 
1 129 GLY n 
1 130 ARG n 
1 131 VAL n 
1 132 LYS n 
1 133 PHE n 
1 134 VAL n 
1 135 LYS n 
1 136 ASP n 
1 137 LYS n 
1 138 LEU n 
1 139 GLY n 
1 140 LEU n 
1 141 THR n 
1 142 MSE n 
1 143 LYS n 
1 144 LEU n 
1 145 LYS n 
1 146 GLU n 
1 147 LEU n 
1 148 ALA n 
1 149 ASN n 
1 150 GLU n 
1 151 ASP n 
1 152 PHE n 
1 153 GLY n 
1 154 SER n 
1 155 PHE n 
1 156 VAL n 
1 157 VAL n 
1 158 ASP n 
1 159 ALA n 
1 160 ILE n 
1 161 GLU n 
1 162 LEU n 
1 163 LYS n 
1 164 LYS n 
1 165 SER n 
1 166 THR n 
1 167 LEU n 
1 168 THR n 
1 169 PRO n 
1 170 LYS n 
1 171 GLY n 
1 172 PRO n 
1 173 ILE n 
1 174 TYR n 
1 175 GLU n 
1 176 THR n 
1 177 LEU n 
1 178 ALA n 
1 179 ARG n 
1 180 PHE n 
1 181 GLU n 
1 182 LEU n 
1 183 SER n 
1 184 GLU n 
# 
_entity_src_gen.entity_id                          1 
_entity_src_gen.pdbx_src_id                        1 
_entity_src_gen.pdbx_alt_source_flag               sample 
_entity_src_gen.pdbx_seq_type                      ? 
_entity_src_gen.pdbx_beg_seq_num                   ? 
_entity_src_gen.pdbx_end_seq_num                   ? 
_entity_src_gen.gene_src_common_name               ? 
_entity_src_gen.gene_src_genus                     Pyrococcus 
_entity_src_gen.pdbx_gene_src_gene                 PH0099 
_entity_src_gen.gene_src_species                   ? 
_entity_src_gen.gene_src_strain                    ? 
_entity_src_gen.gene_src_tissue                    ? 
_entity_src_gen.gene_src_tissue_fraction           ? 
_entity_src_gen.gene_src_details                   ? 
_entity_src_gen.pdbx_gene_src_fragment             ? 
_entity_src_gen.pdbx_gene_src_scientific_name      'Pyrococcus horikoshii' 
_entity_src_gen.pdbx_gene_src_ncbi_taxonomy_id     53953 
_entity_src_gen.pdbx_gene_src_variant              ? 
_entity_src_gen.pdbx_gene_src_cell_line            ? 
_entity_src_gen.pdbx_gene_src_atcc                 ? 
_entity_src_gen.pdbx_gene_src_organ                ? 
_entity_src_gen.pdbx_gene_src_organelle            ? 
_entity_src_gen.pdbx_gene_src_cell                 ? 
_entity_src_gen.pdbx_gene_src_cellular_location    ? 
_entity_src_gen.host_org_common_name               ? 
_entity_src_gen.pdbx_host_org_scientific_name      'Escherichia coli' 
_entity_src_gen.pdbx_host_org_ncbi_taxonomy_id     562 
_entity_src_gen.host_org_genus                     Escherichia 
_entity_src_gen.pdbx_host_org_gene                 ? 
_entity_src_gen.pdbx_host_org_organ                ? 
_entity_src_gen.host_org_species                   ? 
_entity_src_gen.pdbx_host_org_tissue               ? 
_entity_src_gen.pdbx_host_org_tissue_fraction      ? 
_entity_src_gen.pdbx_host_org_strain               'B834(DE3)' 
_entity_src_gen.pdbx_host_org_variant              ? 
_entity_src_gen.pdbx_host_org_cell_line            ? 
_entity_src_gen.pdbx_host_org_atcc                 ? 
_entity_src_gen.pdbx_host_org_culture_collection   ? 
_entity_src_gen.pdbx_host_org_cell                 ? 
_entity_src_gen.pdbx_host_org_organelle            ? 
_entity_src_gen.pdbx_host_org_cellular_location    ? 
_entity_src_gen.pdbx_host_org_vector_type          Plasmid 
_entity_src_gen.pdbx_host_org_vector               ? 
_entity_src_gen.host_org_details                   ? 
_entity_src_gen.expression_system_id               ? 
_entity_src_gen.plasmid_name                       pET-26b 
_entity_src_gen.plasmid_details                    ? 
_entity_src_gen.pdbx_description                   ? 
# 
loop_
_chem_comp.id 
_chem_comp.type 
_chem_comp.mon_nstd_flag 
_chem_comp.name 
_chem_comp.pdbx_synonyms 
_chem_comp.formula 
_chem_comp.formula_weight 
ALA 'L-peptide linking' y ALANINE          ? 'C3 H7 N O2'     89.093  
ARG 'L-peptide linking' y ARGININE         ? 'C6 H15 N4 O2 1' 175.209 
ASN 'L-peptide linking' y ASPARAGINE       ? 'C4 H8 N2 O3'    132.118 
ASP 'L-peptide linking' y 'ASPARTIC ACID'  ? 'C4 H7 N O4'     133.103 
GLN 'L-peptide linking' y GLUTAMINE        ? 'C5 H10 N2 O3'   146.144 
GLU 'L-peptide linking' y 'GLUTAMIC ACID'  ? 'C5 H9 N O4'     147.129 
GLY 'peptide linking'   y GLYCINE          ? 'C2 H5 N O2'     75.067  
HIS 'L-peptide linking' y HISTIDINE        ? 'C6 H10 N3 O2 1' 156.162 
HOH non-polymer         . WATER            ? 'H2 O'           18.015  
ILE 'L-peptide linking' y ISOLEUCINE       ? 'C6 H13 N O2'    131.173 
LEU 'L-peptide linking' y LEUCINE          ? 'C6 H13 N O2'    131.173 
LYS 'L-peptide linking' y LYSINE           ? 'C6 H15 N2 O2 1' 147.195 
MET 'L-peptide linking' y METHIONINE       ? 'C5 H11 N O2 S'  149.211 
MSE 'L-peptide linking' n SELENOMETHIONINE ? 'C5 H11 N O2 Se' 196.106 
PHE 'L-peptide linking' y PHENYLALANINE    ? 'C9 H11 N O2'    165.189 
PRO 'L-peptide linking' y PROLINE          ? 'C5 H9 N O2'     115.130 
SER 'L-peptide linking' y SERINE           ? 'C3 H7 N O3'     105.093 
THR 'L-peptide linking' y THREONINE        ? 'C4 H9 N O3'     119.119 
TRP 'L-peptide linking' y TRYPTOPHAN       ? 'C11 H12 N2 O2'  204.225 
TYR 'L-peptide linking' y TYROSINE         ? 'C9 H11 N O3'    181.189 
VAL 'L-peptide linking' y VALINE           ? 'C5 H11 N O2'    117.146 
# 
loop_
_pdbx_poly_seq_scheme.asym_id 
_pdbx_poly_seq_scheme.entity_id 
_pdbx_poly_seq_scheme.seq_id 
_pdbx_poly_seq_scheme.mon_id 
_pdbx_poly_seq_scheme.ndb_seq_num 
_pdbx_poly_seq_scheme.pdb_seq_num 
_pdbx_poly_seq_scheme.auth_seq_num 
_pdbx_poly_seq_scheme.pdb_mon_id 
_pdbx_poly_seq_scheme.auth_mon_id 
_pdbx_poly_seq_scheme.pdb_strand_id 
_pdbx_poly_seq_scheme.pdb_ins_code 
_pdbx_poly_seq_scheme.hetero 
A 1 1   MSE 1   1   1   MSE MSE A . n 
A 1 2   ARG 2   2   2   ARG ARG A . n 
A 1 3   ALA 3   3   3   ALA ALA A . n 
A 1 4   PHE 4   4   4   PHE PHE A . n 
A 1 5   ILE 5   5   5   ILE ILE A . n 
A 1 6   ALA 6   6   6   ALA ALA A . n 
A 1 7   ILE 7   7   7   ILE ILE A . n 
A 1 8   ASP 8   8   8   ASP ASP A . n 
A 1 9   VAL 9   9   9   VAL VAL A . n 
A 1 10  ASN 10  10  10  ASN ASN A . n 
A 1 11  GLU 11  11  11  GLU GLU A . n 
A 1 12  SER 12  12  12  SER SER A . n 
A 1 13  VAL 13  13  13  VAL VAL A . n 
A 1 14  ARG 14  14  14  ARG ARG A . n 
A 1 15  ASP 15  15  15  ASP ASP A . n 
A 1 16  SER 16  16  16  SER SER A . n 
A 1 17  LEU 17  17  17  LEU LEU A . n 
A 1 18  VAL 18  18  18  VAL VAL A . n 
A 1 19  ARG 19  19  19  ARG ARG A . n 
A 1 20  ALA 20  20  20  ALA ALA A . n 
A 1 21  GLN 21  21  21  GLN GLN A . n 
A 1 22  ASP 22  22  22  ASP ASP A . n 
A 1 23  TYR 23  23  23  TYR TYR A . n 
A 1 24  ILE 24  24  24  ILE ILE A . n 
A 1 25  GLY 25  25  25  GLY GLY A . n 
A 1 26  SER 26  26  26  SER SER A . n 
A 1 27  LYS 27  27  27  LYS LYS A . n 
A 1 28  GLU 28  28  28  GLU GLU A . n 
A 1 29  ALA 29  29  29  ALA ALA A . n 
A 1 30  LYS 30  30  30  LYS LYS A . n 
A 1 31  ILE 31  31  31  ILE ILE A . n 
A 1 32  LYS 32  32  32  LYS LYS A . n 
A 1 33  PHE 33  33  33  PHE PHE A . n 
A 1 34  VAL 34  34  34  VAL VAL A . n 
A 1 35  GLU 35  35  35  GLU GLU A . n 
A 1 36  ARG 36  36  36  ARG ARG A . n 
A 1 37  GLU 37  37  37  GLU GLU A . n 
A 1 38  ASN 38  38  38  ASN ASN A . n 
A 1 39  LEU 39  39  39  LEU LEU A . n 
A 1 40  HIS 40  40  40  HIS HIS A . n 
A 1 41  ILE 41  41  41  ILE ILE A . n 
A 1 42  THR 42  42  42  THR THR A . n 
A 1 43  LEU 43  43  43  LEU LEU A . n 
A 1 44  LYS 44  44  44  LYS LYS A . n 
A 1 45  PHE 45  45  45  PHE PHE A . n 
A 1 46  LEU 46  46  46  LEU LEU A . n 
A 1 47  GLY 47  47  47  GLY GLY A . n 
A 1 48  GLU 48  48  48  GLU GLU A . n 
A 1 49  ILE 49  49  49  ILE ILE A . n 
A 1 50  THR 50  50  50  THR THR A . n 
A 1 51  GLU 51  51  51  GLU GLU A . n 
A 1 52  GLU 52  52  52  GLU GLU A . n 
A 1 53  GLN 53  53  53  GLN GLN A . n 
A 1 54  ALA 54  54  54  ALA ALA A . n 
A 1 55  GLU 55  55  55  GLU GLU A . n 
A 1 56  GLU 56  56  56  GLU GLU A . n 
A 1 57  ILE 57  57  57  ILE ILE A . n 
A 1 58  LYS 58  58  58  LYS LYS A . n 
A 1 59  ASN 59  59  59  ASN ASN A . n 
A 1 60  ILE 60  60  60  ILE ILE A . n 
A 1 61  LEU 61  61  61  LEU LEU A . n 
A 1 62  LYS 62  62  62  LYS LYS A . n 
A 1 63  LYS 63  63  63  LYS LYS A . n 
A 1 64  ILE 64  64  64  ILE ILE A . n 
A 1 65  ALA 65  65  65  ALA ALA A . n 
A 1 66  GLU 66  66  66  GLU GLU A . n 
A 1 67  LYS 67  67  67  LYS LYS A . n 
A 1 68  TYR 68  68  68  TYR TYR A . n 
A 1 69  LYS 69  69  69  LYS LYS A . n 
A 1 70  LYS 70  70  70  LYS LYS A . n 
A 1 71  HIS 71  71  71  HIS HIS A . n 
A 1 72  GLU 72  72  72  GLU GLU A . n 
A 1 73  VAL 73  73  73  VAL VAL A . n 
A 1 74  LYS 74  74  74  LYS LYS A . n 
A 1 75  VAL 75  75  75  VAL VAL A . n 
A 1 76  LYS 76  76  76  LYS LYS A . n 
A 1 77  GLY 77  77  77  GLY GLY A . n 
A 1 78  ILE 78  78  78  ILE ILE A . n 
A 1 79  GLY 79  79  79  GLY GLY A . n 
A 1 80  VAL 80  80  80  VAL VAL A . n 
A 1 81  PHE 81  81  81  PHE PHE A . n 
A 1 82  PRO 82  82  82  PRO PRO A . n 
A 1 83  ASN 83  83  83  ASN ASN A . n 
A 1 84  PRO 84  84  84  PRO PRO A . n 
A 1 85  ASN 85  85  85  ASN ASN A . n 
A 1 86  TYR 86  86  86  TYR TYR A . n 
A 1 87  ILE 87  87  87  ILE ILE A . n 
A 1 88  ARG 88  88  88  ARG ARG A . n 
A 1 89  VAL 89  89  89  VAL VAL A . n 
A 1 90  ILE 90  90  90  ILE ILE A . n 
A 1 91  TRP 91  91  91  TRP TRP A . n 
A 1 92  ALA 92  92  92  ALA ALA A . n 
A 1 93  GLY 93  93  93  GLY GLY A . n 
A 1 94  ILE 94  94  94  ILE ILE A . n 
A 1 95  GLU 95  95  95  GLU GLU A . n 
A 1 96  ASN 96  96  96  ASN ASN A . n 
A 1 97  ASP 97  97  97  ASP ASP A . n 
A 1 98  GLU 98  98  98  GLU GLU A . n 
A 1 99  ILE 99  99  99  ILE ILE A . n 
A 1 100 ILE 100 100 100 ILE ILE A . n 
A 1 101 ARG 101 101 101 ARG ARG A . n 
A 1 102 GLU 102 102 102 GLU GLU A . n 
A 1 103 MSE 103 103 103 MSE MSE A . n 
A 1 104 ALA 104 104 104 ALA ALA A . n 
A 1 105 ARG 105 105 105 ARG ARG A . n 
A 1 106 GLU 106 106 106 GLU GLU A . n 
A 1 107 ILE 107 107 107 ILE ILE A . n 
A 1 108 GLU 108 108 108 GLU GLU A . n 
A 1 109 ASP 109 109 109 ASP ASP A . n 
A 1 110 GLU 110 110 110 GLU GLU A . n 
A 1 111 LEU 111 111 111 LEU LEU A . n 
A 1 112 ALA 112 112 112 ALA ALA A . n 
A 1 113 LYS 113 113 113 LYS LYS A . n 
A 1 114 LEU 114 114 114 LEU LEU A . n 
A 1 115 GLY 115 115 115 GLY GLY A . n 
A 1 116 PHE 116 116 116 PHE PHE A . n 
A 1 117 LYS 117 117 117 LYS LYS A . n 
A 1 118 LYS 118 118 118 LYS LYS A . n 
A 1 119 GLU 119 119 119 GLU GLU A . n 
A 1 120 GLY 120 120 120 GLY GLY A . n 
A 1 121 ASN 121 121 121 ASN ASN A . n 
A 1 122 PHE 122 122 122 PHE PHE A . n 
A 1 123 VAL 123 123 123 VAL VAL A . n 
A 1 124 ALA 124 124 124 ALA ALA A . n 
A 1 125 HIS 125 125 125 HIS HIS A . n 
A 1 126 ILE 126 126 126 ILE ILE A . n 
A 1 127 THR 127 127 127 THR THR A . n 
A 1 128 LEU 128 128 128 LEU LEU A . n 
A 1 129 GLY 129 129 129 GLY GLY A . n 
A 1 130 ARG 130 130 130 ARG ARG A . n 
A 1 131 VAL 131 131 131 VAL VAL A . n 
A 1 132 LYS 132 132 132 LYS LYS A . n 
A 1 133 PHE 133 133 133 PHE PHE A . n 
A 1 134 VAL 134 134 134 VAL VAL A . n 
A 1 135 LYS 135 135 135 LYS LYS A . n 
A 1 136 ASP 136 136 136 ASP ASP A . n 
A 1 137 LYS 137 137 137 LYS LYS A . n 
A 1 138 LEU 138 138 138 LEU LEU A . n 
A 1 139 GLY 139 139 139 GLY GLY A . n 
A 1 140 LEU 140 140 140 LEU LEU A . n 
A 1 141 THR 141 141 141 THR THR A . n 
A 1 142 MSE 142 142 142 MSE MSE A . n 
A 1 143 LYS 143 143 143 LYS LYS A . n 
A 1 144 LEU 144 144 144 LEU LEU A . n 
A 1 145 LYS 145 145 145 LYS LYS A . n 
A 1 146 GLU 146 146 146 GLU GLU A . n 
A 1 147 LEU 147 147 147 LEU LEU A . n 
A 1 148 ALA 148 148 148 ALA ALA A . n 
A 1 149 ASN 149 149 149 ASN ASN A . n 
A 1 150 GLU 150 150 150 GLU GLU A . n 
A 1 151 ASP 151 151 151 ASP ASP A . n 
A 1 152 PHE 152 152 152 PHE PHE A . n 
A 1 153 GLY 153 153 153 GLY GLY A . n 
A 1 154 SER 154 154 154 SER SER A . n 
A 1 155 PHE 155 155 155 PHE PHE A . n 
A 1 156 VAL 156 156 156 VAL VAL A . n 
A 1 157 VAL 157 157 157 VAL VAL A . n 
A 1 158 ASP 158 158 158 ASP ASP A . n 
A 1 159 ALA 159 159 159 ALA ALA A . n 
A 1 160 ILE 160 160 160 ILE ILE A . n 
A 1 161 GLU 161 161 161 GLU GLU A . n 
A 1 162 LEU 162 162 162 LEU LEU A . n 
A 1 163 LYS 163 163 163 LYS LYS A . n 
A 1 164 LYS 164 164 164 LYS LYS A . n 
A 1 165 SER 165 165 165 SER SER A . n 
A 1 166 THR 166 166 166 THR THR A . n 
A 1 167 LEU 167 167 167 LEU LEU A . n 
A 1 168 THR 168 168 168 THR THR A . n 
A 1 169 PRO 169 169 169 PRO PRO A . n 
A 1 170 LYS 170 170 170 LYS LYS A . n 
A 1 171 GLY 171 171 171 GLY GLY A . n 
A 1 172 PRO 172 172 172 PRO PRO A . n 
A 1 173 ILE 173 173 173 ILE ILE A . n 
A 1 174 TYR 174 174 174 TYR TYR A . n 
A 1 175 GLU 175 175 175 GLU GLU A . n 
A 1 176 THR 176 176 176 THR THR A . n 
A 1 177 LEU 177 177 177 LEU LEU A . n 
A 1 178 ALA 178 178 178 ALA ALA A . n 
A 1 179 ARG 179 179 179 ARG ARG A . n 
A 1 180 PHE 180 180 180 PHE PHE A . n 
A 1 181 GLU 181 181 181 GLU GLU A . n 
A 1 182 LEU 182 182 182 LEU LEU A . n 
A 1 183 SER 183 183 183 SER SER A . n 
A 1 184 GLU 184 184 184 GLU GLU A . n 
# 
loop_
_pdbx_nonpoly_scheme.asym_id 
_pdbx_nonpoly_scheme.entity_id 
_pdbx_nonpoly_scheme.mon_id 
_pdbx_nonpoly_scheme.ndb_seq_num 
_pdbx_nonpoly_scheme.pdb_seq_num 
_pdbx_nonpoly_scheme.auth_seq_num 
_pdbx_nonpoly_scheme.pdb_mon_id 
_pdbx_nonpoly_scheme.auth_mon_id 
_pdbx_nonpoly_scheme.pdb_strand_id 
_pdbx_nonpoly_scheme.pdb_ins_code 
B 2 HOH 1  201 201 HOH HOH A . 
B 2 HOH 2  202 202 HOH HOH A . 
B 2 HOH 3  203 203 HOH HOH A . 
B 2 HOH 4  204 204 HOH HOH A . 
B 2 HOH 5  205 205 HOH HOH A . 
B 2 HOH 6  206 206 HOH HOH A . 
B 2 HOH 7  207 207 HOH HOH A . 
B 2 HOH 8  208 208 HOH HOH A . 
B 2 HOH 9  209 209 HOH HOH A . 
B 2 HOH 10 210 210 HOH HOH A . 
B 2 HOH 11 211 211 HOH HOH A . 
B 2 HOH 12 212 212 HOH HOH A . 
B 2 HOH 13 213 213 HOH HOH A . 
B 2 HOH 14 214 214 HOH HOH A . 
B 2 HOH 15 215 215 HOH HOH A . 
B 2 HOH 16 216 216 HOH HOH A . 
B 2 HOH 17 217 217 HOH HOH A . 
B 2 HOH 18 218 218 HOH HOH A . 
B 2 HOH 19 219 219 HOH HOH A . 
B 2 HOH 20 220 220 HOH HOH A . 
B 2 HOH 21 221 221 HOH HOH A . 
B 2 HOH 22 222 222 HOH HOH A . 
B 2 HOH 23 223 223 HOH HOH A . 
B 2 HOH 24 224 224 HOH HOH A . 
B 2 HOH 25 225 225 HOH HOH A . 
B 2 HOH 26 226 226 HOH HOH A . 
B 2 HOH 27 227 227 HOH HOH A . 
B 2 HOH 28 228 228 HOH HOH A . 
B 2 HOH 29 229 229 HOH HOH A . 
B 2 HOH 30 230 230 HOH HOH A . 
B 2 HOH 31 231 231 HOH HOH A . 
B 2 HOH 32 232 232 HOH HOH A . 
B 2 HOH 33 233 233 HOH HOH A . 
B 2 HOH 34 234 234 HOH HOH A . 
B 2 HOH 35 235 235 HOH HOH A . 
B 2 HOH 36 236 236 HOH HOH A . 
B 2 HOH 37 237 237 HOH HOH A . 
B 2 HOH 38 238 238 HOH HOH A . 
B 2 HOH 39 239 239 HOH HOH A . 
B 2 HOH 40 240 240 HOH HOH A . 
B 2 HOH 41 241 241 HOH HOH A . 
# 
loop_
_software.name 
_software.classification 
_software.version 
_software.citation_id 
_software.pdbx_ordinal 
REFMAC    refinement       5.1.19 ? 1 
DENZO     'data reduction' .      ? 2 
SCALEPACK 'data scaling'   .      ? 3 
AMoRE     phasing          .      ? 4 
# 
_cell.entry_id           1VGJ 
_cell.length_a           41.5 
_cell.length_b           45.7 
_cell.length_c           97.6 
_cell.angle_alpha        90.00 
_cell.angle_beta         90.00 
_cell.angle_gamma        90.00 
_cell.Z_PDB              4 
_cell.pdbx_unique_axis   ? 
_cell.length_a_esd       ? 
_cell.length_b_esd       ? 
_cell.length_c_esd       ? 
_cell.angle_alpha_esd    ? 
_cell.angle_beta_esd     ? 
_cell.angle_gamma_esd    ? 
# 
_symmetry.entry_id                         1VGJ 
_symmetry.space_group_name_H-M             'P 21 21 21' 
_symmetry.pdbx_full_space_group_name_H-M   ? 
_symmetry.cell_setting                     ? 
_symmetry.Int_Tables_number                19 
_symmetry.space_group_name_Hall            ? 
# 
_exptl.entry_id          1VGJ 
_exptl.method            'X-RAY DIFFRACTION' 
_exptl.crystals_number   1 
# 
_exptl_crystal.id                    1 
_exptl_crystal.density_meas          ? 
_exptl_crystal.density_Matthews      2.19 
_exptl_crystal.density_percent_sol   43.5 
_exptl_crystal.description           ? 
_exptl_crystal.F_000                 ? 
_exptl_crystal.preparation           ? 
# 
_exptl_crystal_grow.crystal_id      1 
_exptl_crystal_grow.method          'VAPOR DIFFUSION, HANGING DROP' 
_exptl_crystal_grow.temp            293 
_exptl_crystal_grow.temp_details    ? 
_exptl_crystal_grow.pH              4.6 
_exptl_crystal_grow.pdbx_details    
'Ammonium acetate, Sodium acetate, PEG4000, pH 4.6, VAPOR DIFFUSION, HANGING DROP, temperature 293K' 
_exptl_crystal_grow.pdbx_pH_range   . 
# 
_diffrn.id                     1 
_diffrn.ambient_temp           100 
_diffrn.ambient_temp_details   ? 
_diffrn.crystal_id             1 
# 
_diffrn_detector.diffrn_id              1 
_diffrn_detector.detector               CCD 
_diffrn_detector.type                   ADSC 
_diffrn_detector.pdbx_collection_date   2004-03-23 
_diffrn_detector.details                ? 
# 
_diffrn_radiation.diffrn_id                        1 
_diffrn_radiation.wavelength_id                    1 
_diffrn_radiation.pdbx_monochromatic_or_laue_m_l   M 
_diffrn_radiation.monochromator                    ? 
_diffrn_radiation.pdbx_diffrn_protocol             'SINGLE WAVELENGTH' 
_diffrn_radiation.pdbx_scattering_type             x-ray 
# 
_diffrn_radiation_wavelength.id           1 
_diffrn_radiation_wavelength.wavelength   0.97950 
_diffrn_radiation_wavelength.wt           1.0 
# 
_diffrn_source.diffrn_id                   1 
_diffrn_source.source                      SYNCHROTRON 
_diffrn_source.type                        'SPRING-8 BEAMLINE BL44B2' 
_diffrn_source.pdbx_synchrotron_site       SPring-8 
_diffrn_source.pdbx_synchrotron_beamline   BL44B2 
_diffrn_source.pdbx_wavelength             ? 
_diffrn_source.pdbx_wavelength_list        0.97950 
# 
_reflns.entry_id                     1VGJ 
_reflns.observed_criterion_sigma_F   ? 
_reflns.observed_criterion_sigma_I   -3.0 
_reflns.d_resolution_high            1.94 
_reflns.d_resolution_low             50 
_reflns.number_all                   14330 
_reflns.number_obs                   14330 
_reflns.percent_possible_obs         99.9 
_reflns.pdbx_Rmerge_I_obs            0.047 
_reflns.pdbx_Rsym_value              0.047 
_reflns.pdbx_netI_over_sigmaI        16.5 
_reflns.B_iso_Wilson_estimate        50.2 
_reflns.pdbx_redundancy              7.0 
_reflns.R_free_details               ? 
_reflns.limit_h_max                  ? 
_reflns.limit_h_min                  ? 
_reflns.limit_k_max                  ? 
_reflns.limit_k_min                  ? 
_reflns.limit_l_max                  ? 
_reflns.limit_l_min                  ? 
_reflns.observed_criterion_F_max     ? 
_reflns.observed_criterion_F_min     ? 
_reflns.pdbx_chi_squared             ? 
_reflns.pdbx_scaling_rejects         ? 
_reflns.pdbx_diffrn_id               1 
_reflns.pdbx_ordinal                 1 
# 
_reflns_shell.d_res_high             1.94 
_reflns_shell.d_res_low              2.01 
_reflns_shell.percent_possible_all   99.6 
_reflns_shell.Rmerge_I_obs           0.384 
_reflns_shell.pdbx_Rsym_value        0.384 
_reflns_shell.meanI_over_sigI_obs    ? 
_reflns_shell.pdbx_redundancy        6.6 
_reflns_shell.percent_possible_obs   ? 
_reflns_shell.number_unique_all      1394 
_reflns_shell.number_measured_all    ? 
_reflns_shell.number_measured_obs    ? 
_reflns_shell.number_unique_obs      ? 
_reflns_shell.pdbx_chi_squared       ? 
_reflns_shell.pdbx_diffrn_id         ? 
_reflns_shell.pdbx_ordinal           1 
# 
_refine.entry_id                                 1VGJ 
_refine.ls_number_reflns_obs                     12780 
_refine.ls_number_reflns_all                     14194 
_refine.pdbx_ls_sigma_I                          ? 
_refine.pdbx_ls_sigma_F                          0.0 
_refine.pdbx_data_cutoff_high_absF               ? 
_refine.pdbx_data_cutoff_low_absF                ? 
_refine.pdbx_data_cutoff_high_rms_absF           ? 
_refine.ls_d_res_low                             10.00 
_refine.ls_d_res_high                            1.94 
_refine.ls_percent_reflns_obs                    100.00 
_refine.ls_R_factor_obs                          0.21584 
_refine.ls_R_factor_all                          ? 
_refine.ls_R_factor_R_work                       0.21047 
_refine.ls_R_factor_R_free                       0.26487 
_refine.ls_R_factor_R_free_error                 ? 
_refine.ls_R_factor_R_free_error_details         ? 
_refine.ls_percent_reflns_R_free                 10.0 
_refine.ls_number_reflns_R_free                  1414 
_refine.ls_number_parameters                     ? 
_refine.ls_number_restraints                     ? 
_refine.occupancy_min                            ? 
_refine.occupancy_max                            ? 
_refine.correlation_coeff_Fo_to_Fc               0.942 
_refine.correlation_coeff_Fo_to_Fc_free          0.915 
_refine.B_iso_mean                               33.802 
_refine.aniso_B[1][1]                            1.29 
_refine.aniso_B[2][2]                            -0.99 
_refine.aniso_B[3][3]                            -0.30 
_refine.aniso_B[1][2]                            0.00 
_refine.aniso_B[1][3]                            0.00 
_refine.aniso_B[2][3]                            0.00 
_refine.solvent_model_details                    'BABINET MODEL WITH MASK' 
_refine.solvent_model_param_ksol                 ? 
_refine.solvent_model_param_bsol                 ? 
_refine.pdbx_solvent_vdw_probe_radii             1.40 
_refine.pdbx_solvent_ion_probe_radii             0.80 
_refine.pdbx_solvent_shrinkage_radii             0.80 
_refine.pdbx_ls_cross_valid_method               THROUGHOUT 
_refine.details                                  'CNS also was used for the refinement' 
_refine.pdbx_starting_model                      'PDB entry 1iuh' 
_refine.pdbx_method_to_determine_struct          'MOLECULAR REPLACEMENT' 
_refine.pdbx_isotropic_thermal_model             ? 
_refine.pdbx_stereochemistry_target_values       'Engh & Huber' 
_refine.pdbx_stereochem_target_val_spec_case     ? 
_refine.pdbx_R_Free_selection_details            RANDOM 
_refine.pdbx_overall_ESU_R                       0.203 
_refine.pdbx_overall_ESU_R_Free                  0.184 
_refine.overall_SU_ML                            0.120 
_refine.overall_SU_B                             4.068 
_refine.ls_redundancy_reflns_obs                 ? 
_refine.B_iso_min                                ? 
_refine.B_iso_max                                ? 
_refine.overall_SU_R_Cruickshank_DPI             ? 
_refine.overall_SU_R_free                        ? 
_refine.ls_wR_factor_R_free                      ? 
_refine.ls_wR_factor_R_work                      ? 
_refine.overall_FOM_free_R_set                   ? 
_refine.overall_FOM_work_R_set                   ? 
_refine.pdbx_refine_id                           'X-RAY DIFFRACTION' 
_refine.pdbx_diffrn_id                           1 
_refine.pdbx_TLS_residual_ADP_flag               ? 
_refine.pdbx_overall_phase_error                 ? 
_refine.pdbx_overall_SU_R_free_Cruickshank_DPI   ? 
_refine.pdbx_overall_SU_R_Blow_DPI               ? 
_refine.pdbx_overall_SU_R_free_Blow_DPI          ? 
# 
_refine_hist.pdbx_refine_id                   'X-RAY DIFFRACTION' 
_refine_hist.cycle_id                         LAST 
_refine_hist.pdbx_number_atoms_protein        1488 
_refine_hist.pdbx_number_atoms_nucleic_acid   0 
_refine_hist.pdbx_number_atoms_ligand         0 
_refine_hist.number_atoms_solvent             41 
_refine_hist.number_atoms_total               1529 
_refine_hist.d_res_high                       1.94 
_refine_hist.d_res_low                        10.00 
# 
loop_
_refine_ls_restr.type 
_refine_ls_restr.dev_ideal 
_refine_ls_restr.dev_ideal_target 
_refine_ls_restr.weight 
_refine_ls_restr.number 
_refine_ls_restr.pdbx_refine_id 
_refine_ls_restr.pdbx_restraint_function 
r_bond_refined_d         0.027 0.022 ? 1510 'X-RAY DIFFRACTION' ? 
r_angle_refined_deg      1.966 1.976 ? 2022 'X-RAY DIFFRACTION' ? 
r_dihedral_angle_1_deg   5.898 5.000 ? 183  'X-RAY DIFFRACTION' ? 
r_chiral_restr           0.156 0.200 ? 228  'X-RAY DIFFRACTION' ? 
r_gen_planes_refined     0.010 0.020 ? 1095 'X-RAY DIFFRACTION' ? 
r_nbd_refined            0.237 0.200 ? 625  'X-RAY DIFFRACTION' ? 
r_xyhbond_nbd_refined    0.212 0.200 ? 54   'X-RAY DIFFRACTION' ? 
r_symmetry_vdw_refined   0.245 0.200 ? 45   'X-RAY DIFFRACTION' ? 
r_symmetry_hbond_refined 0.143 0.200 ? 5    'X-RAY DIFFRACTION' ? 
r_mcbond_it              1.602 1.500 ? 913  'X-RAY DIFFRACTION' ? 
r_mcangle_it             2.848 2.000 ? 1475 'X-RAY DIFFRACTION' ? 
r_scbond_it              4.291 3.000 ? 597  'X-RAY DIFFRACTION' ? 
r_scangle_it             7.231 4.500 ? 547  'X-RAY DIFFRACTION' ? 
# 
_refine_ls_shell.pdbx_total_number_of_bins_used   20 
_refine_ls_shell.d_res_high                       1.940 
_refine_ls_shell.d_res_low                        1.988 
_refine_ls_shell.number_reflns_R_work             891 
_refine_ls_shell.R_factor_R_work                  0.219 
_refine_ls_shell.percent_reflns_obs               ? 
_refine_ls_shell.R_factor_R_free                  0.289 
_refine_ls_shell.R_factor_R_free_error            ? 
_refine_ls_shell.percent_reflns_R_free            ? 
_refine_ls_shell.number_reflns_R_free             112 
_refine_ls_shell.number_reflns_obs                1003 
_refine_ls_shell.redundancy_reflns_obs            ? 
_refine_ls_shell.number_reflns_all                ? 
_refine_ls_shell.R_factor_all                     ? 
_refine_ls_shell.pdbx_refine_id                   'X-RAY DIFFRACTION' 
# 
_struct.entry_id                  1VGJ 
_struct.title                     
;Crystal structure of 2'-5' RNA ligase from Pyrococcus horikoshii
;
_struct.pdbx_model_details        ? 
_struct.pdbx_CASP_flag            ? 
_struct.pdbx_model_type_details   ? 
# 
_struct_keywords.entry_id        1VGJ 
_struct_keywords.pdbx_keywords   LIGASE 
_struct_keywords.text            'Alpha+Beta, LigT-like, STRUCTURAL GENOMICS, LIGASE' 
# 
loop_
_struct_asym.id 
_struct_asym.pdbx_blank_PDB_chainid_flag 
_struct_asym.pdbx_modified 
_struct_asym.entity_id 
_struct_asym.details 
A N N 1 ? 
B N N 2 ? 
# 
_struct_ref.id                         1 
_struct_ref.db_name                    UNP 
_struct_ref.db_code                    Y099_PYRHO 
_struct_ref.pdbx_db_accession          O57823 
_struct_ref.entity_id                  1 
_struct_ref.pdbx_seq_one_letter_code   
;MRAFIAIDVNESVRDSLVRAQDYIGSKEAKIKFVERENLHITLKFLGEITEEQAEEIKNILKKIAEKYKKHEVKVKGIGV
FPNPNYIRVIWAGIENDEIIREMAREIEDELAKLGFKKEGNFVAHITLGRVKFVKDKLGLTMKLKELANEDFGSFVVDAI
ELKKSTLTPKGPIYETLARFELSE
;
_struct_ref.pdbx_align_begin           1 
_struct_ref.pdbx_db_isoform            ? 
# 
_struct_ref_seq.align_id                      1 
_struct_ref_seq.ref_id                        1 
_struct_ref_seq.pdbx_PDB_id_code              1VGJ 
_struct_ref_seq.pdbx_strand_id                A 
_struct_ref_seq.seq_align_beg                 1 
_struct_ref_seq.pdbx_seq_align_beg_ins_code   ? 
_struct_ref_seq.seq_align_end                 184 
_struct_ref_seq.pdbx_seq_align_end_ins_code   ? 
_struct_ref_seq.pdbx_db_accession             O57823 
_struct_ref_seq.db_align_beg                  1 
_struct_ref_seq.pdbx_db_align_beg_ins_code    ? 
_struct_ref_seq.db_align_end                  184 
_struct_ref_seq.pdbx_db_align_end_ins_code    ? 
_struct_ref_seq.pdbx_auth_seq_align_beg       1 
_struct_ref_seq.pdbx_auth_seq_align_end       184 
# 
loop_
_struct_ref_seq_dif.align_id 
_struct_ref_seq_dif.pdbx_pdb_id_code 
_struct_ref_seq_dif.mon_id 
_struct_ref_seq_dif.pdbx_pdb_strand_id 
_struct_ref_seq_dif.seq_num 
_struct_ref_seq_dif.pdbx_pdb_ins_code 
_struct_ref_seq_dif.pdbx_seq_db_name 
_struct_ref_seq_dif.pdbx_seq_db_accession_code 
_struct_ref_seq_dif.db_mon_id 
_struct_ref_seq_dif.pdbx_seq_db_seq_num 
_struct_ref_seq_dif.details 
_struct_ref_seq_dif.pdbx_auth_seq_num 
_struct_ref_seq_dif.pdbx_ordinal 
1 1VGJ MSE A 1   ? UNP O57823 MET 1   'modified residue' 1   1 
1 1VGJ MSE A 103 ? UNP O57823 MET 103 'modified residue' 103 2 
1 1VGJ MSE A 142 ? UNP O57823 MET 142 'modified residue' 142 3 
# 
_pdbx_struct_assembly.id                   1 
_pdbx_struct_assembly.details              author_defined_assembly 
_pdbx_struct_assembly.method_details       ? 
_pdbx_struct_assembly.oligomeric_details   monomeric 
_pdbx_struct_assembly.oligomeric_count     1 
# 
_pdbx_struct_assembly_gen.assembly_id       1 
_pdbx_struct_assembly_gen.oper_expression   1 
_pdbx_struct_assembly_gen.asym_id_list      A,B 
# 
_pdbx_struct_oper_list.id                   1 
_pdbx_struct_oper_list.type                 'identity operation' 
_pdbx_struct_oper_list.name                 1_555 
_pdbx_struct_oper_list.symmetry_operation   x,y,z 
_pdbx_struct_oper_list.matrix[1][1]         1.0000000000 
_pdbx_struct_oper_list.matrix[1][2]         0.0000000000 
_pdbx_struct_oper_list.matrix[1][3]         0.0000000000 
_pdbx_struct_oper_list.vector[1]            0.0000000000 
_pdbx_struct_oper_list.matrix[2][1]         0.0000000000 
_pdbx_struct_oper_list.matrix[2][2]         1.0000000000 
_pdbx_struct_oper_list.matrix[2][3]         0.0000000000 
_pdbx_struct_oper_list.vector[2]            0.0000000000 
_pdbx_struct_oper_list.matrix[3][1]         0.0000000000 
_pdbx_struct_oper_list.matrix[3][2]         0.0000000000 
_pdbx_struct_oper_list.matrix[3][3]         1.0000000000 
_pdbx_struct_oper_list.vector[3]            0.0000000000 
# 
_struct_biol.id                    1 
_struct_biol.details               'Biological unit is a monomer in the asymmetric unit.' 
_struct_biol.pdbx_parent_biol_id   ? 
# 
loop_
_struct_conf.conf_type_id 
_struct_conf.id 
_struct_conf.pdbx_PDB_helix_id 
_struct_conf.beg_label_comp_id 
_struct_conf.beg_label_asym_id 
_struct_conf.beg_label_seq_id 
_struct_conf.pdbx_beg_PDB_ins_code 
_struct_conf.end_label_comp_id 
_struct_conf.end_label_asym_id 
_struct_conf.end_label_seq_id 
_struct_conf.pdbx_end_PDB_ins_code 
_struct_conf.beg_auth_comp_id 
_struct_conf.beg_auth_asym_id 
_struct_conf.beg_auth_seq_id 
_struct_conf.end_auth_comp_id 
_struct_conf.end_auth_asym_id 
_struct_conf.end_auth_seq_id 
_struct_conf.pdbx_PDB_helix_class 
_struct_conf.details 
_struct_conf.pdbx_PDB_helix_length 
HELX_P HELX_P1 1 ASN A 10  ? GLY A 25  ? ASN A 10  GLY A 25  1 ? 16 
HELX_P HELX_P2 2 GLU A 35  ? ASN A 38  ? GLU A 35  ASN A 38  5 ? 4  
HELX_P HELX_P3 3 THR A 50  ? GLU A 66  ? THR A 50  GLU A 66  1 ? 17 
HELX_P HELX_P4 4 ASP A 97  ? LYS A 113 ? ASP A 97  LYS A 113 1 ? 17 
HELX_P HELX_P5 5 ASP A 136 ? LEU A 147 ? ASP A 136 LEU A 147 1 ? 12 
# 
_struct_conf_type.id          HELX_P 
_struct_conf_type.criteria    ? 
_struct_conf_type.reference   ? 
# 
loop_
_struct_conn.id 
_struct_conn.conn_type_id 
_struct_conn.pdbx_leaving_atom_flag 
_struct_conn.pdbx_PDB_id 
_struct_conn.ptnr1_label_asym_id 
_struct_conn.ptnr1_label_comp_id 
_struct_conn.ptnr1_label_seq_id 
_struct_conn.ptnr1_label_atom_id 
_struct_conn.pdbx_ptnr1_label_alt_id 
_struct_conn.pdbx_ptnr1_PDB_ins_code 
_struct_conn.pdbx_ptnr1_standard_comp_id 
_struct_conn.ptnr1_symmetry 
_struct_conn.ptnr2_label_asym_id 
_struct_conn.ptnr2_label_comp_id 
_struct_conn.ptnr2_label_seq_id 
_struct_conn.ptnr2_label_atom_id 
_struct_conn.pdbx_ptnr2_label_alt_id 
_struct_conn.pdbx_ptnr2_PDB_ins_code 
_struct_conn.ptnr1_auth_asym_id 
_struct_conn.ptnr1_auth_comp_id 
_struct_conn.ptnr1_auth_seq_id 
_struct_conn.ptnr2_auth_asym_id 
_struct_conn.ptnr2_auth_comp_id 
_struct_conn.ptnr2_auth_seq_id 
_struct_conn.ptnr2_symmetry 
_struct_conn.pdbx_ptnr3_label_atom_id 
_struct_conn.pdbx_ptnr3_label_seq_id 
_struct_conn.pdbx_ptnr3_label_comp_id 
_struct_conn.pdbx_ptnr3_label_asym_id 
_struct_conn.pdbx_ptnr3_label_alt_id 
_struct_conn.pdbx_ptnr3_PDB_ins_code 
_struct_conn.details 
_struct_conn.pdbx_dist_value 
_struct_conn.pdbx_value_order 
_struct_conn.pdbx_role 
covale1 covale both ? A MSE 1   C ? ? ? 1_555 A ARG 2   N ? ? A MSE 1   A ARG 2   1_555 ? ? ? ? ? ? ? 1.341 ? ? 
covale2 covale both ? A GLU 102 C ? ? ? 1_555 A MSE 103 N ? ? A GLU 102 A MSE 103 1_555 ? ? ? ? ? ? ? 1.354 ? ? 
covale3 covale both ? A MSE 103 C ? ? ? 1_555 A ALA 104 N ? ? A MSE 103 A ALA 104 1_555 ? ? ? ? ? ? ? 1.330 ? ? 
covale4 covale both ? A THR 141 C ? ? ? 1_555 A MSE 142 N ? ? A THR 141 A MSE 142 1_555 ? ? ? ? ? ? ? 1.326 ? ? 
covale5 covale both ? A MSE 142 C ? ? ? 1_555 A LYS 143 N ? ? A MSE 142 A LYS 143 1_555 ? ? ? ? ? ? ? 1.327 ? ? 
# 
_struct_conn_type.id          covale 
_struct_conn_type.criteria    ? 
_struct_conn_type.reference   ? 
# 
loop_
_pdbx_modification_feature.ordinal 
_pdbx_modification_feature.label_comp_id 
_pdbx_modification_feature.label_asym_id 
_pdbx_modification_feature.label_seq_id 
_pdbx_modification_feature.label_alt_id 
_pdbx_modification_feature.modified_residue_label_comp_id 
_pdbx_modification_feature.modified_residue_label_asym_id 
_pdbx_modification_feature.modified_residue_label_seq_id 
_pdbx_modification_feature.modified_residue_label_alt_id 
_pdbx_modification_feature.auth_comp_id 
_pdbx_modification_feature.auth_asym_id 
_pdbx_modification_feature.auth_seq_id 
_pdbx_modification_feature.PDB_ins_code 
_pdbx_modification_feature.symmetry 
_pdbx_modification_feature.modified_residue_auth_comp_id 
_pdbx_modification_feature.modified_residue_auth_asym_id 
_pdbx_modification_feature.modified_residue_auth_seq_id 
_pdbx_modification_feature.modified_residue_PDB_ins_code 
_pdbx_modification_feature.modified_residue_symmetry 
_pdbx_modification_feature.comp_id_linking_atom 
_pdbx_modification_feature.modified_residue_id_linking_atom 
_pdbx_modification_feature.modified_residue_id 
_pdbx_modification_feature.ref_pcm_id 
_pdbx_modification_feature.ref_comp_id 
_pdbx_modification_feature.type 
_pdbx_modification_feature.category 
1 MSE A 1   ? . . . . MSE A 1   ? 1_555 . . . . . . . MET 1 MSE Selenomethionine 'Named protein modification' 
2 MSE A 103 ? . . . . MSE A 103 ? 1_555 . . . . . . . MET 1 MSE Selenomethionine 'Named protein modification' 
3 MSE A 142 ? . . . . MSE A 142 ? 1_555 . . . . . . . MET 1 MSE Selenomethionine 'Named protein modification' 
# 
_struct_mon_prot_cis.pdbx_id                1 
_struct_mon_prot_cis.label_comp_id          PHE 
_struct_mon_prot_cis.label_seq_id           81 
_struct_mon_prot_cis.label_asym_id          A 
_struct_mon_prot_cis.label_alt_id           . 
_struct_mon_prot_cis.pdbx_PDB_ins_code      ? 
_struct_mon_prot_cis.auth_comp_id           PHE 
_struct_mon_prot_cis.auth_seq_id            81 
_struct_mon_prot_cis.auth_asym_id           A 
_struct_mon_prot_cis.pdbx_label_comp_id_2   PRO 
_struct_mon_prot_cis.pdbx_label_seq_id_2    82 
_struct_mon_prot_cis.pdbx_label_asym_id_2   A 
_struct_mon_prot_cis.pdbx_PDB_ins_code_2    ? 
_struct_mon_prot_cis.pdbx_auth_comp_id_2    PRO 
_struct_mon_prot_cis.pdbx_auth_seq_id_2     82 
_struct_mon_prot_cis.pdbx_auth_asym_id_2    A 
_struct_mon_prot_cis.pdbx_PDB_model_num     1 
_struct_mon_prot_cis.pdbx_omega_angle       -1.44 
# 
loop_
_struct_sheet.id 
_struct_sheet.type 
_struct_sheet.number_strands 
_struct_sheet.details 
A ? 4 ? 
B ? 5 ? 
# 
loop_
_struct_sheet_order.sheet_id 
_struct_sheet_order.range_id_1 
_struct_sheet_order.range_id_2 
_struct_sheet_order.offset 
_struct_sheet_order.sense 
A 1 2 ? anti-parallel 
A 2 3 ? anti-parallel 
A 3 4 ? anti-parallel 
B 1 2 ? anti-parallel 
B 2 3 ? anti-parallel 
B 3 4 ? anti-parallel 
B 4 5 ? anti-parallel 
# 
loop_
_struct_sheet_range.sheet_id 
_struct_sheet_range.id 
_struct_sheet_range.beg_label_comp_id 
_struct_sheet_range.beg_label_asym_id 
_struct_sheet_range.beg_label_seq_id 
_struct_sheet_range.pdbx_beg_PDB_ins_code 
_struct_sheet_range.end_label_comp_id 
_struct_sheet_range.end_label_asym_id 
_struct_sheet_range.end_label_seq_id 
_struct_sheet_range.pdbx_end_PDB_ins_code 
_struct_sheet_range.beg_auth_comp_id 
_struct_sheet_range.beg_auth_asym_id 
_struct_sheet_range.beg_auth_seq_id 
_struct_sheet_range.end_auth_comp_id 
_struct_sheet_range.end_auth_asym_id 
_struct_sheet_range.end_auth_seq_id 
A 1 HIS A 40  ? GLY A 47  ? HIS A 40  GLY A 47  
A 2 ARG A 2   ? ASP A 8   ? ARG A 2   ASP A 8   
A 3 ALA A 159 ? THR A 168 ? ALA A 159 THR A 168 
A 4 GLY A 171 ? GLU A 181 ? GLY A 171 GLU A 181 
B 1 ALA A 29  ? PHE A 33  ? ALA A 29  PHE A 33  
B 2 HIS A 125 ? VAL A 134 ? HIS A 125 VAL A 134 
B 3 ILE A 87  ? GLU A 95  ? ILE A 87  GLU A 95  
B 4 HIS A 71  ? PRO A 82  ? HIS A 71  PRO A 82  
B 5 ASP A 151 ? VAL A 157 ? ASP A 151 VAL A 157 
# 
loop_
_pdbx_struct_sheet_hbond.sheet_id 
_pdbx_struct_sheet_hbond.range_id_1 
_pdbx_struct_sheet_hbond.range_id_2 
_pdbx_struct_sheet_hbond.range_1_label_atom_id 
_pdbx_struct_sheet_hbond.range_1_label_comp_id 
_pdbx_struct_sheet_hbond.range_1_label_asym_id 
_pdbx_struct_sheet_hbond.range_1_label_seq_id 
_pdbx_struct_sheet_hbond.range_1_PDB_ins_code 
_pdbx_struct_sheet_hbond.range_1_auth_atom_id 
_pdbx_struct_sheet_hbond.range_1_auth_comp_id 
_pdbx_struct_sheet_hbond.range_1_auth_asym_id 
_pdbx_struct_sheet_hbond.range_1_auth_seq_id 
_pdbx_struct_sheet_hbond.range_2_label_atom_id 
_pdbx_struct_sheet_hbond.range_2_label_comp_id 
_pdbx_struct_sheet_hbond.range_2_label_asym_id 
_pdbx_struct_sheet_hbond.range_2_label_seq_id 
_pdbx_struct_sheet_hbond.range_2_PDB_ins_code 
_pdbx_struct_sheet_hbond.range_2_auth_atom_id 
_pdbx_struct_sheet_hbond.range_2_auth_comp_id 
_pdbx_struct_sheet_hbond.range_2_auth_asym_id 
_pdbx_struct_sheet_hbond.range_2_auth_seq_id 
A 1 2 O LEU A 43  ? O LEU A 43  N ILE A 5   ? N ILE A 5   
A 2 3 N PHE A 4   ? N PHE A 4   O LYS A 163 ? O LYS A 163 
A 3 4 N ILE A 160 ? N ILE A 160 O PHE A 180 ? O PHE A 180 
B 1 2 N LYS A 32  ? N LYS A 32  O ARG A 130 ? O ARG A 130 
B 2 3 O LEU A 128 ? O LEU A 128 N ILE A 90  ? N ILE A 90  
B 3 4 O GLU A 95  ? O GLU A 95  N LYS A 74  ? N LYS A 74  
B 4 5 N HIS A 71  ? N HIS A 71  O VAL A 157 ? O VAL A 157 
# 
_pdbx_entry_details.entry_id                   1VGJ 
_pdbx_entry_details.compound_details           ? 
_pdbx_entry_details.source_details             ? 
_pdbx_entry_details.nonpolymer_details         ? 
_pdbx_entry_details.sequence_details           ? 
_pdbx_entry_details.has_ligand_of_interest     ? 
_pdbx_entry_details.has_protein_modification   Y 
# 
loop_
_pdbx_validate_rmsd_bond.id 
_pdbx_validate_rmsd_bond.PDB_model_num 
_pdbx_validate_rmsd_bond.auth_atom_id_1 
_pdbx_validate_rmsd_bond.auth_asym_id_1 
_pdbx_validate_rmsd_bond.auth_comp_id_1 
_pdbx_validate_rmsd_bond.auth_seq_id_1 
_pdbx_validate_rmsd_bond.PDB_ins_code_1 
_pdbx_validate_rmsd_bond.label_alt_id_1 
_pdbx_validate_rmsd_bond.auth_atom_id_2 
_pdbx_validate_rmsd_bond.auth_asym_id_2 
_pdbx_validate_rmsd_bond.auth_comp_id_2 
_pdbx_validate_rmsd_bond.auth_seq_id_2 
_pdbx_validate_rmsd_bond.PDB_ins_code_2 
_pdbx_validate_rmsd_bond.label_alt_id_2 
_pdbx_validate_rmsd_bond.bond_value 
_pdbx_validate_rmsd_bond.bond_target_value 
_pdbx_validate_rmsd_bond.bond_deviation 
_pdbx_validate_rmsd_bond.bond_standard_deviation 
_pdbx_validate_rmsd_bond.linker_flag 
1 1 CA A ALA 20 ? ? CB  A ALA 20 ? ? 1.664 1.520 0.144 0.021 N 
2 1 CB A VAL 75 ? ? CG2 A VAL 75 ? ? 1.654 1.524 0.130 0.021 N 
# 
loop_
_pdbx_validate_rmsd_angle.id 
_pdbx_validate_rmsd_angle.PDB_model_num 
_pdbx_validate_rmsd_angle.auth_atom_id_1 
_pdbx_validate_rmsd_angle.auth_asym_id_1 
_pdbx_validate_rmsd_angle.auth_comp_id_1 
_pdbx_validate_rmsd_angle.auth_seq_id_1 
_pdbx_validate_rmsd_angle.PDB_ins_code_1 
_pdbx_validate_rmsd_angle.label_alt_id_1 
_pdbx_validate_rmsd_angle.auth_atom_id_2 
_pdbx_validate_rmsd_angle.auth_asym_id_2 
_pdbx_validate_rmsd_angle.auth_comp_id_2 
_pdbx_validate_rmsd_angle.auth_seq_id_2 
_pdbx_validate_rmsd_angle.PDB_ins_code_2 
_pdbx_validate_rmsd_angle.label_alt_id_2 
_pdbx_validate_rmsd_angle.auth_atom_id_3 
_pdbx_validate_rmsd_angle.auth_asym_id_3 
_pdbx_validate_rmsd_angle.auth_comp_id_3 
_pdbx_validate_rmsd_angle.auth_seq_id_3 
_pdbx_validate_rmsd_angle.PDB_ins_code_3 
_pdbx_validate_rmsd_angle.label_alt_id_3 
_pdbx_validate_rmsd_angle.angle_value 
_pdbx_validate_rmsd_angle.angle_target_value 
_pdbx_validate_rmsd_angle.angle_deviation 
_pdbx_validate_rmsd_angle.angle_standard_deviation 
_pdbx_validate_rmsd_angle.linker_flag 
1 1 NE A ARG 36  ? ? CZ A ARG 36  ? ? NH2 A ARG 36  ? ? 116.79 120.30 -3.51  0.50 N 
2 1 CG A MSE 103 ? ? SE A MSE 103 ? ? CE  A MSE 103 ? ? 85.18  98.90  -13.72 2.20 N 
# 
_pdbx_validate_torsion.id              1 
_pdbx_validate_torsion.PDB_model_num   1 
_pdbx_validate_torsion.auth_comp_id    TYR 
_pdbx_validate_torsion.auth_asym_id    A 
_pdbx_validate_torsion.auth_seq_id     86 
_pdbx_validate_torsion.PDB_ins_code    ? 
_pdbx_validate_torsion.label_alt_id    ? 
_pdbx_validate_torsion.phi             53.61 
_pdbx_validate_torsion.psi             87.78 
# 
loop_
_pdbx_struct_mod_residue.id 
_pdbx_struct_mod_residue.label_asym_id 
_pdbx_struct_mod_residue.label_comp_id 
_pdbx_struct_mod_residue.label_seq_id 
_pdbx_struct_mod_residue.auth_asym_id 
_pdbx_struct_mod_residue.auth_comp_id 
_pdbx_struct_mod_residue.auth_seq_id 
_pdbx_struct_mod_residue.PDB_ins_code 
_pdbx_struct_mod_residue.parent_comp_id 
_pdbx_struct_mod_residue.details 
1 A MSE 1   A MSE 1   ? MET SELENOMETHIONINE 
2 A MSE 103 A MSE 103 ? MET SELENOMETHIONINE 
3 A MSE 142 A MSE 142 ? MET SELENOMETHIONINE 
# 
loop_
_chem_comp_atom.comp_id 
_chem_comp_atom.atom_id 
_chem_comp_atom.type_symbol 
_chem_comp_atom.pdbx_aromatic_flag 
_chem_comp_atom.pdbx_stereo_config 
_chem_comp_atom.pdbx_ordinal 
ALA N    N  N N 1   
ALA CA   C  N S 2   
ALA C    C  N N 3   
ALA O    O  N N 4   
ALA CB   C  N N 5   
ALA OXT  O  N N 6   
ALA H    H  N N 7   
ALA H2   H  N N 8   
ALA HA   H  N N 9   
ALA HB1  H  N N 10  
ALA HB2  H  N N 11  
ALA HB3  H  N N 12  
ALA HXT  H  N N 13  
ARG N    N  N N 14  
ARG CA   C  N S 15  
ARG C    C  N N 16  
ARG O    O  N N 17  
ARG CB   C  N N 18  
ARG CG   C  N N 19  
ARG CD   C  N N 20  
ARG NE   N  N N 21  
ARG CZ   C  N N 22  
ARG NH1  N  N N 23  
ARG NH2  N  N N 24  
ARG OXT  O  N N 25  
ARG H    H  N N 26  
ARG H2   H  N N 27  
ARG HA   H  N N 28  
ARG HB2  H  N N 29  
ARG HB3  H  N N 30  
ARG HG2  H  N N 31  
ARG HG3  H  N N 32  
ARG HD2  H  N N 33  
ARG HD3  H  N N 34  
ARG HE   H  N N 35  
ARG HH11 H  N N 36  
ARG HH12 H  N N 37  
ARG HH21 H  N N 38  
ARG HH22 H  N N 39  
ARG HXT  H  N N 40  
ASN N    N  N N 41  
ASN CA   C  N S 42  
ASN C    C  N N 43  
ASN O    O  N N 44  
ASN CB   C  N N 45  
ASN CG   C  N N 46  
ASN OD1  O  N N 47  
ASN ND2  N  N N 48  
ASN OXT  O  N N 49  
ASN H    H  N N 50  
ASN H2   H  N N 51  
ASN HA   H  N N 52  
ASN HB2  H  N N 53  
ASN HB3  H  N N 54  
ASN HD21 H  N N 55  
ASN HD22 H  N N 56  
ASN HXT  H  N N 57  
ASP N    N  N N 58  
ASP CA   C  N S 59  
ASP C    C  N N 60  
ASP O    O  N N 61  
ASP CB   C  N N 62  
ASP CG   C  N N 63  
ASP OD1  O  N N 64  
ASP OD2  O  N N 65  
ASP OXT  O  N N 66  
ASP H    H  N N 67  
ASP H2   H  N N 68  
ASP HA   H  N N 69  
ASP HB2  H  N N 70  
ASP HB3  H  N N 71  
ASP HD2  H  N N 72  
ASP HXT  H  N N 73  
GLN N    N  N N 74  
GLN CA   C  N S 75  
GLN C    C  N N 76  
GLN O    O  N N 77  
GLN CB   C  N N 78  
GLN CG   C  N N 79  
GLN CD   C  N N 80  
GLN OE1  O  N N 81  
GLN NE2  N  N N 82  
GLN OXT  O  N N 83  
GLN H    H  N N 84  
GLN H2   H  N N 85  
GLN HA   H  N N 86  
GLN HB2  H  N N 87  
GLN HB3  H  N N 88  
GLN HG2  H  N N 89  
GLN HG3  H  N N 90  
GLN HE21 H  N N 91  
GLN HE22 H  N N 92  
GLN HXT  H  N N 93  
GLU N    N  N N 94  
GLU CA   C  N S 95  
GLU C    C  N N 96  
GLU O    O  N N 97  
GLU CB   C  N N 98  
GLU CG   C  N N 99  
GLU CD   C  N N 100 
GLU OE1  O  N N 101 
GLU OE2  O  N N 102 
GLU OXT  O  N N 103 
GLU H    H  N N 104 
GLU H2   H  N N 105 
GLU HA   H  N N 106 
GLU HB2  H  N N 107 
GLU HB3  H  N N 108 
GLU HG2  H  N N 109 
GLU HG3  H  N N 110 
GLU HE2  H  N N 111 
GLU HXT  H  N N 112 
GLY N    N  N N 113 
GLY CA   C  N N 114 
GLY C    C  N N 115 
GLY O    O  N N 116 
GLY OXT  O  N N 117 
GLY H    H  N N 118 
GLY H2   H  N N 119 
GLY HA2  H  N N 120 
GLY HA3  H  N N 121 
GLY HXT  H  N N 122 
HIS N    N  N N 123 
HIS CA   C  N S 124 
HIS C    C  N N 125 
HIS O    O  N N 126 
HIS CB   C  N N 127 
HIS CG   C  Y N 128 
HIS ND1  N  Y N 129 
HIS CD2  C  Y N 130 
HIS CE1  C  Y N 131 
HIS NE2  N  Y N 132 
HIS OXT  O  N N 133 
HIS H    H  N N 134 
HIS H2   H  N N 135 
HIS HA   H  N N 136 
HIS HB2  H  N N 137 
HIS HB3  H  N N 138 
HIS HD1  H  N N 139 
HIS HD2  H  N N 140 
HIS HE1  H  N N 141 
HIS HE2  H  N N 142 
HIS HXT  H  N N 143 
HOH O    O  N N 144 
HOH H1   H  N N 145 
HOH H2   H  N N 146 
ILE N    N  N N 147 
ILE CA   C  N S 148 
ILE C    C  N N 149 
ILE O    O  N N 150 
ILE CB   C  N S 151 
ILE CG1  C  N N 152 
ILE CG2  C  N N 153 
ILE CD1  C  N N 154 
ILE OXT  O  N N 155 
ILE H    H  N N 156 
ILE H2   H  N N 157 
ILE HA   H  N N 158 
ILE HB   H  N N 159 
ILE HG12 H  N N 160 
ILE HG13 H  N N 161 
ILE HG21 H  N N 162 
ILE HG22 H  N N 163 
ILE HG23 H  N N 164 
ILE HD11 H  N N 165 
ILE HD12 H  N N 166 
ILE HD13 H  N N 167 
ILE HXT  H  N N 168 
LEU N    N  N N 169 
LEU CA   C  N S 170 
LEU C    C  N N 171 
LEU O    O  N N 172 
LEU CB   C  N N 173 
LEU CG   C  N N 174 
LEU CD1  C  N N 175 
LEU CD2  C  N N 176 
LEU OXT  O  N N 177 
LEU H    H  N N 178 
LEU H2   H  N N 179 
LEU HA   H  N N 180 
LEU HB2  H  N N 181 
LEU HB3  H  N N 182 
LEU HG   H  N N 183 
LEU HD11 H  N N 184 
LEU HD12 H  N N 185 
LEU HD13 H  N N 186 
LEU HD21 H  N N 187 
LEU HD22 H  N N 188 
LEU HD23 H  N N 189 
LEU HXT  H  N N 190 
LYS N    N  N N 191 
LYS CA   C  N S 192 
LYS C    C  N N 193 
LYS O    O  N N 194 
LYS CB   C  N N 195 
LYS CG   C  N N 196 
LYS CD   C  N N 197 
LYS CE   C  N N 198 
LYS NZ   N  N N 199 
LYS OXT  O  N N 200 
LYS H    H  N N 201 
LYS H2   H  N N 202 
LYS HA   H  N N 203 
LYS HB2  H  N N 204 
LYS HB3  H  N N 205 
LYS HG2  H  N N 206 
LYS HG3  H  N N 207 
LYS HD2  H  N N 208 
LYS HD3  H  N N 209 
LYS HE2  H  N N 210 
LYS HE3  H  N N 211 
LYS HZ1  H  N N 212 
LYS HZ2  H  N N 213 
LYS HZ3  H  N N 214 
LYS HXT  H  N N 215 
MET N    N  N N 216 
MET CA   C  N S 217 
MET C    C  N N 218 
MET O    O  N N 219 
MET CB   C  N N 220 
MET CG   C  N N 221 
MET SD   S  N N 222 
MET CE   C  N N 223 
MET OXT  O  N N 224 
MET H    H  N N 225 
MET H2   H  N N 226 
MET HA   H  N N 227 
MET HB2  H  N N 228 
MET HB3  H  N N 229 
MET HG2  H  N N 230 
MET HG3  H  N N 231 
MET HE1  H  N N 232 
MET HE2  H  N N 233 
MET HE3  H  N N 234 
MET HXT  H  N N 235 
MSE N    N  N N 236 
MSE CA   C  N S 237 
MSE C    C  N N 238 
MSE O    O  N N 239 
MSE OXT  O  N N 240 
MSE CB   C  N N 241 
MSE CG   C  N N 242 
MSE SE   SE N N 243 
MSE CE   C  N N 244 
MSE H    H  N N 245 
MSE H2   H  N N 246 
MSE HA   H  N N 247 
MSE HXT  H  N N 248 
MSE HB2  H  N N 249 
MSE HB3  H  N N 250 
MSE HG2  H  N N 251 
MSE HG3  H  N N 252 
MSE HE1  H  N N 253 
MSE HE2  H  N N 254 
MSE HE3  H  N N 255 
PHE N    N  N N 256 
PHE CA   C  N S 257 
PHE C    C  N N 258 
PHE O    O  N N 259 
PHE CB   C  N N 260 
PHE CG   C  Y N 261 
PHE CD1  C  Y N 262 
PHE CD2  C  Y N 263 
PHE CE1  C  Y N 264 
PHE CE2  C  Y N 265 
PHE CZ   C  Y N 266 
PHE OXT  O  N N 267 
PHE H    H  N N 268 
PHE H2   H  N N 269 
PHE HA   H  N N 270 
PHE HB2  H  N N 271 
PHE HB3  H  N N 272 
PHE HD1  H  N N 273 
PHE HD2  H  N N 274 
PHE HE1  H  N N 275 
PHE HE2  H  N N 276 
PHE HZ   H  N N 277 
PHE HXT  H  N N 278 
PRO N    N  N N 279 
PRO CA   C  N S 280 
PRO C    C  N N 281 
PRO O    O  N N 282 
PRO CB   C  N N 283 
PRO CG   C  N N 284 
PRO CD   C  N N 285 
PRO OXT  O  N N 286 
PRO H    H  N N 287 
PRO HA   H  N N 288 
PRO HB2  H  N N 289 
PRO HB3  H  N N 290 
PRO HG2  H  N N 291 
PRO HG3  H  N N 292 
PRO HD2  H  N N 293 
PRO HD3  H  N N 294 
PRO HXT  H  N N 295 
SER N    N  N N 296 
SER CA   C  N S 297 
SER C    C  N N 298 
SER O    O  N N 299 
SER CB   C  N N 300 
SER OG   O  N N 301 
SER OXT  O  N N 302 
SER H    H  N N 303 
SER H2   H  N N 304 
SER HA   H  N N 305 
SER HB2  H  N N 306 
SER HB3  H  N N 307 
SER HG   H  N N 308 
SER HXT  H  N N 309 
THR N    N  N N 310 
THR CA   C  N S 311 
THR C    C  N N 312 
THR O    O  N N 313 
THR CB   C  N R 314 
THR OG1  O  N N 315 
THR CG2  C  N N 316 
THR OXT  O  N N 317 
THR H    H  N N 318 
THR H2   H  N N 319 
THR HA   H  N N 320 
THR HB   H  N N 321 
THR HG1  H  N N 322 
THR HG21 H  N N 323 
THR HG22 H  N N 324 
THR HG23 H  N N 325 
THR HXT  H  N N 326 
TRP N    N  N N 327 
TRP CA   C  N S 328 
TRP C    C  N N 329 
TRP O    O  N N 330 
TRP CB   C  N N 331 
TRP CG   C  Y N 332 
TRP CD1  C  Y N 333 
TRP CD2  C  Y N 334 
TRP NE1  N  Y N 335 
TRP CE2  C  Y N 336 
TRP CE3  C  Y N 337 
TRP CZ2  C  Y N 338 
TRP CZ3  C  Y N 339 
TRP CH2  C  Y N 340 
TRP OXT  O  N N 341 
TRP H    H  N N 342 
TRP H2   H  N N 343 
TRP HA   H  N N 344 
TRP HB2  H  N N 345 
TRP HB3  H  N N 346 
TRP HD1  H  N N 347 
TRP HE1  H  N N 348 
TRP HE3  H  N N 349 
TRP HZ2  H  N N 350 
TRP HZ3  H  N N 351 
TRP HH2  H  N N 352 
TRP HXT  H  N N 353 
TYR N    N  N N 354 
TYR CA   C  N S 355 
TYR C    C  N N 356 
TYR O    O  N N 357 
TYR CB   C  N N 358 
TYR CG   C  Y N 359 
TYR CD1  C  Y N 360 
TYR CD2  C  Y N 361 
TYR CE1  C  Y N 362 
TYR CE2  C  Y N 363 
TYR CZ   C  Y N 364 
TYR OH   O  N N 365 
TYR OXT  O  N N 366 
TYR H    H  N N 367 
TYR H2   H  N N 368 
TYR HA   H  N N 369 
TYR HB2  H  N N 370 
TYR HB3  H  N N 371 
TYR HD1  H  N N 372 
TYR HD2  H  N N 373 
TYR HE1  H  N N 374 
TYR HE2  H  N N 375 
TYR HH   H  N N 376 
TYR HXT  H  N N 377 
VAL N    N  N N 378 
VAL CA   C  N S 379 
VAL C    C  N N 380 
VAL O    O  N N 381 
VAL CB   C  N N 382 
VAL CG1  C  N N 383 
VAL CG2  C  N N 384 
VAL OXT  O  N N 385 
VAL H    H  N N 386 
VAL H2   H  N N 387 
VAL HA   H  N N 388 
VAL HB   H  N N 389 
VAL HG11 H  N N 390 
VAL HG12 H  N N 391 
VAL HG13 H  N N 392 
VAL HG21 H  N N 393 
VAL HG22 H  N N 394 
VAL HG23 H  N N 395 
VAL HXT  H  N N 396 
# 
loop_
_chem_comp_bond.comp_id 
_chem_comp_bond.atom_id_1 
_chem_comp_bond.atom_id_2 
_chem_comp_bond.value_order 
_chem_comp_bond.pdbx_aromatic_flag 
_chem_comp_bond.pdbx_stereo_config 
_chem_comp_bond.pdbx_ordinal 
ALA N   CA   sing N N 1   
ALA N   H    sing N N 2   
ALA N   H2   sing N N 3   
ALA CA  C    sing N N 4   
ALA CA  CB   sing N N 5   
ALA CA  HA   sing N N 6   
ALA C   O    doub N N 7   
ALA C   OXT  sing N N 8   
ALA CB  HB1  sing N N 9   
ALA CB  HB2  sing N N 10  
ALA CB  HB3  sing N N 11  
ALA OXT HXT  sing N N 12  
ARG N   CA   sing N N 13  
ARG N   H    sing N N 14  
ARG N   H2   sing N N 15  
ARG CA  C    sing N N 16  
ARG CA  CB   sing N N 17  
ARG CA  HA   sing N N 18  
ARG C   O    doub N N 19  
ARG C   OXT  sing N N 20  
ARG CB  CG   sing N N 21  
ARG CB  HB2  sing N N 22  
ARG CB  HB3  sing N N 23  
ARG CG  CD   sing N N 24  
ARG CG  HG2  sing N N 25  
ARG CG  HG3  sing N N 26  
ARG CD  NE   sing N N 27  
ARG CD  HD2  sing N N 28  
ARG CD  HD3  sing N N 29  
ARG NE  CZ   sing N N 30  
ARG NE  HE   sing N N 31  
ARG CZ  NH1  sing N N 32  
ARG CZ  NH2  doub N N 33  
ARG NH1 HH11 sing N N 34  
ARG NH1 HH12 sing N N 35  
ARG NH2 HH21 sing N N 36  
ARG NH2 HH22 sing N N 37  
ARG OXT HXT  sing N N 38  
ASN N   CA   sing N N 39  
ASN N   H    sing N N 40  
ASN N   H2   sing N N 41  
ASN CA  C    sing N N 42  
ASN CA  CB   sing N N 43  
ASN CA  HA   sing N N 44  
ASN C   O    doub N N 45  
ASN C   OXT  sing N N 46  
ASN CB  CG   sing N N 47  
ASN CB  HB2  sing N N 48  
ASN CB  HB3  sing N N 49  
ASN CG  OD1  doub N N 50  
ASN CG  ND2  sing N N 51  
ASN ND2 HD21 sing N N 52  
ASN ND2 HD22 sing N N 53  
ASN OXT HXT  sing N N 54  
ASP N   CA   sing N N 55  
ASP N   H    sing N N 56  
ASP N   H2   sing N N 57  
ASP CA  C    sing N N 58  
ASP CA  CB   sing N N 59  
ASP CA  HA   sing N N 60  
ASP C   O    doub N N 61  
ASP C   OXT  sing N N 62  
ASP CB  CG   sing N N 63  
ASP CB  HB2  sing N N 64  
ASP CB  HB3  sing N N 65  
ASP CG  OD1  doub N N 66  
ASP CG  OD2  sing N N 67  
ASP OD2 HD2  sing N N 68  
ASP OXT HXT  sing N N 69  
GLN N   CA   sing N N 70  
GLN N   H    sing N N 71  
GLN N   H2   sing N N 72  
GLN CA  C    sing N N 73  
GLN CA  CB   sing N N 74  
GLN CA  HA   sing N N 75  
GLN C   O    doub N N 76  
GLN C   OXT  sing N N 77  
GLN CB  CG   sing N N 78  
GLN CB  HB2  sing N N 79  
GLN CB  HB3  sing N N 80  
GLN CG  CD   sing N N 81  
GLN CG  HG2  sing N N 82  
GLN CG  HG3  sing N N 83  
GLN CD  OE1  doub N N 84  
GLN CD  NE2  sing N N 85  
GLN NE2 HE21 sing N N 86  
GLN NE2 HE22 sing N N 87  
GLN OXT HXT  sing N N 88  
GLU N   CA   sing N N 89  
GLU N   H    sing N N 90  
GLU N   H2   sing N N 91  
GLU CA  C    sing N N 92  
GLU CA  CB   sing N N 93  
GLU CA  HA   sing N N 94  
GLU C   O    doub N N 95  
GLU C   OXT  sing N N 96  
GLU CB  CG   sing N N 97  
GLU CB  HB2  sing N N 98  
GLU CB  HB3  sing N N 99  
GLU CG  CD   sing N N 100 
GLU CG  HG2  sing N N 101 
GLU CG  HG3  sing N N 102 
GLU CD  OE1  doub N N 103 
GLU CD  OE2  sing N N 104 
GLU OE2 HE2  sing N N 105 
GLU OXT HXT  sing N N 106 
GLY N   CA   sing N N 107 
GLY N   H    sing N N 108 
GLY N   H2   sing N N 109 
GLY CA  C    sing N N 110 
GLY CA  HA2  sing N N 111 
GLY CA  HA3  sing N N 112 
GLY C   O    doub N N 113 
GLY C   OXT  sing N N 114 
GLY OXT HXT  sing N N 115 
HIS N   CA   sing N N 116 
HIS N   H    sing N N 117 
HIS N   H2   sing N N 118 
HIS CA  C    sing N N 119 
HIS CA  CB   sing N N 120 
HIS CA  HA   sing N N 121 
HIS C   O    doub N N 122 
HIS C   OXT  sing N N 123 
HIS CB  CG   sing N N 124 
HIS CB  HB2  sing N N 125 
HIS CB  HB3  sing N N 126 
HIS CG  ND1  sing Y N 127 
HIS CG  CD2  doub Y N 128 
HIS ND1 CE1  doub Y N 129 
HIS ND1 HD1  sing N N 130 
HIS CD2 NE2  sing Y N 131 
HIS CD2 HD2  sing N N 132 
HIS CE1 NE2  sing Y N 133 
HIS CE1 HE1  sing N N 134 
HIS NE2 HE2  sing N N 135 
HIS OXT HXT  sing N N 136 
HOH O   H1   sing N N 137 
HOH O   H2   sing N N 138 
ILE N   CA   sing N N 139 
ILE N   H    sing N N 140 
ILE N   H2   sing N N 141 
ILE CA  C    sing N N 142 
ILE CA  CB   sing N N 143 
ILE CA  HA   sing N N 144 
ILE C   O    doub N N 145 
ILE C   OXT  sing N N 146 
ILE CB  CG1  sing N N 147 
ILE CB  CG2  sing N N 148 
ILE CB  HB   sing N N 149 
ILE CG1 CD1  sing N N 150 
ILE CG1 HG12 sing N N 151 
ILE CG1 HG13 sing N N 152 
ILE CG2 HG21 sing N N 153 
ILE CG2 HG22 sing N N 154 
ILE CG2 HG23 sing N N 155 
ILE CD1 HD11 sing N N 156 
ILE CD1 HD12 sing N N 157 
ILE CD1 HD13 sing N N 158 
ILE OXT HXT  sing N N 159 
LEU N   CA   sing N N 160 
LEU N   H    sing N N 161 
LEU N   H2   sing N N 162 
LEU CA  C    sing N N 163 
LEU CA  CB   sing N N 164 
LEU CA  HA   sing N N 165 
LEU C   O    doub N N 166 
LEU C   OXT  sing N N 167 
LEU CB  CG   sing N N 168 
LEU CB  HB2  sing N N 169 
LEU CB  HB3  sing N N 170 
LEU CG  CD1  sing N N 171 
LEU CG  CD2  sing N N 172 
LEU CG  HG   sing N N 173 
LEU CD1 HD11 sing N N 174 
LEU CD1 HD12 sing N N 175 
LEU CD1 HD13 sing N N 176 
LEU CD2 HD21 sing N N 177 
LEU CD2 HD22 sing N N 178 
LEU CD2 HD23 sing N N 179 
LEU OXT HXT  sing N N 180 
LYS N   CA   sing N N 181 
LYS N   H    sing N N 182 
LYS N   H2   sing N N 183 
LYS CA  C    sing N N 184 
LYS CA  CB   sing N N 185 
LYS CA  HA   sing N N 186 
LYS C   O    doub N N 187 
LYS C   OXT  sing N N 188 
LYS CB  CG   sing N N 189 
LYS CB  HB2  sing N N 190 
LYS CB  HB3  sing N N 191 
LYS CG  CD   sing N N 192 
LYS CG  HG2  sing N N 193 
LYS CG  HG3  sing N N 194 
LYS CD  CE   sing N N 195 
LYS CD  HD2  sing N N 196 
LYS CD  HD3  sing N N 197 
LYS CE  NZ   sing N N 198 
LYS CE  HE2  sing N N 199 
LYS CE  HE3  sing N N 200 
LYS NZ  HZ1  sing N N 201 
LYS NZ  HZ2  sing N N 202 
LYS NZ  HZ3  sing N N 203 
LYS OXT HXT  sing N N 204 
MET N   CA   sing N N 205 
MET N   H    sing N N 206 
MET N   H2   sing N N 207 
MET CA  C    sing N N 208 
MET CA  CB   sing N N 209 
MET CA  HA   sing N N 210 
MET C   O    doub N N 211 
MET C   OXT  sing N N 212 
MET CB  CG   sing N N 213 
MET CB  HB2  sing N N 214 
MET CB  HB3  sing N N 215 
MET CG  SD   sing N N 216 
MET CG  HG2  sing N N 217 
MET CG  HG3  sing N N 218 
MET SD  CE   sing N N 219 
MET CE  HE1  sing N N 220 
MET CE  HE2  sing N N 221 
MET CE  HE3  sing N N 222 
MET OXT HXT  sing N N 223 
MSE N   CA   sing N N 224 
MSE N   H    sing N N 225 
MSE N   H2   sing N N 226 
MSE CA  C    sing N N 227 
MSE CA  CB   sing N N 228 
MSE CA  HA   sing N N 229 
MSE C   O    doub N N 230 
MSE C   OXT  sing N N 231 
MSE OXT HXT  sing N N 232 
MSE CB  CG   sing N N 233 
MSE CB  HB2  sing N N 234 
MSE CB  HB3  sing N N 235 
MSE CG  SE   sing N N 236 
MSE CG  HG2  sing N N 237 
MSE CG  HG3  sing N N 238 
MSE SE  CE   sing N N 239 
MSE CE  HE1  sing N N 240 
MSE CE  HE2  sing N N 241 
MSE CE  HE3  sing N N 242 
PHE N   CA   sing N N 243 
PHE N   H    sing N N 244 
PHE N   H2   sing N N 245 
PHE CA  C    sing N N 246 
PHE CA  CB   sing N N 247 
PHE CA  HA   sing N N 248 
PHE C   O    doub N N 249 
PHE C   OXT  sing N N 250 
PHE CB  CG   sing N N 251 
PHE CB  HB2  sing N N 252 
PHE CB  HB3  sing N N 253 
PHE CG  CD1  doub Y N 254 
PHE CG  CD2  sing Y N 255 
PHE CD1 CE1  sing Y N 256 
PHE CD1 HD1  sing N N 257 
PHE CD2 CE2  doub Y N 258 
PHE CD2 HD2  sing N N 259 
PHE CE1 CZ   doub Y N 260 
PHE CE1 HE1  sing N N 261 
PHE CE2 CZ   sing Y N 262 
PHE CE2 HE2  sing N N 263 
PHE CZ  HZ   sing N N 264 
PHE OXT HXT  sing N N 265 
PRO N   CA   sing N N 266 
PRO N   CD   sing N N 267 
PRO N   H    sing N N 268 
PRO CA  C    sing N N 269 
PRO CA  CB   sing N N 270 
PRO CA  HA   sing N N 271 
PRO C   O    doub N N 272 
PRO C   OXT  sing N N 273 
PRO CB  CG   sing N N 274 
PRO CB  HB2  sing N N 275 
PRO CB  HB3  sing N N 276 
PRO CG  CD   sing N N 277 
PRO CG  HG2  sing N N 278 
PRO CG  HG3  sing N N 279 
PRO CD  HD2  sing N N 280 
PRO CD  HD3  sing N N 281 
PRO OXT HXT  sing N N 282 
SER N   CA   sing N N 283 
SER N   H    sing N N 284 
SER N   H2   sing N N 285 
SER CA  C    sing N N 286 
SER CA  CB   sing N N 287 
SER CA  HA   sing N N 288 
SER C   O    doub N N 289 
SER C   OXT  sing N N 290 
SER CB  OG   sing N N 291 
SER CB  HB2  sing N N 292 
SER CB  HB3  sing N N 293 
SER OG  HG   sing N N 294 
SER OXT HXT  sing N N 295 
THR N   CA   sing N N 296 
THR N   H    sing N N 297 
THR N   H2   sing N N 298 
THR CA  C    sing N N 299 
THR CA  CB   sing N N 300 
THR CA  HA   sing N N 301 
THR C   O    doub N N 302 
THR C   OXT  sing N N 303 
THR CB  OG1  sing N N 304 
THR CB  CG2  sing N N 305 
THR CB  HB   sing N N 306 
THR OG1 HG1  sing N N 307 
THR CG2 HG21 sing N N 308 
THR CG2 HG22 sing N N 309 
THR CG2 HG23 sing N N 310 
THR OXT HXT  sing N N 311 
TRP N   CA   sing N N 312 
TRP N   H    sing N N 313 
TRP N   H2   sing N N 314 
TRP CA  C    sing N N 315 
TRP CA  CB   sing N N 316 
TRP CA  HA   sing N N 317 
TRP C   O    doub N N 318 
TRP C   OXT  sing N N 319 
TRP CB  CG   sing N N 320 
TRP CB  HB2  sing N N 321 
TRP CB  HB3  sing N N 322 
TRP CG  CD1  doub Y N 323 
TRP CG  CD2  sing Y N 324 
TRP CD1 NE1  sing Y N 325 
TRP CD1 HD1  sing N N 326 
TRP CD2 CE2  doub Y N 327 
TRP CD2 CE3  sing Y N 328 
TRP NE1 CE2  sing Y N 329 
TRP NE1 HE1  sing N N 330 
TRP CE2 CZ2  sing Y N 331 
TRP CE3 CZ3  doub Y N 332 
TRP CE3 HE3  sing N N 333 
TRP CZ2 CH2  doub Y N 334 
TRP CZ2 HZ2  sing N N 335 
TRP CZ3 CH2  sing Y N 336 
TRP CZ3 HZ3  sing N N 337 
TRP CH2 HH2  sing N N 338 
TRP OXT HXT  sing N N 339 
TYR N   CA   sing N N 340 
TYR N   H    sing N N 341 
TYR N   H2   sing N N 342 
TYR CA  C    sing N N 343 
TYR CA  CB   sing N N 344 
TYR CA  HA   sing N N 345 
TYR C   O    doub N N 346 
TYR C   OXT  sing N N 347 
TYR CB  CG   sing N N 348 
TYR CB  HB2  sing N N 349 
TYR CB  HB3  sing N N 350 
TYR CG  CD1  doub Y N 351 
TYR CG  CD2  sing Y N 352 
TYR CD1 CE1  sing Y N 353 
TYR CD1 HD1  sing N N 354 
TYR CD2 CE2  doub Y N 355 
TYR CD2 HD2  sing N N 356 
TYR CE1 CZ   doub Y N 357 
TYR CE1 HE1  sing N N 358 
TYR CE2 CZ   sing Y N 359 
TYR CE2 HE2  sing N N 360 
TYR CZ  OH   sing N N 361 
TYR OH  HH   sing N N 362 
TYR OXT HXT  sing N N 363 
VAL N   CA   sing N N 364 
VAL N   H    sing N N 365 
VAL N   H2   sing N N 366 
VAL CA  C    sing N N 367 
VAL CA  CB   sing N N 368 
VAL CA  HA   sing N N 369 
VAL C   O    doub N N 370 
VAL C   OXT  sing N N 371 
VAL CB  CG1  sing N N 372 
VAL CB  CG2  sing N N 373 
VAL CB  HB   sing N N 374 
VAL CG1 HG11 sing N N 375 
VAL CG1 HG12 sing N N 376 
VAL CG1 HG13 sing N N 377 
VAL CG2 HG21 sing N N 378 
VAL CG2 HG22 sing N N 379 
VAL CG2 HG23 sing N N 380 
VAL OXT HXT  sing N N 381 
# 
_pdbx_initial_refinement_model.id               1 
_pdbx_initial_refinement_model.entity_id_list   ? 
_pdbx_initial_refinement_model.type             'experimental model' 
_pdbx_initial_refinement_model.source_name      PDB 
_pdbx_initial_refinement_model.accession_code   1IUH 
_pdbx_initial_refinement_model.details          'PDB entry 1iuh' 
# 
_atom_sites.entry_id                    1VGJ 
_atom_sites.fract_transf_matrix[1][1]   -0.00892781 
_atom_sites.fract_transf_matrix[1][2]   -0.02236743 
_atom_sites.fract_transf_matrix[1][3]   0.00047345 
_atom_sites.fract_transf_matrix[2][1]   -0.01944181 
_atom_sites.fract_transf_matrix[2][2]   0.00789288 
_atom_sites.fract_transf_matrix[2][3]   0.00627473 
_atom_sites.fract_transf_matrix[3][1]   -0.00279760 
_atom_sites.fract_transf_matrix[3][2]   0.00090896 
_atom_sites.fract_transf_matrix[3][3]   -0.00981154 
_atom_sites.fract_transf_vector[1]      0.372018 
_atom_sites.fract_transf_vector[2]      0.378207 
_atom_sites.fract_transf_vector[3]      0.141763 
# 
loop_
_atom_type.symbol 
C  
N  
O  
SE 
# 
loop_
_atom_site.group_PDB 
_atom_site.id 
_atom_site.type_symbol 
_atom_site.label_atom_id 
_atom_site.label_alt_id 
_atom_site.label_comp_id 
_atom_site.label_asym_id 
_atom_site.label_entity_id 
_atom_site.label_seq_id 
_atom_site.pdbx_PDB_ins_code 
_atom_site.Cartn_x 
_atom_site.Cartn_y 
_atom_site.Cartn_z 
_atom_site.occupancy 
_atom_site.B_iso_or_equiv 
_atom_site.pdbx_formal_charge 
_atom_site.auth_seq_id 
_atom_site.auth_comp_id 
_atom_site.auth_asym_id 
_atom_site.auth_atom_id 
_atom_site.pdbx_PDB_model_num 
HETATM 1    N  N   . MSE A 1 1   ? -7.098  2.879   16.430  1.00 51.49 ? 1   MSE A N   1 
HETATM 2    C  CA  . MSE A 1 1   ? -8.311  3.490   15.785  1.00 51.03 ? 1   MSE A CA  1 
HETATM 3    C  C   . MSE A 1 1   ? -8.797  2.667   14.581  1.00 48.93 ? 1   MSE A C   1 
HETATM 4    O  O   . MSE A 1 1   ? -9.573  1.714   14.785  1.00 49.86 ? 1   MSE A O   1 
HETATM 5    C  CB  . MSE A 1 1   ? -8.115  4.965   15.431  1.00 52.19 ? 1   MSE A CB  1 
HETATM 6    C  CG  . MSE A 1 1   ? -9.422  5.694   15.221  1.00 56.53 ? 1   MSE A CG  1 
HETATM 7    SE SE  . MSE A 1 1   ? -10.471 5.409   16.842  1.00 67.96 ? 1   MSE A SE  1 
HETATM 8    C  CE  . MSE A 1 1   ? -10.264 7.218   17.698  1.00 67.78 ? 1   MSE A CE  1 
ATOM   9    N  N   . ARG A 1 2   ? -8.361  3.002   13.358  1.00 44.19 ? 2   ARG A N   1 
ATOM   10   C  CA  . ARG A 1 2   ? -8.653  2.155   12.212  1.00 41.28 ? 2   ARG A CA  1 
ATOM   11   C  C   . ARG A 1 2   ? -7.390  1.304   11.931  1.00 36.70 ? 2   ARG A C   1 
ATOM   12   O  O   . ARG A 1 2   ? -6.307  1.873   11.626  1.00 36.21 ? 2   ARG A O   1 
ATOM   13   C  CB  . ARG A 1 2   ? -8.982  2.959   10.952  1.00 42.60 ? 2   ARG A CB  1 
ATOM   14   C  CG  . ARG A 1 2   ? -9.985  4.085   11.125  1.00 48.32 ? 2   ARG A CG  1 
ATOM   15   C  CD  . ARG A 1 2   ? -11.415 3.610   11.000  1.00 57.31 ? 2   ARG A CD  1 
ATOM   16   N  NE  . ARG A 1 2   ? -11.883 3.619   9.625   1.00 61.83 ? 2   ARG A NE  1 
ATOM   17   C  CZ  . ARG A 1 2   ? -12.852 2.834   9.168   1.00 65.06 ? 2   ARG A CZ  1 
ATOM   18   N  NH1 . ARG A 1 2   ? -13.446 1.948   9.971   1.00 66.59 ? 2   ARG A NH1 1 
ATOM   19   N  NH2 . ARG A 1 2   ? -13.232 2.932   7.897   1.00 66.84 ? 2   ARG A NH2 1 
ATOM   20   N  N   . ALA A 1 3   ? -7.544  -0.013  12.033  1.00 31.74 ? 3   ALA A N   1 
ATOM   21   C  CA  . ALA A 1 3   ? -6.382  -0.942  11.826  1.00 26.25 ? 3   ALA A CA  1 
ATOM   22   C  C   . ALA A 1 3   ? -6.304  -1.454  10.382  1.00 23.50 ? 3   ALA A C   1 
ATOM   23   O  O   . ALA A 1 3   ? -7.362  -1.571  9.688   1.00 22.11 ? 3   ALA A O   1 
ATOM   24   C  CB  . ALA A 1 3   ? -6.502  -2.078  12.828  1.00 26.32 ? 3   ALA A CB  1 
ATOM   25   N  N   . PHE A 1 4   ? -5.102  -1.885  9.937   1.00 19.68 ? 4   PHE A N   1 
ATOM   26   C  CA  . PHE A 1 4   ? -5.011  -2.497  8.635   1.00 19.69 ? 4   PHE A CA  1 
ATOM   27   C  C   . PHE A 1 4   ? -3.705  -3.285  8.597   1.00 19.43 ? 4   PHE A C   1 
ATOM   28   O  O   . PHE A 1 4   ? -2.909  -3.194  9.562   1.00 19.23 ? 4   PHE A O   1 
ATOM   29   C  CB  . PHE A 1 4   ? -5.028  -1.410  7.555   1.00 19.22 ? 4   PHE A CB  1 
ATOM   30   C  CG  . PHE A 1 4   ? -3.937  -0.390  7.710   1.00 21.21 ? 4   PHE A CG  1 
ATOM   31   C  CD1 . PHE A 1 4   ? -4.051  0.632   8.622   1.00 23.85 ? 4   PHE A CD1 1 
ATOM   32   C  CD2 . PHE A 1 4   ? -2.813  -0.484  6.926   1.00 20.02 ? 4   PHE A CD2 1 
ATOM   33   C  CE1 . PHE A 1 4   ? -2.946  1.644   8.768   1.00 26.97 ? 4   PHE A CE1 1 
ATOM   34   C  CE2 . PHE A 1 4   ? -1.696  0.517   7.016   1.00 25.78 ? 4   PHE A CE2 1 
ATOM   35   C  CZ  . PHE A 1 4   ? -1.793  1.551   7.938   1.00 25.97 ? 4   PHE A CZ  1 
ATOM   36   N  N   . ILE A 1 5   ? -3.581  -4.136  7.577   1.00 18.00 ? 5   ILE A N   1 
ATOM   37   C  CA  . ILE A 1 5   ? -2.415  -4.961  7.478   1.00 21.07 ? 5   ILE A CA  1 
ATOM   38   C  C   . ILE A 1 5   ? -1.630  -4.537  6.242   1.00 21.72 ? 5   ILE A C   1 
ATOM   39   O  O   . ILE A 1 5   ? -2.244  -4.249  5.231   1.00 21.83 ? 5   ILE A O   1 
ATOM   40   C  CB  . ILE A 1 5   ? -2.854  -6.465  7.411   1.00 20.18 ? 5   ILE A CB  1 
ATOM   41   C  CG1 . ILE A 1 5   ? -3.611  -6.831  8.703   1.00 18.40 ? 5   ILE A CG1 1 
ATOM   42   C  CG2 . ILE A 1 5   ? -1.609  -7.462  7.213   1.00 20.23 ? 5   ILE A CG2 1 
ATOM   43   C  CD1 . ILE A 1 5   ? -4.384  -8.105  8.521   1.00 19.19 ? 5   ILE A CD1 1 
ATOM   44   N  N   . ALA A 1 6   ? -0.293  -4.468  6.332   1.00 20.52 ? 6   ALA A N   1 
ATOM   45   C  CA  . ALA A 1 6   ? 0.473   -3.947  5.252   1.00 20.00 ? 6   ALA A CA  1 
ATOM   46   C  C   . ALA A 1 6   ? 1.857   -4.555  5.148   1.00 20.55 ? 6   ALA A C   1 
ATOM   47   O  O   . ALA A 1 6   ? 2.320   -5.273  6.055   1.00 20.09 ? 6   ALA A O   1 
ATOM   48   C  CB  . ALA A 1 6   ? 0.640   -2.385  5.467   1.00 21.65 ? 6   ALA A CB  1 
ATOM   49   N  N   . ILE A 1 7   ? 2.511   -4.215  4.061   1.00 19.47 ? 7   ILE A N   1 
ATOM   50   C  CA  . ILE A 1 7   ? 3.901   -4.528  3.826   1.00 17.69 ? 7   ILE A CA  1 
ATOM   51   C  C   . ILE A 1 7   ? 4.621   -3.236  3.590   1.00 19.93 ? 7   ILE A C   1 
ATOM   52   O  O   . ILE A 1 7   ? 4.289   -2.427  2.648   1.00 19.58 ? 7   ILE A O   1 
ATOM   53   C  CB  . ILE A 1 7   ? 4.035   -5.464  2.560   1.00 17.01 ? 7   ILE A CB  1 
ATOM   54   C  CG1 . ILE A 1 7   ? 3.448   -6.820  2.868   1.00 18.45 ? 7   ILE A CG1 1 
ATOM   55   C  CG2 . ILE A 1 7   ? 5.575   -5.570  2.048   1.00 18.73 ? 7   ILE A CG2 1 
ATOM   56   C  CD1 . ILE A 1 7   ? 3.305   -7.649  1.599   1.00 24.72 ? 7   ILE A CD1 1 
ATOM   57   N  N   . ASP A 1 8   ? 5.647   -2.993  4.379   1.00 19.08 ? 8   ASP A N   1 
ATOM   58   C  CA  . ASP A 1 8   ? 6.409   -1.728  4.216   1.00 21.77 ? 8   ASP A CA  1 
ATOM   59   C  C   . ASP A 1 8   ? 7.470   -1.856  3.062   1.00 21.80 ? 8   ASP A C   1 
ATOM   60   O  O   . ASP A 1 8   ? 7.947   -2.962  2.765   1.00 19.47 ? 8   ASP A O   1 
ATOM   61   C  CB  . ASP A 1 8   ? 7.211   -1.496  5.530   1.00 22.68 ? 8   ASP A CB  1 
ATOM   62   C  CG  . ASP A 1 8   ? 7.643   -0.055  5.702   1.00 29.97 ? 8   ASP A CG  1 
ATOM   63   O  OD1 . ASP A 1 8   ? 8.539   0.215   6.593   1.00 33.53 ? 8   ASP A OD1 1 
ATOM   64   O  OD2 . ASP A 1 8   ? 7.162   0.883   5.029   1.00 35.47 ? 8   ASP A OD2 1 
ATOM   65   N  N   . VAL A 1 9   ? 7.886   -0.729  2.467   1.00 19.99 ? 9   VAL A N   1 
ATOM   66   C  CA  . VAL A 1 9   ? 8.948   -0.745  1.461   1.00 21.56 ? 9   VAL A CA  1 
ATOM   67   C  C   . VAL A 1 9   ? 10.261  -0.382  2.199   1.00 22.96 ? 9   VAL A C   1 
ATOM   68   O  O   . VAL A 1 9   ? 10.281  -0.271  3.443   1.00 24.84 ? 9   VAL A O   1 
ATOM   69   C  CB  . VAL A 1 9   ? 8.641   0.267   0.313   1.00 21.34 ? 9   VAL A CB  1 
ATOM   70   C  CG1 . VAL A 1 9   ? 7.264   -0.065  -0.310  1.00 22.99 ? 9   VAL A CG1 1 
ATOM   71   C  CG2 . VAL A 1 9   ? 8.540   1.659   0.842   1.00 22.09 ? 9   VAL A CG2 1 
ATOM   72   N  N   . ASN A 1 10  ? 11.358  -0.270  1.480   1.00 23.38 ? 10  ASN A N   1 
ATOM   73   C  CA  . ASN A 1 10  ? 12.620  0.036   2.136   1.00 21.57 ? 10  ASN A CA  1 
ATOM   74   C  C   . ASN A 1 10  ? 12.980  1.486   1.842   1.00 24.07 ? 10  ASN A C   1 
ATOM   75   O  O   . ASN A 1 10  ? 12.224  2.195   1.089   1.00 20.59 ? 10  ASN A O   1 
ATOM   76   C  CB  . ASN A 1 10  ? 13.745  -0.919  1.639   1.00 22.89 ? 10  ASN A CB  1 
ATOM   77   C  CG  . ASN A 1 10  ? 14.020  -0.814  0.082   1.00 23.37 ? 10  ASN A CG  1 
ATOM   78   O  OD1 . ASN A 1 10  ? 13.445  0.026   -0.625  1.00 24.91 ? 10  ASN A OD1 1 
ATOM   79   N  ND2 . ASN A 1 10  ? 14.874  -1.686  -0.416  1.00 22.29 ? 10  ASN A ND2 1 
ATOM   80   N  N   . GLU A 1 11  ? 14.174  1.900   2.307   1.00 22.03 ? 11  GLU A N   1 
ATOM   81   C  CA  . GLU A 1 11  ? 14.468  3.328   2.199   1.00 22.44 ? 11  GLU A CA  1 
ATOM   82   C  C   . GLU A 1 11  ? 14.754  3.731   0.764   1.00 22.04 ? 11  GLU A C   1 
ATOM   83   O  O   . GLU A 1 11  ? 14.468  4.829   0.362   1.00 22.37 ? 11  GLU A O   1 
ATOM   84   C  CB  . GLU A 1 11  ? 15.647  3.652   3.130   1.00 27.35 ? 11  GLU A CB  1 
ATOM   85   C  CG  . GLU A 1 11  ? 15.170  3.602   4.576   1.00 26.54 ? 11  GLU A CG  1 
ATOM   86   C  CD  . GLU A 1 11  ? 14.070  4.617   4.871   1.00 30.02 ? 11  GLU A CD  1 
ATOM   87   O  OE1 . GLU A 1 11  ? 12.942  4.210   5.199   1.00 31.90 ? 11  GLU A OE1 1 
ATOM   88   O  OE2 . GLU A 1 11  ? 14.332  5.804   4.774   1.00 34.84 ? 11  GLU A OE2 1 
ATOM   89   N  N   . SER A 1 12  ? 15.345  2.822   0.011   1.00 22.75 ? 12  SER A N   1 
ATOM   90   C  CA  . SER A 1 12  ? 15.783  3.105   -1.370  1.00 26.51 ? 12  SER A CA  1 
ATOM   91   C  C   . SER A 1 12  ? 14.498  3.374   -2.253  1.00 24.89 ? 12  SER A C   1 
ATOM   92   O  O   . SER A 1 12  ? 14.363  4.387   -3.033  1.00 23.00 ? 12  SER A O   1 
ATOM   93   C  CB  . SER A 1 12  ? 16.509  1.878   -1.827  1.00 26.04 ? 12  SER A CB  1 
ATOM   94   O  OG  . SER A 1 12  ? 16.794  1.923   -3.200  1.00 38.15 ? 12  SER A OG  1 
ATOM   95   N  N   . VAL A 1 13  ? 13.525  2.497   -2.063  1.00 21.87 ? 13  VAL A N   1 
ATOM   96   C  CA  . VAL A 1 13  ? 12.235  2.701   -2.715  1.00 22.19 ? 13  VAL A CA  1 
ATOM   97   C  C   . VAL A 1 13  ? 11.519  3.941   -2.264  1.00 22.46 ? 13  VAL A C   1 
ATOM   98   O  O   . VAL A 1 13  ? 10.910  4.711   -3.082  1.00 21.45 ? 13  VAL A O   1 
ATOM   99   C  CB  . VAL A 1 13  ? 11.348  1.505   -2.467  1.00 21.66 ? 13  VAL A CB  1 
ATOM   100  C  CG1 . VAL A 1 13  ? 9.926   1.787   -2.975  1.00 25.16 ? 13  VAL A CG1 1 
ATOM   101  C  CG2 . VAL A 1 13  ? 11.909  0.323   -3.271  1.00 24.52 ? 13  VAL A CG2 1 
ATOM   102  N  N   . ARG A 1 14  ? 11.480  4.150   -0.954  1.00 20.92 ? 14  ARG A N   1 
ATOM   103  C  CA  . ARG A 1 14  ? 10.838  5.375   -0.469  1.00 23.78 ? 14  ARG A CA  1 
ATOM   104  C  C   . ARG A 1 14  ? 11.450  6.632   -1.101  1.00 24.51 ? 14  ARG A C   1 
ATOM   105  O  O   . ARG A 1 14  ? 10.731  7.580   -1.529  1.00 23.36 ? 14  ARG A O   1 
ATOM   106  C  CB  . ARG A 1 14  ? 11.099  5.478   1.030   1.00 26.37 ? 14  ARG A CB  1 
ATOM   107  C  CG  . ARG A 1 14  ? 9.912   5.721   1.876   1.00 30.74 ? 14  ARG A CG  1 
ATOM   108  C  CD  . ARG A 1 14  ? 10.239  5.852   3.441   1.00 31.23 ? 14  ARG A CD  1 
ATOM   109  N  NE  . ARG A 1 14  ? 10.358  4.497   3.942   1.00 33.95 ? 14  ARG A NE  1 
ATOM   110  C  CZ  . ARG A 1 14  ? 9.330   3.647   4.095   1.00 34.49 ? 14  ARG A CZ  1 
ATOM   111  N  NH1 . ARG A 1 14  ? 9.588   2.431   4.537   1.00 37.90 ? 14  ARG A NH1 1 
ATOM   112  N  NH2 . ARG A 1 14  ? 8.046   4.005   3.846   1.00 33.54 ? 14  ARG A NH2 1 
ATOM   113  N  N   . ASP A 1 15  ? 12.772  6.666   -1.166  1.00 25.36 ? 15  ASP A N   1 
ATOM   114  C  CA  . ASP A 1 15  ? 13.456  7.861   -1.675  1.00 26.31 ? 15  ASP A CA  1 
ATOM   115  C  C   . ASP A 1 15  ? 13.081  8.114   -3.163  1.00 24.67 ? 15  ASP A C   1 
ATOM   116  O  O   . ASP A 1 15  ? 12.793  9.252   -3.576  1.00 24.68 ? 15  ASP A O   1 
ATOM   117  C  CB  . ASP A 1 15  ? 14.974  7.702   -1.623  1.00 28.68 ? 15  ASP A CB  1 
ATOM   118  C  CG  . ASP A 1 15  ? 15.589  7.731   -0.179  1.00 36.53 ? 15  ASP A CG  1 
ATOM   119  O  OD1 . ASP A 1 15  ? 15.085  8.437   0.741   1.00 41.44 ? 15  ASP A OD1 1 
ATOM   120  O  OD2 . ASP A 1 15  ? 16.683  7.140   0.058   1.00 42.33 ? 15  ASP A OD2 1 
ATOM   121  N  N   . SER A 1 16  ? 13.044  7.041   -3.933  1.00 21.46 ? 16  SER A N   1 
ATOM   122  C  CA  . SER A 1 16  ? 12.800  7.098   -5.379  1.00 20.71 ? 16  SER A CA  1 
ATOM   123  C  C   . SER A 1 16  ? 11.318  7.522   -5.602  1.00 22.20 ? 16  SER A C   1 
ATOM   124  O  O   . SER A 1 16  ? 11.032  8.385   -6.471  1.00 21.60 ? 16  SER A O   1 
ATOM   125  C  CB  . SER A 1 16  ? 13.085  5.714   -6.009  1.00 21.73 ? 16  SER A CB  1 
ATOM   126  O  OG  . SER A 1 16  ? 12.636  5.623   -7.396  1.00 26.12 ? 16  SER A OG  1 
ATOM   127  N  N   . LEU A 1 17  ? 10.386  6.951   -4.810  1.00 18.67 ? 17  LEU A N   1 
ATOM   128  C  CA  . LEU A 1 17  ? 8.981   7.357   -4.960  1.00 19.95 ? 17  LEU A CA  1 
ATOM   129  C  C   . LEU A 1 17  ? 8.723   8.795   -4.516  1.00 20.66 ? 17  LEU A C   1 
ATOM   130  O  O   . LEU A 1 17  ? 7.876   9.484   -5.101  1.00 22.04 ? 17  LEU A O   1 
ATOM   131  C  CB  . LEU A 1 17  ? 8.030   6.400   -4.176  1.00 19.16 ? 17  LEU A CB  1 
ATOM   132  C  CG  . LEU A 1 17  ? 7.990   4.943   -4.661  1.00 18.83 ? 17  LEU A CG  1 
ATOM   133  C  CD1 . LEU A 1 17  ? 7.023   4.170   -3.800  1.00 18.72 ? 17  LEU A CD1 1 
ATOM   134  C  CD2 . LEU A 1 17  ? 7.465   4.822   -6.109  1.00 19.12 ? 17  LEU A CD2 1 
ATOM   135  N  N   . VAL A 1 18  ? 9.428   9.269   -3.481  1.00 19.68 ? 18  VAL A N   1 
ATOM   136  C  CA  . VAL A 1 18  ? 9.275   10.659  -3.083  1.00 22.72 ? 18  VAL A CA  1 
ATOM   137  C  C   . VAL A 1 18  ? 9.731   11.579  -4.232  1.00 23.04 ? 18  VAL A C   1 
ATOM   138  O  O   . VAL A 1 18  ? 9.043   12.579  -4.588  1.00 23.41 ? 18  VAL A O   1 
ATOM   139  C  CB  . VAL A 1 18  ? 10.027  10.981  -1.718  1.00 21.01 ? 18  VAL A CB  1 
ATOM   140  C  CG1 . VAL A 1 18  ? 10.157  12.492  -1.541  1.00 24.85 ? 18  VAL A CG1 1 
ATOM   141  C  CG2 . VAL A 1 18  ? 9.232   10.337  -0.522  1.00 25.03 ? 18  VAL A CG2 1 
ATOM   142  N  N   . ARG A 1 19  ? 10.881  11.251  -4.831  1.00 22.56 ? 19  ARG A N   1 
ATOM   143  C  CA  . ARG A 1 19  ? 11.359  12.055  -5.996  1.00 23.06 ? 19  ARG A CA  1 
ATOM   144  C  C   . ARG A 1 19  ? 10.384  12.023  -7.162  1.00 21.99 ? 19  ARG A C   1 
ATOM   145  O  O   . ARG A 1 19  ? 10.179  13.059  -7.859  1.00 24.10 ? 19  ARG A O   1 
ATOM   146  C  CB  . ARG A 1 19  ? 12.798  11.582  -6.378  1.00 22.87 ? 19  ARG A CB  1 
ATOM   147  C  CG  . ARG A 1 19  ? 13.783  11.998  -5.261  1.00 27.66 ? 19  ARG A CG  1 
ATOM   148  C  CD  . ARG A 1 19  ? 15.155  11.333  -5.400  1.00 36.08 ? 19  ARG A CD  1 
ATOM   149  N  NE  . ARG A 1 19  ? 16.216  11.848  -4.519  1.00 42.73 ? 19  ARG A NE  1 
ATOM   150  C  CZ  . ARG A 1 19  ? 16.925  12.961  -4.767  1.00 48.15 ? 19  ARG A CZ  1 
ATOM   151  N  NH1 . ARG A 1 19  ? 16.653  13.742  -5.840  1.00 46.68 ? 19  ARG A NH1 1 
ATOM   152  N  NH2 . ARG A 1 19  ? 17.895  13.327  -3.934  1.00 49.60 ? 19  ARG A NH2 1 
ATOM   153  N  N   . ALA A 1 20  ? 9.730   10.875  -7.389  1.00 21.21 ? 20  ALA A N   1 
ATOM   154  C  CA  . ALA A 1 20  ? 8.725   10.781  -8.388  1.00 19.14 ? 20  ALA A CA  1 
ATOM   155  C  C   . ALA A 1 20  ? 7.529   11.658  -8.038  1.00 22.31 ? 20  ALA A C   1 
ATOM   156  O  O   . ALA A 1 20  ? 7.052   12.389  -8.908  1.00 20.76 ? 20  ALA A O   1 
ATOM   157  C  CB  . ALA A 1 20  ? 8.223   9.225   -8.694  1.00 21.61 ? 20  ALA A CB  1 
ATOM   158  N  N   . GLN A 1 21  ? 7.040   11.595  -6.783  1.00 22.10 ? 21  GLN A N   1 
ATOM   159  C  CA  . GLN A 1 21  ? 6.020   12.578  -6.359  1.00 23.88 ? 21  GLN A CA  1 
ATOM   160  C  C   . GLN A 1 21  ? 6.389   14.070  -6.662  1.00 23.97 ? 21  GLN A C   1 
ATOM   161  O  O   . GLN A 1 21  ? 5.555   14.893  -7.135  1.00 24.10 ? 21  GLN A O   1 
ATOM   162  C  CB  . GLN A 1 21  ? 5.796   12.473  -4.842  1.00 24.36 ? 21  GLN A CB  1 
ATOM   163  C  CG  . GLN A 1 21  ? 5.185   11.113  -4.388  1.00 23.29 ? 21  GLN A CG  1 
ATOM   164  C  CD  . GLN A 1 21  ? 5.114   11.045  -2.886  1.00 25.09 ? 21  GLN A CD  1 
ATOM   165  O  OE1 . GLN A 1 21  ? 6.068   11.452  -2.200  1.00 25.99 ? 21  GLN A OE1 1 
ATOM   166  N  NE2 . GLN A 1 21  ? 3.967   10.543  -2.347  1.00 26.25 ? 21  GLN A NE2 1 
ATOM   167  N  N   . ASP A 1 22  ? 7.591   14.469  -6.300  1.00 25.76 ? 22  ASP A N   1 
ATOM   168  C  CA  . ASP A 1 22  ? 8.059   15.824  -6.602  1.00 26.82 ? 22  ASP A CA  1 
ATOM   169  C  C   . ASP A 1 22  ? 8.013   16.148  -8.063  1.00 26.25 ? 22  ASP A C   1 
ATOM   170  O  O   . ASP A 1 22  ? 7.712   17.293  -8.487  1.00 27.34 ? 22  ASP A O   1 
ATOM   171  C  CB  . ASP A 1 22  ? 9.474   16.051  -6.070  1.00 25.51 ? 22  ASP A CB  1 
ATOM   172  C  CG  . ASP A 1 22  ? 9.512   16.049  -4.588  1.00 31.46 ? 22  ASP A CG  1 
ATOM   173  O  OD1 . ASP A 1 22  ? 10.616  15.815  -4.009  1.00 36.85 ? 22  ASP A OD1 1 
ATOM   174  O  OD2 . ASP A 1 22  ? 8.481   16.221  -3.952  1.00 30.52 ? 22  ASP A OD2 1 
ATOM   175  N  N   . TYR A 1 23  ? 8.334   15.162  -8.872  1.00 26.36 ? 23  TYR A N   1 
ATOM   176  C  CA  . TYR A 1 23  ? 8.393   15.385  -10.289 1.00 25.87 ? 23  TYR A CA  1 
ATOM   177  C  C   . TYR A 1 23  ? 6.952   15.546  -10.820 1.00 26.19 ? 23  TYR A C   1 
ATOM   178  O  O   . TYR A 1 23  ? 6.657   16.424  -11.633 1.00 24.29 ? 23  TYR A O   1 
ATOM   179  C  CB  . TYR A 1 23  ? 9.132   14.237  -11.006 1.00 24.28 ? 23  TYR A CB  1 
ATOM   180  C  CG  . TYR A 1 23  ? 8.919   14.251  -12.498 1.00 27.86 ? 23  TYR A CG  1 
ATOM   181  C  CD1 . TYR A 1 23  ? 8.216   13.223  -13.151 1.00 26.93 ? 23  TYR A CD1 1 
ATOM   182  C  CD2 . TYR A 1 23  ? 9.433   15.297  -13.261 1.00 28.19 ? 23  TYR A CD2 1 
ATOM   183  C  CE1 . TYR A 1 23  ? 8.031   13.215  -14.545 1.00 33.62 ? 23  TYR A CE1 1 
ATOM   184  C  CE2 . TYR A 1 23  ? 9.262   15.318  -14.664 1.00 32.77 ? 23  TYR A CE2 1 
ATOM   185  C  CZ  . TYR A 1 23  ? 8.563   14.305  -15.295 1.00 34.88 ? 23  TYR A CZ  1 
ATOM   186  O  OH  . TYR A 1 23  ? 8.373   14.380  -16.658 1.00 37.67 ? 23  TYR A OH  1 
ATOM   187  N  N   . ILE A 1 24  ? 6.027   14.764  -10.308 1.00 25.84 ? 24  ILE A N   1 
ATOM   188  C  CA  . ILE A 1 24  ? 4.629   15.012  -10.630 1.00 25.53 ? 24  ILE A CA  1 
ATOM   189  C  C   . ILE A 1 24  ? 4.179   16.399  -10.201 1.00 26.77 ? 24  ILE A C   1 
ATOM   190  O  O   . ILE A 1 24  ? 3.568   17.147  -11.024 1.00 28.49 ? 24  ILE A O   1 
ATOM   191  C  CB  . ILE A 1 24  ? 3.680   13.871  -10.049 1.00 25.09 ? 24  ILE A CB  1 
ATOM   192  C  CG1 . ILE A 1 24  ? 3.984   12.539  -10.788 1.00 26.23 ? 24  ILE A CG1 1 
ATOM   193  C  CG2 . ILE A 1 24  ? 2.238   14.314  -10.254 1.00 23.87 ? 24  ILE A CG2 1 
ATOM   194  C  CD1 . ILE A 1 24  ? 3.558   11.201  -10.050 1.00 27.77 ? 24  ILE A CD1 1 
ATOM   195  N  N   . GLY A 1 25  ? 4.415   16.719  -8.927  1.00 27.58 ? 25  GLY A N   1 
ATOM   196  C  CA  . GLY A 1 25  ? 4.149   18.005  -8.314  1.00 28.14 ? 25  GLY A CA  1 
ATOM   197  C  C   . GLY A 1 25  ? 2.677   18.423  -8.399  1.00 29.66 ? 25  GLY A C   1 
ATOM   198  O  O   . GLY A 1 25  ? 1.823   17.570  -8.497  1.00 27.79 ? 25  GLY A O   1 
ATOM   199  N  N   . SER A 1 26  ? 2.417   19.732  -8.423  1.00 30.45 ? 26  SER A N   1 
ATOM   200  C  CA  . SER A 1 26  ? 1.054   20.275  -8.260  1.00 33.40 ? 26  SER A CA  1 
ATOM   201  C  C   . SER A 1 26  ? 0.602   21.247  -9.332  1.00 33.73 ? 26  SER A C   1 
ATOM   202  O  O   . SER A 1 26  ? -0.489  21.882  -9.223  1.00 32.52 ? 26  SER A O   1 
ATOM   203  C  CB  . SER A 1 26  ? 0.949   20.906  -6.886  1.00 34.43 ? 26  SER A CB  1 
ATOM   204  O  OG  . SER A 1 26  ? 1.745   22.110  -6.899  1.00 42.55 ? 26  SER A OG  1 
ATOM   205  N  N   . LYS A 1 27  ? 1.394   21.296  -10.414 1.00 33.96 ? 27  LYS A N   1 
ATOM   206  C  CA  . LYS A 1 27  ? 1.082   22.147  -11.560 1.00 35.15 ? 27  LYS A CA  1 
ATOM   207  C  C   . LYS A 1 27  ? 0.008   21.611  -12.517 1.00 33.66 ? 27  LYS A C   1 
ATOM   208  O  O   . LYS A 1 27  ? -0.739  22.403  -13.068 1.00 34.70 ? 27  LYS A O   1 
ATOM   209  C  CB  . LYS A 1 27  ? 2.391   22.451  -12.348 1.00 32.94 ? 27  LYS A CB  1 
ATOM   210  C  CG  . LYS A 1 27  ? 2.854   23.860  -12.174 1.00 39.92 ? 27  LYS A CG  1 
ATOM   211  C  CD  . LYS A 1 27  ? 3.097   24.285  -10.691 1.00 46.58 ? 27  LYS A CD  1 
ATOM   212  C  CE  . LYS A 1 27  ? 2.664   25.734  -10.447 1.00 46.83 ? 27  LYS A CE  1 
ATOM   213  N  NZ  . LYS A 1 27  ? 2.949   26.179  -9.046  1.00 53.15 ? 27  LYS A NZ  1 
ATOM   214  N  N   . GLU A 1 28  ? 0.004   20.311  -12.832 1.00 30.58 ? 28  GLU A N   1 
ATOM   215  C  CA  . GLU A 1 28  ? -1.022  19.766  -13.670 1.00 28.88 ? 28  GLU A CA  1 
ATOM   216  C  C   . GLU A 1 28  ? -2.295  19.314  -12.889 1.00 28.05 ? 28  GLU A C   1 
ATOM   217  O  O   . GLU A 1 28  ? -3.302  19.081  -13.501 1.00 26.12 ? 28  GLU A O   1 
ATOM   218  C  CB  . GLU A 1 28  ? -0.492  18.612  -14.533 1.00 29.01 ? 28  GLU A CB  1 
ATOM   219  C  CG  . GLU A 1 28  ? 0.740   18.935  -15.436 1.00 32.86 ? 28  GLU A CG  1 
ATOM   220  C  CD  . GLU A 1 28  ? 2.049   19.112  -14.641 1.00 38.05 ? 28  GLU A CD  1 
ATOM   221  O  OE1 . GLU A 1 28  ? 2.959   19.832  -15.070 1.00 41.19 ? 28  GLU A OE1 1 
ATOM   222  O  OE2 . GLU A 1 28  ? 2.218   18.527  -13.558 1.00 41.27 ? 28  GLU A OE2 1 
ATOM   223  N  N   . ALA A 1 29  ? -2.204  19.160  -11.564 1.00 26.84 ? 29  ALA A N   1 
ATOM   224  C  CA  . ALA A 1 29  ? -3.330  18.725  -10.725 1.00 27.47 ? 29  ALA A CA  1 
ATOM   225  C  C   . ALA A 1 29  ? -3.084  19.073  -9.273  1.00 27.07 ? 29  ALA A C   1 
ATOM   226  O  O   . ALA A 1 29  ? -1.961  19.155  -8.842  1.00 27.76 ? 29  ALA A O   1 
ATOM   227  C  CB  . ALA A 1 29  ? -3.576  17.226  -10.826 1.00 28.43 ? 29  ALA A CB  1 
ATOM   228  N  N   . LYS A 1 30  ? -4.159  19.302  -8.532  1.00 26.58 ? 30  LYS A N   1 
ATOM   229  C  CA  . LYS A 1 30  ? -4.049  19.464  -7.106  1.00 28.77 ? 30  LYS A CA  1 
ATOM   230  C  C   . LYS A 1 30  ? -4.064  18.038  -6.527  1.00 28.95 ? 30  LYS A C   1 
ATOM   231  O  O   . LYS A 1 30  ? -5.050  17.289  -6.705  1.00 30.19 ? 30  LYS A O   1 
ATOM   232  C  CB  . LYS A 1 30  ? -5.244  20.257  -6.519  1.00 28.43 ? 30  LYS A CB  1 
ATOM   233  C  CG  . LYS A 1 30  ? -4.989  20.512  -5.070  1.00 24.82 ? 30  LYS A CG  1 
ATOM   234  C  CD  . LYS A 1 30  ? -6.026  21.557  -4.569  1.00 30.35 ? 30  LYS A CD  1 
ATOM   235  C  CE  . LYS A 1 30  ? -5.775  21.918  -3.137  1.00 28.38 ? 30  LYS A CE  1 
ATOM   236  N  NZ  . LYS A 1 30  ? -4.485  22.597  -2.844  1.00 28.71 ? 30  LYS A NZ  1 
ATOM   237  N  N   . ILE A 1 31  ? -2.954  17.678  -5.897  1.00 28.87 ? 31  ILE A N   1 
ATOM   238  C  CA  . ILE A 1 31  ? -2.755  16.287  -5.398  1.00 25.72 ? 31  ILE A CA  1 
ATOM   239  C  C   . ILE A 1 31  ? -2.366  16.360  -3.957  1.00 26.56 ? 31  ILE A C   1 
ATOM   240  O  O   . ILE A 1 31  ? -1.492  17.105  -3.545  1.00 28.46 ? 31  ILE A O   1 
ATOM   241  C  CB  . ILE A 1 31  ? -1.687  15.495  -6.187  1.00 25.06 ? 31  ILE A CB  1 
ATOM   242  C  CG1 . ILE A 1 31  ? -2.095  15.385  -7.679  1.00 24.19 ? 31  ILE A CG1 1 
ATOM   243  C  CG2 . ILE A 1 31  ? -1.428  14.043  -5.496  1.00 22.66 ? 31  ILE A CG2 1 
ATOM   244  C  CD1 . ILE A 1 31  ? -0.959  15.039  -8.703  1.00 23.32 ? 31  ILE A CD1 1 
ATOM   245  N  N   . LYS A 1 32  ? -3.070  15.617  -3.153  1.00 28.06 ? 32  LYS A N   1 
ATOM   246  C  CA  . LYS A 1 32  ? -2.618  15.421  -1.792  1.00 28.80 ? 32  LYS A CA  1 
ATOM   247  C  C   . LYS A 1 32  ? -1.687  14.178  -1.829  1.00 27.48 ? 32  LYS A C   1 
ATOM   248  O  O   . LYS A 1 32  ? -2.147  13.030  -1.969  1.00 25.40 ? 32  LYS A O   1 
ATOM   249  C  CB  . LYS A 1 32  ? -3.848  15.222  -0.860  1.00 30.91 ? 32  LYS A CB  1 
ATOM   250  C  CG  . LYS A 1 32  ? -3.512  14.704  0.594   1.00 36.68 ? 32  LYS A CG  1 
ATOM   251  C  CD  . LYS A 1 32  ? -2.761  15.710  1.377   1.00 47.38 ? 32  LYS A CD  1 
ATOM   252  C  CE  . LYS A 1 32  ? -1.386  15.159  1.832   1.00 55.88 ? 32  LYS A CE  1 
ATOM   253  N  NZ  . LYS A 1 32  ? -0.251  16.175  1.614   1.00 60.39 ? 32  LYS A NZ  1 
ATOM   254  N  N   . PHE A 1 33  ? -0.410  14.420  -1.677  1.00 26.30 ? 33  PHE A N   1 
ATOM   255  C  CA  . PHE A 1 33  ? 0.573   13.311  -1.744  1.00 28.05 ? 33  PHE A CA  1 
ATOM   256  C  C   . PHE A 1 33  ? 0.717   12.527  -0.407  1.00 27.78 ? 33  PHE A C   1 
ATOM   257  O  O   . PHE A 1 33  ? 0.687   13.129  0.695   1.00 26.08 ? 33  PHE A O   1 
ATOM   258  C  CB  . PHE A 1 33  ? 1.978   13.860  -2.145  1.00 27.20 ? 33  PHE A CB  1 
ATOM   259  C  CG  . PHE A 1 33  ? 2.059   14.290  -3.594  1.00 28.28 ? 33  PHE A CG  1 
ATOM   260  C  CD1 . PHE A 1 33  ? 2.051   15.655  -3.926  1.00 28.32 ? 33  PHE A CD1 1 
ATOM   261  C  CD2 . PHE A 1 33  ? 2.111   13.332  -4.624  1.00 25.81 ? 33  PHE A CD2 1 
ATOM   262  C  CE1 . PHE A 1 33  ? 2.084   16.032  -5.282  1.00 23.80 ? 33  PHE A CE1 1 
ATOM   263  C  CE2 . PHE A 1 33  ? 2.199   13.705  -5.979  1.00 27.89 ? 33  PHE A CE2 1 
ATOM   264  C  CZ  . PHE A 1 33  ? 2.154   15.072  -6.292  1.00 26.02 ? 33  PHE A CZ  1 
ATOM   265  N  N   . VAL A 1 34  ? 0.940   11.218  -0.519  1.00 28.78 ? 34  VAL A N   1 
ATOM   266  C  CA  . VAL A 1 34  ? 1.281   10.382  0.660   1.00 28.36 ? 34  VAL A CA  1 
ATOM   267  C  C   . VAL A 1 34  ? 2.610   10.721  1.287   1.00 31.69 ? 34  VAL A C   1 
ATOM   268  O  O   . VAL A 1 34  ? 3.628   10.810  0.573   1.00 29.36 ? 34  VAL A O   1 
ATOM   269  C  CB  . VAL A 1 34  ? 1.136   8.874   0.292   1.00 29.65 ? 34  VAL A CB  1 
ATOM   270  C  CG1 . VAL A 1 34  ? 1.513   7.941   1.467   1.00 30.16 ? 34  VAL A CG1 1 
ATOM   271  C  CG2 . VAL A 1 34  ? -0.329  8.598   -0.132  1.00 25.87 ? 34  VAL A CG2 1 
ATOM   272  N  N   . GLU A 1 35  ? 2.649   10.859  2.637   1.00 29.80 ? 35  GLU A N   1 
ATOM   273  C  CA  . GLU A 1 35  ? 3.888   11.184  3.261   1.00 31.69 ? 35  GLU A CA  1 
ATOM   274  C  C   . GLU A 1 35  ? 4.806   9.990   3.168   1.00 29.31 ? 35  GLU A C   1 
ATOM   275  O  O   . GLU A 1 35  ? 4.350   8.841   3.164   1.00 28.43 ? 35  GLU A O   1 
ATOM   276  C  CB  . GLU A 1 35  ? 3.716   11.564  4.734   1.00 33.17 ? 35  GLU A CB  1 
ATOM   277  C  CG  . GLU A 1 35  ? 3.066   12.895  4.948   1.00 40.56 ? 35  GLU A CG  1 
ATOM   278  C  CD  . GLU A 1 35  ? 4.007   14.085  4.852   1.00 50.71 ? 35  GLU A CD  1 
ATOM   279  O  OE1 . GLU A 1 35  ? 5.273   13.939  4.791   1.00 54.69 ? 35  GLU A OE1 1 
ATOM   280  O  OE2 . GLU A 1 35  ? 3.447   15.213  4.856   1.00 57.36 ? 35  GLU A OE2 1 
ATOM   281  N  N   . ARG A 1 36  ? 6.095   10.298  3.130   1.00 29.69 ? 36  ARG A N   1 
ATOM   282  C  CA  . ARG A 1 36  ? 7.132   9.310   2.822   1.00 31.61 ? 36  ARG A CA  1 
ATOM   283  C  C   . ARG A 1 36  ? 7.013   8.113   3.786   1.00 32.09 ? 36  ARG A C   1 
ATOM   284  O  O   . ARG A 1 36  ? 7.037   6.972   3.370   1.00 29.07 ? 36  ARG A O   1 
ATOM   285  C  CB  . ARG A 1 36  ? 8.501   9.948   2.898   1.00 31.45 ? 36  ARG A CB  1 
ATOM   286  C  CG  . ARG A 1 36  ? 9.595   9.008   3.330   1.00 34.21 ? 36  ARG A CG  1 
ATOM   287  C  CD  . ARG A 1 36  ? 10.854  9.622   3.996   1.00 39.40 ? 36  ARG A CD  1 
ATOM   288  N  NE  . ARG A 1 36  ? 11.714  9.936   2.888   1.00 42.55 ? 36  ARG A NE  1 
ATOM   289  C  CZ  . ARG A 1 36  ? 12.716  9.213   2.405   1.00 41.55 ? 36  ARG A CZ  1 
ATOM   290  N  NH1 . ARG A 1 36  ? 13.173  8.113   3.010   1.00 45.18 ? 36  ARG A NH1 1 
ATOM   291  N  NH2 . ARG A 1 36  ? 13.308  9.668   1.307   1.00 37.87 ? 36  ARG A NH2 1 
ATOM   292  N  N   . GLU A 1 37  ? 6.788   8.379   5.072   1.00 33.40 ? 37  GLU A N   1 
ATOM   293  C  CA  . GLU A 1 37  ? 6.754   7.256   6.043   1.00 35.21 ? 37  GLU A CA  1 
ATOM   294  C  C   . GLU A 1 37  ? 5.524   6.374   5.853   1.00 34.96 ? 37  GLU A C   1 
ATOM   295  O  O   . GLU A 1 37  ? 5.460   5.255   6.366   1.00 35.59 ? 37  GLU A O   1 
ATOM   296  C  CB  . GLU A 1 37  ? 6.795   7.784   7.498   1.00 36.89 ? 37  GLU A CB  1 
ATOM   297  C  CG  . GLU A 1 37  ? 5.619   8.721   7.761   1.00 37.25 ? 37  GLU A CG  1 
ATOM   298  C  CD  . GLU A 1 37  ? 6.008   10.177  7.508   1.00 42.93 ? 37  GLU A CD  1 
ATOM   299  O  OE1 . GLU A 1 37  ? 5.306   11.089  8.043   1.00 44.36 ? 37  GLU A OE1 1 
ATOM   300  O  OE2 . GLU A 1 37  ? 7.044   10.409  6.795   1.00 35.73 ? 37  GLU A OE2 1 
ATOM   301  N  N   . ASN A 1 38  ? 4.537   6.856   5.102   1.00 31.72 ? 38  ASN A N   1 
ATOM   302  C  CA  . ASN A 1 38  ? 3.335   6.112   4.953   1.00 29.02 ? 38  ASN A CA  1 
ATOM   303  C  C   . ASN A 1 38  ? 3.229   5.359   3.608   1.00 28.11 ? 38  ASN A C   1 
ATOM   304  O  O   . ASN A 1 38  ? 2.211   4.816   3.298   1.00 28.83 ? 38  ASN A O   1 
ATOM   305  C  CB  . ASN A 1 38  ? 2.149   7.065   5.120   1.00 29.23 ? 38  ASN A CB  1 
ATOM   306  C  CG  . ASN A 1 38  ? 2.097   7.665   6.545   1.00 33.29 ? 38  ASN A CG  1 
ATOM   307  O  OD1 . ASN A 1 38  ? 1.517   8.740   6.782   1.00 37.65 ? 38  ASN A OD1 1 
ATOM   308  N  ND2 . ASN A 1 38  ? 2.757   7.000   7.470   1.00 32.56 ? 38  ASN A ND2 1 
ATOM   309  N  N   . LEU A 1 39  ? 4.273   5.385   2.780   1.00 26.51 ? 39  LEU A N   1 
ATOM   310  C  CA  . LEU A 1 39  ? 4.257   4.609   1.541   1.00 23.43 ? 39  LEU A CA  1 
ATOM   311  C  C   . LEU A 1 39  ? 4.361   3.121   1.886   1.00 24.63 ? 39  LEU A C   1 
ATOM   312  O  O   . LEU A 1 39  ? 5.380   2.689   2.447   1.00 23.67 ? 39  LEU A O   1 
ATOM   313  C  CB  . LEU A 1 39  ? 5.481   5.010   0.696   1.00 23.51 ? 39  LEU A CB  1 
ATOM   314  C  CG  . LEU A 1 39  ? 5.427   6.498   0.224   1.00 21.47 ? 39  LEU A CG  1 
ATOM   315  C  CD1 . LEU A 1 39  ? 6.812   6.961   -0.339  1.00 22.31 ? 39  LEU A CD1 1 
ATOM   316  C  CD2 . LEU A 1 39  ? 4.391   6.476   -0.845  1.00 22.34 ? 39  LEU A CD2 1 
ATOM   317  N  N   . HIS A 1 40  ? 3.355   2.315   1.542   1.00 21.89 ? 40  HIS A N   1 
ATOM   318  C  CA  . HIS A 1 40  ? 3.400   0.912   1.851   1.00 24.07 ? 40  HIS A CA  1 
ATOM   319  C  C   . HIS A 1 40  ? 2.343   0.277   0.971   1.00 23.54 ? 40  HIS A C   1 
ATOM   320  O  O   . HIS A 1 40  ? 1.602   0.960   0.288   1.00 22.74 ? 40  HIS A O   1 
ATOM   321  C  CB  . HIS A 1 40  ? 2.959   0.617   3.356   1.00 23.83 ? 40  HIS A CB  1 
ATOM   322  C  CG  . HIS A 1 40  ? 1.626   1.178   3.682   1.00 29.03 ? 40  HIS A CG  1 
ATOM   323  N  ND1 . HIS A 1 40  ? 1.460   2.285   4.481   1.00 37.47 ? 40  HIS A ND1 1 
ATOM   324  C  CD2 . HIS A 1 40  ? 0.396   0.857   3.221   1.00 31.87 ? 40  HIS A CD2 1 
ATOM   325  C  CE1 . HIS A 1 40  ? 0.174   2.582   4.543   1.00 34.64 ? 40  HIS A CE1 1 
ATOM   326  N  NE2 . HIS A 1 40  ? -0.489  1.724   3.793   1.00 36.91 ? 40  HIS A NE2 1 
ATOM   327  N  N   . ILE A 1 41  ? 2.355   -1.050  0.990   1.00 22.93 ? 41  ILE A N   1 
ATOM   328  C  CA  . ILE A 1 41  ? 1.365   -1.874  0.284   1.00 21.76 ? 41  ILE A CA  1 
ATOM   329  C  C   . ILE A 1 41  ? 0.315   -2.292  1.315   1.00 22.53 ? 41  ILE A C   1 
ATOM   330  O  O   . ILE A 1 41  ? 0.654   -3.054  2.222   1.00 22.18 ? 41  ILE A O   1 
ATOM   331  C  CB  . ILE A 1 41  ? 2.001   -3.108  -0.331  1.00 20.57 ? 41  ILE A CB  1 
ATOM   332  C  CG1 . ILE A 1 41  ? 3.082   -2.732  -1.398  1.00 19.75 ? 41  ILE A CG1 1 
ATOM   333  C  CG2 . ILE A 1 41  ? 0.875   -3.921  -1.010  1.00 22.96 ? 41  ILE A CG2 1 
ATOM   334  C  CD1 . ILE A 1 41  ? 4.064   -3.829  -1.713  1.00 21.82 ? 41  ILE A CD1 1 
ATOM   335  N  N   . THR A 1 42  ? -0.946  -1.816  1.184   1.00 22.58 ? 42  THR A N   1 
ATOM   336  C  CA  . THR A 1 42  ? -2.033  -2.363  2.025   1.00 25.08 ? 42  THR A CA  1 
ATOM   337  C  C   . THR A 1 42  ? -2.547  -3.766  1.633   1.00 25.53 ? 42  THR A C   1 
ATOM   338  O  O   . THR A 1 42  ? -2.989  -3.959  0.500   1.00 27.14 ? 42  THR A O   1 
ATOM   339  C  CB  . THR A 1 42  ? -3.206  -1.382  2.056   1.00 25.76 ? 42  THR A CB  1 
ATOM   340  O  OG1 . THR A 1 42  ? -2.737  -0.203  2.678   1.00 26.87 ? 42  THR A OG1 1 
ATOM   341  C  CG2 . THR A 1 42  ? -4.319  -1.897  3.128   1.00 23.56 ? 42  THR A CG2 1 
ATOM   342  N  N   . LEU A 1 43  ? -2.528  -4.750  2.557   1.00 23.04 ? 43  LEU A N   1 
ATOM   343  C  CA  . LEU A 1 43  ? -3.104  -6.098  2.200   1.00 23.37 ? 43  LEU A CA  1 
ATOM   344  C  C   . LEU A 1 43  ? -4.570  -6.209  2.590   1.00 23.91 ? 43  LEU A C   1 
ATOM   345  O  O   . LEU A 1 43  ? -5.342  -6.941  1.905   1.00 25.79 ? 43  LEU A O   1 
ATOM   346  C  CB  . LEU A 1 43  ? -2.332  -7.189  2.980   1.00 23.18 ? 43  LEU A CB  1 
ATOM   347  C  CG  . LEU A 1 43  ? -0.845  -7.177  2.734   1.00 25.40 ? 43  LEU A CG  1 
ATOM   348  C  CD1 . LEU A 1 43  ? -0.226  -8.332  3.554   1.00 27.10 ? 43  LEU A CD1 1 
ATOM   349  C  CD2 . LEU A 1 43  ? -0.636  -7.280  1.194   1.00 28.10 ? 43  LEU A CD2 1 
ATOM   350  N  N   . LYS A 1 44  ? -4.981  -5.483  3.639   1.00 22.27 ? 44  LYS A N   1 
ATOM   351  C  CA  . LYS A 1 44  ? -6.375  -5.567  4.041   1.00 25.77 ? 44  LYS A CA  1 
ATOM   352  C  C   . LYS A 1 44  ? -6.674  -4.481  4.993   1.00 27.48 ? 44  LYS A C   1 
ATOM   353  O  O   . LYS A 1 44  ? -5.902  -4.246  5.912   1.00 26.66 ? 44  LYS A O   1 
ATOM   354  C  CB  . LYS A 1 44  ? -6.702  -6.869  4.786   1.00 26.88 ? 44  LYS A CB  1 
ATOM   355  C  CG  . LYS A 1 44  ? -8.299  -7.089  4.947   1.00 25.42 ? 44  LYS A CG  1 
ATOM   356  C  CD  . LYS A 1 44  ? -8.528  -8.488  5.590   1.00 29.19 ? 44  LYS A CD  1 
ATOM   357  C  CE  . LYS A 1 44  ? -9.985  -8.631  6.028   1.00 28.21 ? 44  LYS A CE  1 
ATOM   358  N  NZ  . LYS A 1 44  ? -10.879 -8.440  4.796   1.00 27.65 ? 44  LYS A NZ  1 
ATOM   359  N  N   . PHE A 1 45  ? -7.835  -3.860  4.824   1.00 27.36 ? 45  PHE A N   1 
ATOM   360  C  CA  . PHE A 1 45  ? -8.241  -2.860  5.760   1.00 28.17 ? 45  PHE A CA  1 
ATOM   361  C  C   . PHE A 1 45  ? -9.224  -3.522  6.755   1.00 29.07 ? 45  PHE A C   1 
ATOM   362  O  O   . PHE A 1 45  ? -10.156 -4.276  6.372   1.00 27.97 ? 45  PHE A O   1 
ATOM   363  C  CB  . PHE A 1 45  ? -8.898  -1.698  4.974   1.00 30.40 ? 45  PHE A CB  1 
ATOM   364  C  CG  . PHE A 1 45  ? -9.468  -0.674  5.849   1.00 35.24 ? 45  PHE A CG  1 
ATOM   365  C  CD1 . PHE A 1 45  ? -8.631  0.250   6.493   1.00 41.59 ? 45  PHE A CD1 1 
ATOM   366  C  CD2 . PHE A 1 45  ? -10.828 -0.656  6.136   1.00 41.09 ? 45  PHE A CD2 1 
ATOM   367  C  CE1 . PHE A 1 45  ? -9.180  1.177   7.348   1.00 41.04 ? 45  PHE A CE1 1 
ATOM   368  C  CE2 . PHE A 1 45  ? -11.353 0.312   6.998   1.00 38.22 ? 45  PHE A CE2 1 
ATOM   369  C  CZ  . PHE A 1 45  ? -10.526 1.193   7.592   1.00 37.03 ? 45  PHE A CZ  1 
ATOM   370  N  N   . LEU A 1 46  ? -9.070  -3.216  8.025   1.00 27.59 ? 46  LEU A N   1 
ATOM   371  C  CA  . LEU A 1 46  ? -9.858  -3.920  9.038   1.00 27.04 ? 46  LEU A CA  1 
ATOM   372  C  C   . LEU A 1 46  ? -10.920 -3.082  9.666   1.00 30.86 ? 46  LEU A C   1 
ATOM   373  O  O   . LEU A 1 46  ? -11.777 -3.640  10.325  1.00 34.43 ? 46  LEU A O   1 
ATOM   374  C  CB  . LEU A 1 46  ? -8.968  -4.436  10.206  1.00 25.51 ? 46  LEU A CB  1 
ATOM   375  C  CG  . LEU A 1 46  ? -7.853  -5.378  9.722   1.00 19.87 ? 46  LEU A CG  1 
ATOM   376  C  CD1 . LEU A 1 46  ? -6.847  -5.747  10.866  1.00 21.49 ? 46  LEU A CD1 1 
ATOM   377  C  CD2 . LEU A 1 46  ? -8.488  -6.630  9.242   1.00 22.45 ? 46  LEU A CD2 1 
ATOM   378  N  N   . GLY A 1 47  ? -10.795 -1.761  9.637   1.00 30.07 ? 47  GLY A N   1 
ATOM   379  C  CA  . GLY A 1 47  ? -11.704 -0.937  10.398  1.00 31.46 ? 47  GLY A CA  1 
ATOM   380  C  C   . GLY A 1 47  ? -11.361 -0.838  11.869  1.00 32.62 ? 47  GLY A C   1 
ATOM   381  O  O   . GLY A 1 47  ? -10.250 -1.131  12.313  1.00 30.33 ? 47  GLY A O   1 
ATOM   382  N  N   . GLU A 1 48  ? -12.333 -0.421  12.669  1.00 32.10 ? 48  GLU A N   1 
ATOM   383  C  CA  . GLU A 1 48  ? -12.107 -0.361  14.101  1.00 35.53 ? 48  GLU A CA  1 
ATOM   384  C  C   . GLU A 1 48  ? -12.232 -1.759  14.738  1.00 34.19 ? 48  GLU A C   1 
ATOM   385  O  O   . GLU A 1 48  ? -13.235 -2.394  14.558  1.00 34.54 ? 48  GLU A O   1 
ATOM   386  C  CB  . GLU A 1 48  ? -13.151 0.574   14.718  1.00 37.63 ? 48  GLU A CB  1 
ATOM   387  C  CG  . GLU A 1 48  ? -12.894 2.022   14.340  1.00 42.60 ? 48  GLU A CG  1 
ATOM   388  C  CD  . GLU A 1 48  ? -13.917 2.968   14.949  1.00 52.92 ? 48  GLU A CD  1 
ATOM   389  O  OE1 . GLU A 1 48  ? -14.490 3.763   14.143  1.00 54.69 ? 48  GLU A OE1 1 
ATOM   390  O  OE2 . GLU A 1 48  ? -14.122 2.921   16.215  1.00 50.78 ? 48  GLU A OE2 1 
ATOM   391  N  N   . ILE A 1 49  ? -11.232 -2.223  15.494  1.00 32.27 ? 49  ILE A N   1 
ATOM   392  C  CA  . ILE A 1 49  ? -11.265 -3.577  16.018  1.00 30.06 ? 49  ILE A CA  1 
ATOM   393  C  C   . ILE A 1 49  ? -11.049 -3.551  17.515  1.00 30.12 ? 49  ILE A C   1 
ATOM   394  O  O   . ILE A 1 49  ? -10.484 -2.565  18.061  1.00 29.67 ? 49  ILE A O   1 
ATOM   395  C  CB  . ILE A 1 49  ? -10.173 -4.504  15.349  1.00 30.03 ? 49  ILE A CB  1 
ATOM   396  C  CG1 . ILE A 1 49  ? -8.767  -4.048  15.694  1.00 28.47 ? 49  ILE A CG1 1 
ATOM   397  C  CG2 . ILE A 1 49  ? -10.427 -4.723  13.842  1.00 31.47 ? 49  ILE A CG2 1 
ATOM   398  C  CD1 . ILE A 1 49  ? -7.692  -5.011  15.071  1.00 27.10 ? 49  ILE A CD1 1 
ATOM   399  N  N   . THR A 1 50  ? -11.486 -4.616  18.198  1.00 29.45 ? 50  THR A N   1 
ATOM   400  C  CA  . THR A 1 50  ? -11.302 -4.670  19.664  1.00 31.41 ? 50  THR A CA  1 
ATOM   401  C  C   . THR A 1 50  ? -9.911  -5.171  19.978  1.00 32.36 ? 50  THR A C   1 
ATOM   402  O  O   . THR A 1 50  ? -9.288  -5.784  19.124  1.00 31.52 ? 50  THR A O   1 
ATOM   403  C  CB  . THR A 1 50  ? -12.275 -5.682  20.287  1.00 31.40 ? 50  THR A CB  1 
ATOM   404  O  OG1 . THR A 1 50  ? -12.034 -6.987  19.747  1.00 30.72 ? 50  THR A OG1 1 
ATOM   405  C  CG2 . THR A 1 50  ? -13.722 -5.390  19.846  1.00 29.24 ? 50  THR A CG2 1 
ATOM   406  N  N   . GLU A 1 51  ? -9.455  -4.988  21.216  1.00 34.55 ? 51  GLU A N   1 
ATOM   407  C  CA  . GLU A 1 51  ? -8.131  -5.460  21.575  1.00 34.67 ? 51  GLU A CA  1 
ATOM   408  C  C   . GLU A 1 51  ? -8.101  -6.952  21.425  1.00 33.59 ? 51  GLU A C   1 
ATOM   409  O  O   . GLU A 1 51  ? -7.069  -7.503  21.046  1.00 31.38 ? 51  GLU A O   1 
ATOM   410  C  CB  . GLU A 1 51  ? -7.714  -4.999  22.983  1.00 36.96 ? 51  GLU A CB  1 
ATOM   411  C  CG  . GLU A 1 51  ? -7.668  -3.468  23.157  1.00 42.34 ? 51  GLU A CG  1 
ATOM   412  C  CD  . GLU A 1 51  ? -6.480  -2.776  22.477  1.00 53.01 ? 51  GLU A CD  1 
ATOM   413  O  OE1 . GLU A 1 51  ? -6.352  -1.524  22.612  1.00 56.28 ? 51  GLU A OE1 1 
ATOM   414  O  OE2 . GLU A 1 51  ? -5.650  -3.455  21.800  1.00 57.39 ? 51  GLU A OE2 1 
ATOM   415  N  N   . GLU A 1 52  ? -9.231  -7.616  21.680  1.00 31.47 ? 52  GLU A N   1 
ATOM   416  C  CA  . GLU A 1 52  ? -9.289  -9.077  21.561  1.00 32.25 ? 52  GLU A CA  1 
ATOM   417  C  C   . GLU A 1 52  ? -9.175  -9.593  20.096  1.00 31.28 ? 52  GLU A C   1 
ATOM   418  O  O   . GLU A 1 52  ? -8.473  -10.582 19.823  1.00 27.69 ? 52  GLU A O   1 
ATOM   419  C  CB  . GLU A 1 52  ? -10.590 -9.568  22.195  1.00 34.85 ? 52  GLU A CB  1 
ATOM   420  C  CG  . GLU A 1 52  ? -10.755 -11.086 22.233  1.00 44.59 ? 52  GLU A CG  1 
ATOM   421  C  CD  . GLU A 1 52  ? -11.989 -11.512 23.029  1.00 57.90 ? 52  GLU A CD  1 
ATOM   422  O  OE1 . GLU A 1 52  ? -12.043 -11.178 24.254  1.00 60.35 ? 52  GLU A OE1 1 
ATOM   423  O  OE2 . GLU A 1 52  ? -12.903 -12.168 22.421  1.00 62.55 ? 52  GLU A OE2 1 
ATOM   424  N  N   . GLN A 1 53  ? -9.902  -8.965  19.146  1.00 28.48 ? 53  GLN A N   1 
ATOM   425  C  CA  . GLN A 1 53  ? -9.697  -9.246  17.736  1.00 26.87 ? 53  GLN A CA  1 
ATOM   426  C  C   . GLN A 1 53  ? -8.238  -8.975  17.373  1.00 26.58 ? 53  GLN A C   1 
ATOM   427  O  O   . GLN A 1 53  ? -7.650  -9.701  16.614  1.00 25.74 ? 53  GLN A O   1 
ATOM   428  C  CB  . GLN A 1 53  ? -10.569 -8.309  16.883  1.00 26.50 ? 53  GLN A CB  1 
ATOM   429  C  CG  . GLN A 1 53  ? -12.102 -8.726  16.938  1.00 27.03 ? 53  GLN A CG  1 
ATOM   430  C  CD  . GLN A 1 53  ? -12.981 -7.773  16.178  1.00 27.95 ? 53  GLN A CD  1 
ATOM   431  O  OE1 . GLN A 1 53  ? -12.895 -6.574  16.361  1.00 29.25 ? 53  GLN A OE1 1 
ATOM   432  N  NE2 . GLN A 1 53  ? -13.829 -8.313  15.308  1.00 29.68 ? 53  GLN A NE2 1 
ATOM   433  N  N   . ALA A 1 54  ? -7.675  -7.871  17.898  1.00 26.99 ? 54  ALA A N   1 
ATOM   434  C  CA  . ALA A 1 54  ? -6.302  -7.568  17.482  1.00 27.05 ? 54  ALA A CA  1 
ATOM   435  C  C   . ALA A 1 54  ? -5.363  -8.713  17.875  1.00 27.51 ? 54  ALA A C   1 
ATOM   436  O  O   . ALA A 1 54  ? -4.480  -9.131  17.128  1.00 25.99 ? 54  ALA A O   1 
ATOM   437  C  CB  . ALA A 1 54  ? -5.882  -6.269  18.104  1.00 28.77 ? 54  ALA A CB  1 
ATOM   438  N  N   . GLU A 1 55  ? -5.578  -9.238  19.091  1.00 28.94 ? 55  GLU A N   1 
ATOM   439  C  CA  . GLU A 1 55  ? -4.683  -10.278 19.608  1.00 29.52 ? 55  GLU A CA  1 
ATOM   440  C  C   . GLU A 1 55  ? -4.844  -11.521 18.763  1.00 27.34 ? 55  GLU A C   1 
ATOM   441  O  O   . GLU A 1 55  ? -3.886  -12.213 18.353  1.00 25.19 ? 55  GLU A O   1 
ATOM   442  C  CB  . GLU A 1 55  ? -5.004  -10.603 21.095  1.00 31.21 ? 55  GLU A CB  1 
ATOM   443  C  CG  . GLU A 1 55  ? -3.837  -11.331 21.767  1.00 36.13 ? 55  GLU A CG  1 
ATOM   444  C  CD  . GLU A 1 55  ? -2.535  -10.514 21.736  1.00 40.01 ? 55  GLU A CD  1 
ATOM   445  O  OE1 . GLU A 1 55  ? -1.466  -11.132 21.624  1.00 36.38 ? 55  GLU A OE1 1 
ATOM   446  O  OE2 . GLU A 1 55  ? -2.532  -9.230  21.816  1.00 45.41 ? 55  GLU A OE2 1 
ATOM   447  N  N   . GLU A 1 56  ? -6.092  -11.841 18.490  1.00 26.69 ? 56  GLU A N   1 
ATOM   448  C  CA  . GLU A 1 56  ? -6.389  -12.990 17.682  1.00 25.87 ? 56  GLU A CA  1 
ATOM   449  C  C   . GLU A 1 56  ? -5.771  -12.849 16.246  1.00 25.20 ? 56  GLU A C   1 
ATOM   450  O  O   . GLU A 1 56  ? -5.194  -13.821 15.671  1.00 24.95 ? 56  GLU A O   1 
ATOM   451  C  CB  . GLU A 1 56  ? -7.927  -13.118 17.612  1.00 28.18 ? 56  GLU A CB  1 
ATOM   452  C  CG  . GLU A 1 56  ? -8.317  -14.288 16.777  1.00 38.00 ? 56  GLU A CG  1 
ATOM   453  C  CD  . GLU A 1 56  ? -9.648  -14.913 17.245  1.00 49.01 ? 56  GLU A CD  1 
ATOM   454  O  OE1 . GLU A 1 56  ? -9.840  -16.097 16.831  1.00 52.50 ? 56  GLU A OE1 1 
ATOM   455  O  OE2 . GLU A 1 56  ? -10.454 -14.244 18.017  1.00 50.38 ? 56  GLU A OE2 1 
ATOM   456  N  N   . ILE A 1 57  ? -5.882  -11.637 15.688  1.00 22.99 ? 57  ILE A N   1 
ATOM   457  C  CA  . ILE A 1 57  ? -5.311  -11.375 14.351  1.00 21.65 ? 57  ILE A CA  1 
ATOM   458  C  C   . ILE A 1 57  ? -3.748  -11.498 14.410  1.00 21.35 ? 57  ILE A C   1 
ATOM   459  O  O   . ILE A 1 57  ? -3.099  -12.062 13.505  1.00 21.75 ? 57  ILE A O   1 
ATOM   460  C  CB  . ILE A 1 57  ? -5.800  -9.917  13.865  1.00 20.75 ? 57  ILE A CB  1 
ATOM   461  C  CG1 . ILE A 1 57  ? -7.289  -9.967  13.472  1.00 25.35 ? 57  ILE A CG1 1 
ATOM   462  C  CG2 . ILE A 1 57  ? -4.935  -9.432  12.697  1.00 21.07 ? 57  ILE A CG2 1 
ATOM   463  C  CD1 . ILE A 1 57  ? -7.948  -8.488  13.335  1.00 26.47 ? 57  ILE A CD1 1 
ATOM   464  N  N   . LYS A 1 58  ? -3.144  -10.956 15.460  1.00 21.59 ? 58  LYS A N   1 
ATOM   465  C  CA  . LYS A 1 58  ? -1.679  -11.087 15.578  1.00 21.00 ? 58  LYS A CA  1 
ATOM   466  C  C   . LYS A 1 58  ? -1.283  -12.535 15.588  1.00 21.54 ? 58  LYS A C   1 
ATOM   467  O  O   . LYS A 1 58  ? -0.319  -12.930 14.910  1.00 21.34 ? 58  LYS A O   1 
ATOM   468  C  CB  . LYS A 1 58  ? -1.140  -10.399 16.829  1.00 21.19 ? 58  LYS A CB  1 
ATOM   469  C  CG  . LYS A 1 58  ? -1.280  -8.896  16.812  1.00 25.06 ? 58  LYS A CG  1 
ATOM   470  C  CD  . LYS A 1 58  ? -0.460  -8.206  17.931  1.00 33.74 ? 58  LYS A CD  1 
ATOM   471  C  CE  . LYS A 1 58  ? -1.003  -8.437  19.219  1.00 38.35 ? 58  LYS A CE  1 
ATOM   472  N  NZ  . LYS A 1 58  ? -0.408  -7.522  20.246  1.00 43.07 ? 58  LYS A NZ  1 
ATOM   473  N  N   . ASN A 1 59  ? -2.014  -13.373 16.316  1.00 22.36 ? 59  ASN A N   1 
ATOM   474  C  CA  . ASN A 1 59  ? -1.721  -14.829 16.274  1.00 21.76 ? 59  ASN A CA  1 
ATOM   475  C  C   . ASN A 1 59  ? -1.888  -15.426 14.934  1.00 22.58 ? 59  ASN A C   1 
ATOM   476  O  O   . ASN A 1 59  ? -1.080  -16.244 14.494  1.00 23.59 ? 59  ASN A O   1 
ATOM   477  C  CB  . ASN A 1 59  ? -2.554  -15.542 17.328  1.00 23.84 ? 59  ASN A CB  1 
ATOM   478  C  CG  . ASN A 1 59  ? -2.012  -15.222 18.733  1.00 25.55 ? 59  ASN A CG  1 
ATOM   479  O  OD1 . ASN A 1 59  ? -0.817  -15.361 18.970  1.00 28.24 ? 59  ASN A OD1 1 
ATOM   480  N  ND2 . ASN A 1 59  ? -2.855  -14.767 19.607  1.00 22.70 ? 59  ASN A ND2 1 
ATOM   481  N  N   . ILE A 1 60  ? -2.916  -15.022 14.215  1.00 21.41 ? 60  ILE A N   1 
ATOM   482  C  CA  . ILE A 1 60  ? -3.108  -15.597 12.862  1.00 22.30 ? 60  ILE A CA  1 
ATOM   483  C  C   . ILE A 1 60  ? -2.005  -15.139 11.899  1.00 23.01 ? 60  ILE A C   1 
ATOM   484  O  O   . ILE A 1 60  ? -1.431  -15.941 11.154  1.00 23.42 ? 60  ILE A O   1 
ATOM   485  C  CB  . ILE A 1 60  ? -4.505  -15.162 12.298  1.00 22.72 ? 60  ILE A CB  1 
ATOM   486  C  CG1 . ILE A 1 60  ? -5.615  -15.851 13.088  1.00 25.54 ? 60  ILE A CG1 1 
ATOM   487  C  CG2 . ILE A 1 60  ? -4.659  -15.484 10.747  1.00 23.48 ? 60  ILE A CG2 1 
ATOM   488  C  CD1 . ILE A 1 60  ? -7.101  -15.239 12.843  1.00 29.65 ? 60  ILE A CD1 1 
ATOM   489  N  N   . LEU A 1 61  ? -1.646  -13.854 11.947  1.00 24.68 ? 61  LEU A N   1 
ATOM   490  C  CA  . LEU A 1 61  ? -0.655  -13.332 11.015  1.00 23.39 ? 61  LEU A CA  1 
ATOM   491  C  C   . LEU A 1 61  ? 0.700   -13.958 11.265  1.00 23.78 ? 61  LEU A C   1 
ATOM   492  O  O   . LEU A 1 61  ? 1.496   -14.146 10.340  1.00 22.41 ? 61  LEU A O   1 
ATOM   493  C  CB  . LEU A 1 61  ? -0.449  -11.787 11.137  1.00 23.71 ? 61  LEU A CB  1 
ATOM   494  C  CG  . LEU A 1 61  ? -1.668  -10.938 10.682  1.00 27.22 ? 61  LEU A CG  1 
ATOM   495  C  CD1 . LEU A 1 61  ? -1.474  -9.371  10.938  1.00 26.30 ? 61  LEU A CD1 1 
ATOM   496  C  CD2 . LEU A 1 61  ? -2.063  -11.186 9.229   1.00 24.86 ? 61  LEU A CD2 1 
ATOM   497  N  N   . LYS A 1 62  ? 1.015   -14.204 12.537  1.00 23.11 ? 62  LYS A N   1 
ATOM   498  C  CA  . LYS A 1 62  ? 2.290   -14.868 12.872  1.00 24.01 ? 62  LYS A CA  1 
ATOM   499  C  C   . LYS A 1 62  ? 2.335   -16.159 12.045  1.00 23.87 ? 62  LYS A C   1 
ATOM   500  O  O   . LYS A 1 62  ? 3.371   -16.498 11.468  1.00 25.18 ? 62  LYS A O   1 
ATOM   501  C  CB  . LYS A 1 62  ? 2.348   -15.125 14.406  1.00 25.52 ? 62  LYS A CB  1 
ATOM   502  C  CG  . LYS A 1 62  ? 3.691   -15.449 14.970  1.00 29.57 ? 62  LYS A CG  1 
ATOM   503  C  CD  . LYS A 1 62  ? 3.974   -16.945 14.873  1.00 33.13 ? 62  LYS A CD  1 
ATOM   504  C  CE  . LYS A 1 62  ? 5.450   -17.187 15.365  1.00 36.65 ? 62  LYS A CE  1 
ATOM   505  N  NZ  . LYS A 1 62  ? 5.912   -18.636 15.274  1.00 35.69 ? 62  LYS A NZ  1 
ATOM   506  N  N   . LYS A 1 63  ? 1.241   -16.907 12.023  1.00 23.56 ? 63  LYS A N   1 
ATOM   507  C  CA  . LYS A 1 63  ? 1.271   -18.244 11.353  1.00 26.30 ? 63  LYS A CA  1 
ATOM   508  C  C   . LYS A 1 63  ? 1.268   -18.141 9.844   1.00 26.89 ? 63  LYS A C   1 
ATOM   509  O  O   . LYS A 1 63  ? 1.973   -18.882 9.132   1.00 28.80 ? 63  LYS A O   1 
ATOM   510  C  CB  . LYS A 1 63  ? 0.179   -19.189 11.873  1.00 27.63 ? 63  LYS A CB  1 
ATOM   511  C  CG  . LYS A 1 63  ? 0.080   -19.301 13.403  1.00 29.45 ? 63  LYS A CG  1 
ATOM   512  C  CD  . LYS A 1 63  ? 1.310   -19.802 14.137  1.00 35.28 ? 63  LYS A CD  1 
ATOM   513  C  CE  . LYS A 1 63  ? 1.796   -21.176 13.627  1.00 38.94 ? 63  LYS A CE  1 
ATOM   514  N  NZ  . LYS A 1 63  ? 3.083   -21.625 14.336  1.00 35.29 ? 63  LYS A NZ  1 
ATOM   515  N  N   . ILE A 1 64  ? 0.516   -17.179 9.307   1.00 26.40 ? 64  ILE A N   1 
ATOM   516  C  CA  . ILE A 1 64  ? 0.535   -16.941 7.898   1.00 25.43 ? 64  ILE A CA  1 
ATOM   517  C  C   . ILE A 1 64  ? 1.918   -16.526 7.388   1.00 26.50 ? 64  ILE A C   1 
ATOM   518  O  O   . ILE A 1 64  ? 2.392   -17.058 6.381   1.00 27.46 ? 64  ILE A O   1 
ATOM   519  C  CB  . ILE A 1 64  ? -0.513  -15.874 7.583   1.00 26.85 ? 64  ILE A CB  1 
ATOM   520  C  CG1 . ILE A 1 64  ? -1.912  -16.468 7.753   1.00 26.71 ? 64  ILE A CG1 1 
ATOM   521  C  CG2 . ILE A 1 64  ? -0.324  -15.363 6.104   1.00 26.42 ? 64  ILE A CG2 1 
ATOM   522  C  CD1 . ILE A 1 64  ? -3.090  -15.454 7.651   1.00 26.35 ? 64  ILE A CD1 1 
ATOM   523  N  N   . ALA A 1 65  ? 2.562   -15.553 8.042   1.00 25.70 ? 65  ALA A N   1 
ATOM   524  C  CA  . ALA A 1 65  ? 3.886   -15.085 7.610   1.00 28.43 ? 65  ALA A CA  1 
ATOM   525  C  C   . ALA A 1 65  ? 4.936   -16.181 7.534   1.00 30.77 ? 65  ALA A C   1 
ATOM   526  O  O   . ALA A 1 65  ? 5.831   -16.156 6.654   1.00 29.11 ? 65  ALA A O   1 
ATOM   527  C  CB  . ALA A 1 65  ? 4.395   -14.008 8.553   1.00 27.22 ? 65  ALA A CB  1 
ATOM   528  N  N   . GLU A 1 66  ? 4.851   -17.131 8.480   1.00 30.78 ? 66  GLU A N   1 
ATOM   529  C  CA  . GLU A 1 66  ? 5.822   -18.206 8.485   1.00 33.63 ? 66  GLU A CA  1 
ATOM   530  C  C   . GLU A 1 66  ? 5.579   -19.225 7.390   1.00 33.87 ? 66  GLU A C   1 
ATOM   531  O  O   . GLU A 1 66  ? 6.430   -20.077 7.165   1.00 34.84 ? 66  GLU A O   1 
ATOM   532  C  CB  . GLU A 1 66  ? 5.946   -18.880 9.867   1.00 36.54 ? 66  GLU A CB  1 
ATOM   533  C  CG  . GLU A 1 66  ? 4.705   -19.505 10.413  1.00 35.34 ? 66  GLU A CG  1 
ATOM   534  C  CD  . GLU A 1 66  ? 4.930   -20.160 11.809  1.00 42.14 ? 66  GLU A CD  1 
ATOM   535  O  OE1 . GLU A 1 66  ? 5.721   -19.632 12.634  1.00 36.24 ? 66  GLU A OE1 1 
ATOM   536  O  OE2 . GLU A 1 66  ? 4.297   -21.226 12.047  1.00 47.00 ? 66  GLU A OE2 1 
ATOM   537  N  N   . LYS A 1 67  ? 4.491   -19.077 6.625   1.00 32.98 ? 67  LYS A N   1 
ATOM   538  C  CA  . LYS A 1 67  ? 4.239   -19.983 5.497   1.00 33.77 ? 67  LYS A CA  1 
ATOM   539  C  C   . LYS A 1 67  ? 4.873   -19.489 4.183   1.00 33.39 ? 67  LYS A C   1 
ATOM   540  O  O   . LYS A 1 67  ? 5.054   -20.271 3.246   1.00 32.91 ? 67  LYS A O   1 
ATOM   541  C  CB  . LYS A 1 67  ? 2.728   -20.171 5.296   1.00 34.66 ? 67  LYS A CB  1 
ATOM   542  C  CG  . LYS A 1 67  ? 2.126   -20.890 6.461   1.00 39.47 ? 67  LYS A CG  1 
ATOM   543  C  CD  . LYS A 1 67  ? 0.916   -21.736 6.132   1.00 46.47 ? 67  LYS A CD  1 
ATOM   544  C  CE  . LYS A 1 67  ? -0.288  -20.966 5.704   1.00 52.13 ? 67  LYS A CE  1 
ATOM   545  N  NZ  . LYS A 1 67  ? -1.543  -21.759 5.897   1.00 54.14 ? 67  LYS A NZ  1 
ATOM   546  N  N   . TYR A 1 68  ? 5.227   -18.196 4.146   1.00 31.16 ? 68  TYR A N   1 
ATOM   547  C  CA  . TYR A 1 68  ? 5.775   -17.524 2.950   1.00 31.04 ? 68  TYR A CA  1 
ATOM   548  C  C   . TYR A 1 68  ? 7.239   -17.135 3.151   1.00 30.00 ? 68  TYR A C   1 
ATOM   549  O  O   . TYR A 1 68  ? 7.651   -16.764 4.274   1.00 29.18 ? 68  TYR A O   1 
ATOM   550  C  CB  . TYR A 1 68  ? 4.940   -16.276 2.623   1.00 31.25 ? 68  TYR A CB  1 
ATOM   551  C  CG  . TYR A 1 68  ? 3.537   -16.656 2.288   1.00 31.32 ? 68  TYR A CG  1 
ATOM   552  C  CD1 . TYR A 1 68  ? 3.205   -16.991 0.966   1.00 35.13 ? 68  TYR A CD1 1 
ATOM   553  C  CD2 . TYR A 1 68  ? 2.553   -16.806 3.290   1.00 32.70 ? 68  TYR A CD2 1 
ATOM   554  C  CE1 . TYR A 1 68  ? 1.915   -17.425 0.638   1.00 34.44 ? 68  TYR A CE1 1 
ATOM   555  C  CE2 . TYR A 1 68  ? 1.230   -17.265 2.974   1.00 30.25 ? 68  TYR A CE2 1 
ATOM   556  C  CZ  . TYR A 1 68  ? 0.941   -17.551 1.622   1.00 34.39 ? 68  TYR A CZ  1 
ATOM   557  O  OH  . TYR A 1 68  ? -0.282  -18.021 1.222   1.00 36.42 ? 68  TYR A OH  1 
ATOM   558  N  N   . LYS A 1 69  ? 8.008   -17.181 2.065   1.00 28.66 ? 69  LYS A N   1 
ATOM   559  C  CA  . LYS A 1 69  ? 9.458   -16.868 2.154   1.00 30.12 ? 69  LYS A CA  1 
ATOM   560  C  C   . LYS A 1 69  ? 9.732   -15.460 1.754   1.00 27.67 ? 69  LYS A C   1 
ATOM   561  O  O   . LYS A 1 69  ? 9.078   -14.952 0.836   1.00 26.76 ? 69  LYS A O   1 
ATOM   562  C  CB  . LYS A 1 69  ? 10.306  -17.808 1.211   1.00 31.52 ? 69  LYS A CB  1 
ATOM   563  C  CG  . LYS A 1 69  ? 10.606  -19.144 1.925   1.00 39.66 ? 69  LYS A CG  1 
ATOM   564  C  CD  . LYS A 1 69  ? 11.477  -20.097 1.164   1.00 45.90 ? 69  LYS A CD  1 
ATOM   565  C  CE  . LYS A 1 69  ? 11.524  -21.465 1.870   1.00 51.20 ? 69  LYS A CE  1 
ATOM   566  N  NZ  . LYS A 1 69  ? 12.273  -21.432 3.187   1.00 55.37 ? 69  LYS A NZ  1 
ATOM   567  N  N   . LYS A 1 70  ? 10.680  -14.818 2.412   1.00 26.92 ? 70  LYS A N   1 
ATOM   568  C  CA  . LYS A 1 70  ? 11.061  -13.492 1.997   1.00 27.06 ? 70  LYS A CA  1 
ATOM   569  C  C   . LYS A 1 70  ? 11.467  -13.532 0.531   1.00 28.16 ? 70  LYS A C   1 
ATOM   570  O  O   . LYS A 1 70  ? 12.177  -14.469 0.093   1.00 25.91 ? 70  LYS A O   1 
ATOM   571  C  CB  . LYS A 1 70  ? 12.237  -12.946 2.826   1.00 27.35 ? 70  LYS A CB  1 
ATOM   572  C  CG  . LYS A 1 70  ? 11.942  -12.946 4.349   1.00 28.01 ? 70  LYS A CG  1 
ATOM   573  C  CD  . LYS A 1 70  ? 13.124  -12.294 5.124   1.00 28.85 ? 70  LYS A CD  1 
ATOM   574  C  CE  . LYS A 1 70  ? 12.737  -12.231 6.646   1.00 32.44 ? 70  LYS A CE  1 
ATOM   575  N  NZ  . LYS A 1 70  ? 13.852  -11.502 7.398   1.00 38.76 ? 70  LYS A NZ  1 
ATOM   576  N  N   . HIS A 1 71  ? 11.076  -12.489 -0.214  1.00 27.84 ? 71  HIS A N   1 
ATOM   577  C  CA  . HIS A 1 71  ? 11.402  -12.401 -1.629  1.00 27.71 ? 71  HIS A CA  1 
ATOM   578  C  C   . HIS A 1 71  ? 11.439  -10.925 -2.059  1.00 29.35 ? 71  HIS A C   1 
ATOM   579  O  O   . HIS A 1 71  ? 10.869  -10.038 -1.411  1.00 26.55 ? 71  HIS A O   1 
ATOM   580  C  CB  . HIS A 1 71  ? 10.365  -13.180 -2.467  1.00 26.15 ? 71  HIS A CB  1 
ATOM   581  C  CG  . HIS A 1 71  ? 8.960   -12.660 -2.332  1.00 28.97 ? 71  HIS A CG  1 
ATOM   582  N  ND1 . HIS A 1 71  ? 8.200   -12.832 -1.187  1.00 24.72 ? 71  HIS A ND1 1 
ATOM   583  C  CD2 . HIS A 1 71  ? 8.202   -11.921 -3.181  1.00 25.51 ? 71  HIS A CD2 1 
ATOM   584  C  CE1 . HIS A 1 71  ? 7.009   -12.276 -1.368  1.00 23.35 ? 71  HIS A CE1 1 
ATOM   585  N  NE2 . HIS A 1 71  ? 7.002   -11.687 -2.557  1.00 27.92 ? 71  HIS A NE2 1 
ATOM   586  N  N   . GLU A 1 72  ? 12.148  -10.698 -3.149  1.00 29.33 ? 72  GLU A N   1 
ATOM   587  C  CA  . GLU A 1 72  ? 12.443  -9.380  -3.612  1.00 30.42 ? 72  GLU A CA  1 
ATOM   588  C  C   . GLU A 1 72  ? 11.402  -9.054  -4.669  1.00 29.88 ? 72  GLU A C   1 
ATOM   589  O  O   . GLU A 1 72  ? 11.008  -9.911  -5.470  1.00 29.67 ? 72  GLU A O   1 
ATOM   590  C  CB  . GLU A 1 72  ? 13.841  -9.315  -4.212  1.00 32.45 ? 72  GLU A CB  1 
ATOM   591  C  CG  . GLU A 1 72  ? 14.153  -7.940  -4.797  1.00 35.02 ? 72  GLU A CG  1 
ATOM   592  C  CD  . GLU A 1 72  ? 15.553  -7.860  -5.415  1.00 44.41 ? 72  GLU A CD  1 
ATOM   593  O  OE1 . GLU A 1 72  ? 16.578  -7.901  -4.701  1.00 49.62 ? 72  GLU A OE1 1 
ATOM   594  O  OE2 . GLU A 1 72  ? 15.625  -7.754  -6.632  1.00 50.24 ? 72  GLU A OE2 1 
ATOM   595  N  N   . VAL A 1 73  ? 10.852  -7.856  -4.597  1.00 28.32 ? 73  VAL A N   1 
ATOM   596  C  CA  . VAL A 1 73  ? 9.843   -7.440  -5.597  1.00 27.03 ? 73  VAL A CA  1 
ATOM   597  C  C   . VAL A 1 73  ? 10.322  -6.072  -6.166  1.00 26.84 ? 73  VAL A C   1 
ATOM   598  O  O   . VAL A 1 73  ? 11.084  -5.353  -5.542  1.00 26.01 ? 73  VAL A O   1 
ATOM   599  C  CB  . VAL A 1 73  ? 8.425   -7.318  -5.049  1.00 28.87 ? 73  VAL A CB  1 
ATOM   600  C  CG1 . VAL A 1 73  ? 7.880   -8.723  -4.436  1.00 27.24 ? 73  VAL A CG1 1 
ATOM   601  C  CG2 . VAL A 1 73  ? 8.290   -6.202  -3.992  1.00 27.80 ? 73  VAL A CG2 1 
ATOM   602  N  N   . LYS A 1 74  ? 9.830   -5.717  -7.336  1.00 26.81 ? 74  LYS A N   1 
ATOM   603  C  CA  . LYS A 1 74  ? 10.224  -4.483  -7.911  1.00 23.32 ? 74  LYS A CA  1 
ATOM   604  C  C   . LYS A 1 74  ? 8.979   -3.573  -7.911  1.00 23.56 ? 74  LYS A C   1 
ATOM   605  O  O   . LYS A 1 74  ? 7.824   -4.026  -8.235  1.00 24.57 ? 74  LYS A O   1 
ATOM   606  C  CB  . LYS A 1 74  ? 10.741  -4.808  -9.343  1.00 27.58 ? 74  LYS A CB  1 
ATOM   607  C  CG  . LYS A 1 74  ? 11.025  -3.525  -10.136 1.00 26.36 ? 74  LYS A CG  1 
ATOM   608  C  CD  . LYS A 1 74  ? 11.431  -3.841  -11.599 1.00 34.98 ? 74  LYS A CD  1 
ATOM   609  C  CE  . LYS A 1 74  ? 12.456  -4.954  -11.665 1.00 38.38 ? 74  LYS A CE  1 
ATOM   610  N  NZ  . LYS A 1 74  ? 13.749  -4.423  -11.112 1.00 47.34 ? 74  LYS A NZ  1 
ATOM   611  N  N   . VAL A 1 75  ? 9.208   -2.288  -7.573  1.00 19.70 ? 75  VAL A N   1 
ATOM   612  C  CA  . VAL A 1 75  ? 8.113   -1.285  -7.701  1.00 21.36 ? 75  VAL A CA  1 
ATOM   613  C  C   . VAL A 1 75  ? 8.254   -0.715  -9.100  1.00 21.60 ? 75  VAL A C   1 
ATOM   614  O  O   . VAL A 1 75  ? 9.333   -0.187  -9.440  1.00 20.99 ? 75  VAL A O   1 
ATOM   615  C  CB  . VAL A 1 75  ? 8.277   -0.234  -6.658  1.00 20.35 ? 75  VAL A CB  1 
ATOM   616  C  CG1 . VAL A 1 75  ? 7.106   0.791   -6.707  1.00 21.76 ? 75  VAL A CG1 1 
ATOM   617  C  CG2 . VAL A 1 75  ? 8.222   -0.954  -5.170  1.00 21.98 ? 75  VAL A CG2 1 
ATOM   618  N  N   . LYS A 1 76  ? 7.243   -0.953  -9.926  1.00 23.58 ? 76  LYS A N   1 
ATOM   619  C  CA  . LYS A 1 76  ? 7.407   -0.555  -11.343 1.00 24.26 ? 76  LYS A CA  1 
ATOM   620  C  C   . LYS A 1 76  ? 6.102   -0.028  -11.885 1.00 24.22 ? 76  LYS A C   1 
ATOM   621  O  O   . LYS A 1 76  ? 5.019   -0.640  -11.691 1.00 21.95 ? 76  LYS A O   1 
ATOM   622  C  CB  . LYS A 1 76  ? 7.837   -1.799  -12.123 1.00 25.48 ? 76  LYS A CB  1 
ATOM   623  C  CG  . LYS A 1 76  ? 7.843   -1.677  -13.687 1.00 26.73 ? 76  LYS A CG  1 
ATOM   624  C  CD  . LYS A 1 76  ? 8.683   -2.759  -14.340 1.00 33.73 ? 76  LYS A CD  1 
ATOM   625  C  CE  . LYS A 1 76  ? 8.479   -2.727  -15.899 1.00 36.28 ? 76  LYS A CE  1 
ATOM   626  N  NZ  . LYS A 1 76  ? 8.785   -4.109  -16.425 1.00 48.47 ? 76  LYS A NZ  1 
ATOM   627  N  N   . GLY A 1 77  ? 6.195   1.098   -12.563 1.00 27.33 ? 77  GLY A N   1 
ATOM   628  C  CA  . GLY A 1 77  ? 5.018   1.571   -13.269 1.00 28.91 ? 77  GLY A CA  1 
ATOM   629  C  C   . GLY A 1 77  ? 4.148   2.470   -12.436 1.00 31.83 ? 77  GLY A C   1 
ATOM   630  O  O   . GLY A 1 77  ? 3.952   2.264   -11.223 1.00 29.61 ? 77  GLY A O   1 
ATOM   631  N  N   . ILE A 1 78  ? 3.641   3.517   -13.077 1.00 34.81 ? 78  ILE A N   1 
ATOM   632  C  CA  . ILE A 1 78  ? 2.538   4.295   -12.530 1.00 36.34 ? 78  ILE A CA  1 
ATOM   633  C  C   . ILE A 1 78  ? 1.229   3.838   -13.138 1.00 39.61 ? 78  ILE A C   1 
ATOM   634  O  O   . ILE A 1 78  ? 1.098   3.650   -14.378 1.00 39.58 ? 78  ILE A O   1 
ATOM   635  C  CB  . ILE A 1 78  ? 2.696   5.763   -12.758 1.00 37.20 ? 78  ILE A CB  1 
ATOM   636  C  CG1 . ILE A 1 78  ? 3.903   6.357   -11.969 1.00 34.63 ? 78  ILE A CG1 1 
ATOM   637  C  CG2 . ILE A 1 78  ? 1.431   6.436   -12.306 1.00 36.84 ? 78  ILE A CG2 1 
ATOM   638  C  CD1 . ILE A 1 78  ? 3.946   6.106   -10.425 1.00 33.95 ? 78  ILE A CD1 1 
ATOM   639  N  N   . GLY A 1 79  ? 0.265   3.616   -12.241 1.00 40.58 ? 79  GLY A N   1 
ATOM   640  C  CA  . GLY A 1 79  ? -1.119  3.334   -12.558 1.00 42.31 ? 79  GLY A CA  1 
ATOM   641  C  C   . GLY A 1 79  ? -2.010  4.440   -12.020 1.00 42.95 ? 79  GLY A C   1 
ATOM   642  O  O   . GLY A 1 79  ? -1.630  5.260   -11.167 1.00 42.30 ? 79  GLY A O   1 
ATOM   643  N  N   . VAL A 1 80  ? -3.188  4.530   -12.595 1.00 45.04 ? 80  VAL A N   1 
ATOM   644  C  CA  . VAL A 1 80  ? -4.190  5.471   -12.100 1.00 46.83 ? 80  VAL A CA  1 
ATOM   645  C  C   . VAL A 1 80  ? -5.443  4.697   -11.749 1.00 47.24 ? 80  VAL A C   1 
ATOM   646  O  O   . VAL A 1 80  ? -5.714  3.640   -12.309 1.00 48.54 ? 80  VAL A O   1 
ATOM   647  C  CB  . VAL A 1 80  ? -4.504  6.554   -13.145 1.00 48.04 ? 80  VAL A CB  1 
ATOM   648  C  CG1 . VAL A 1 80  ? -3.297  7.503   -13.304 1.00 48.09 ? 80  VAL A CG1 1 
ATOM   649  C  CG2 . VAL A 1 80  ? -4.939  5.925   -14.491 1.00 48.55 ? 80  VAL A CG2 1 
ATOM   650  N  N   . PHE A 1 81  ? -6.189  5.191   -10.786 1.00 48.03 ? 81  PHE A N   1 
ATOM   651  C  CA  . PHE A 1 81  ? -7.448  4.572   -10.402 1.00 47.90 ? 81  PHE A CA  1 
ATOM   652  C  C   . PHE A 1 81  ? -8.480  5.713   -10.225 1.00 49.15 ? 81  PHE A C   1 
ATOM   653  O  O   . PHE A 1 81  ? -8.136  6.807   -9.711  1.00 47.46 ? 81  PHE A O   1 
ATOM   654  C  CB  . PHE A 1 81  ? -7.196  3.751   -9.120  1.00 49.48 ? 81  PHE A CB  1 
ATOM   655  C  CG  . PHE A 1 81  ? -8.406  3.046   -8.557  1.00 51.05 ? 81  PHE A CG  1 
ATOM   656  C  CD1 . PHE A 1 81  ? -8.662  1.706   -8.880  1.00 52.81 ? 81  PHE A CD1 1 
ATOM   657  C  CD2 . PHE A 1 81  ? -9.266  3.709   -7.660  1.00 53.97 ? 81  PHE A CD2 1 
ATOM   658  C  CE1 . PHE A 1 81  ? -9.774  1.027   -8.374  1.00 53.65 ? 81  PHE A CE1 1 
ATOM   659  C  CE2 . PHE A 1 81  ? -10.399 3.052   -7.121  1.00 54.67 ? 81  PHE A CE2 1 
ATOM   660  C  CZ  . PHE A 1 81  ? -10.649 1.688   -7.485  1.00 57.40 ? 81  PHE A CZ  1 
ATOM   661  N  N   . PRO A 1 82  ? -9.742  5.507   -10.627 1.00 50.11 ? 82  PRO A N   1 
ATOM   662  C  CA  . PRO A 1 82  ? -10.248 4.283   -11.263 1.00 50.90 ? 82  PRO A CA  1 
ATOM   663  C  C   . PRO A 1 82  ? -9.903  4.055   -12.719 1.00 52.01 ? 82  PRO A C   1 
ATOM   664  O  O   . PRO A 1 82  ? -10.045 2.919   -13.162 1.00 52.57 ? 82  PRO A O   1 
ATOM   665  C  CB  . PRO A 1 82  ? -11.752 4.452   -11.174 1.00 50.40 ? 82  PRO A CB  1 
ATOM   666  C  CG  . PRO A 1 82  ? -11.976 5.593   -10.262 1.00 50.90 ? 82  PRO A CG  1 
ATOM   667  C  CD  . PRO A 1 82  ? -10.822 6.495   -10.393 1.00 50.36 ? 82  PRO A CD  1 
ATOM   668  N  N   . ASN A 1 83  ? -9.428  5.071   -13.435 1.00 52.54 ? 83  ASN A N   1 
ATOM   669  C  CA  . ASN A 1 83  ? -9.319  4.997   -14.891 1.00 53.71 ? 83  ASN A CA  1 
ATOM   670  C  C   . ASN A 1 83  ? -8.502  6.215   -15.425 1.00 53.71 ? 83  ASN A C   1 
ATOM   671  O  O   . ASN A 1 83  ? -8.557  7.291   -14.820 1.00 52.38 ? 83  ASN A O   1 
ATOM   672  C  CB  . ASN A 1 83  ? -10.765 4.959   -15.471 1.00 55.08 ? 83  ASN A CB  1 
ATOM   673  C  CG  . ASN A 1 83  ? -10.815 4.869   -16.995 1.00 56.03 ? 83  ASN A CG  1 
ATOM   674  O  OD1 . ASN A 1 83  ? -10.894 3.769   -17.561 1.00 58.37 ? 83  ASN A OD1 1 
ATOM   675  N  ND2 . ASN A 1 83  ? -10.817 6.030   -17.660 1.00 53.77 ? 83  ASN A ND2 1 
ATOM   676  N  N   . PRO A 1 84  ? -7.742  6.040   -16.515 1.00 54.61 ? 84  PRO A N   1 
ATOM   677  C  CA  . PRO A 1 84  ? -6.975  7.141   -17.138 1.00 55.33 ? 84  PRO A CA  1 
ATOM   678  C  C   . PRO A 1 84  ? -7.763  8.451   -17.371 1.00 56.19 ? 84  PRO A C   1 
ATOM   679  O  O   . PRO A 1 84  ? -7.437  9.496   -16.784 1.00 56.76 ? 84  PRO A O   1 
ATOM   680  C  CB  . PRO A 1 84  ? -6.465  6.523   -18.450 1.00 55.17 ? 84  PRO A CB  1 
ATOM   681  C  CG  . PRO A 1 84  ? -6.447  5.041   -18.186 1.00 55.76 ? 84  PRO A CG  1 
ATOM   682  C  CD  . PRO A 1 84  ? -7.502  4.747   -17.186 1.00 54.84 ? 84  PRO A CD  1 
ATOM   683  N  N   . ASN A 1 85  ? -8.807  8.410   -18.196 1.00 56.22 ? 85  ASN A N   1 
ATOM   684  C  CA  . ASN A 1 85  ? -9.766  9.496   -18.179 1.00 55.97 ? 85  ASN A CA  1 
ATOM   685  C  C   . ASN A 1 85  ? -10.308 9.314   -16.778 1.00 54.59 ? 85  ASN A C   1 
ATOM   686  O  O   . ASN A 1 85  ? -10.314 8.201   -16.296 1.00 56.09 ? 85  ASN A O   1 
ATOM   687  C  CB  . ASN A 1 85  ? -10.832 9.292   -19.265 1.00 56.98 ? 85  ASN A CB  1 
ATOM   688  C  CG  . ASN A 1 85  ? -10.262 8.753   -20.594 1.00 58.52 ? 85  ASN A CG  1 
ATOM   689  O  OD1 . ASN A 1 85  ? -10.685 7.698   -21.063 1.00 63.38 ? 85  ASN A OD1 1 
ATOM   690  N  ND2 . ASN A 1 85  ? -9.322  9.476   -21.202 1.00 62.18 ? 85  ASN A ND2 1 
ATOM   691  N  N   . TYR A 1 86  ? -10.725 10.364  -16.094 1.00 53.39 ? 86  TYR A N   1 
ATOM   692  C  CA  . TYR A 1 86  ? -11.040 10.288  -14.630 1.00 51.51 ? 86  TYR A CA  1 
ATOM   693  C  C   . TYR A 1 86  ? -9.957  9.724   -13.677 1.00 50.76 ? 86  TYR A C   1 
ATOM   694  O  O   . TYR A 1 86  ? -9.958  8.529   -13.353 1.00 51.85 ? 86  TYR A O   1 
ATOM   695  C  CB  . TYR A 1 86  ? -12.428 9.638   -14.336 1.00 51.84 ? 86  TYR A CB  1 
ATOM   696  C  CG  . TYR A 1 86  ? -13.130 10.269  -13.156 1.00 50.19 ? 86  TYR A CG  1 
ATOM   697  C  CD1 . TYR A 1 86  ? -13.927 11.401  -13.304 1.00 53.83 ? 86  TYR A CD1 1 
ATOM   698  C  CD2 . TYR A 1 86  ? -12.954 9.766   -11.887 1.00 50.81 ? 86  TYR A CD2 1 
ATOM   699  C  CE1 . TYR A 1 86  ? -14.542 12.006  -12.178 1.00 53.82 ? 86  TYR A CE1 1 
ATOM   700  C  CE2 . TYR A 1 86  ? -13.558 10.337  -10.776 1.00 51.52 ? 86  TYR A CE2 1 
ATOM   701  C  CZ  . TYR A 1 86  ? -14.354 11.449  -10.922 1.00 54.11 ? 86  TYR A CZ  1 
ATOM   702  O  OH  . TYR A 1 86  ? -14.955 11.965  -9.790  1.00 53.86 ? 86  TYR A OH  1 
ATOM   703  N  N   . ILE A 1 87  ? -9.065  10.602  -13.189 1.00 48.51 ? 87  ILE A N   1 
ATOM   704  C  CA  . ILE A 1 87  ? -7.984  10.212  -12.264 1.00 43.97 ? 87  ILE A CA  1 
ATOM   705  C  C   . ILE A 1 87  ? -8.248  10.611  -10.816 1.00 42.41 ? 87  ILE A C   1 
ATOM   706  O  O   . ILE A 1 87  ? -8.339  11.800  -10.453 1.00 40.51 ? 87  ILE A O   1 
ATOM   707  C  CB  . ILE A 1 87  ? -6.618  10.771  -12.740 1.00 44.72 ? 87  ILE A CB  1 
ATOM   708  C  CG1 . ILE A 1 87  ? -6.257  10.236  -14.117 1.00 44.41 ? 87  ILE A CG1 1 
ATOM   709  C  CG2 . ILE A 1 87  ? -5.489  10.368  -11.754 1.00 44.00 ? 87  ILE A CG2 1 
ATOM   710  C  CD1 . ILE A 1 87  ? -5.348  11.161  -14.887 1.00 48.72 ? 87  ILE A CD1 1 
ATOM   711  N  N   . ARG A 1 88  ? -8.342  9.605   -9.963  1.00 40.43 ? 88  ARG A N   1 
ATOM   712  C  CA  . ARG A 1 88  ? -8.593  9.854   -8.558  1.00 39.61 ? 88  ARG A CA  1 
ATOM   713  C  C   . ARG A 1 88  ? -7.387  9.568   -7.680  1.00 37.92 ? 88  ARG A C   1 
ATOM   714  O  O   . ARG A 1 88  ? -7.227  10.162  -6.600  1.00 37.83 ? 88  ARG A O   1 
ATOM   715  C  CB  . ARG A 1 88  ? -9.768  8.975   -8.115  1.00 41.11 ? 88  ARG A CB  1 
ATOM   716  C  CG  . ARG A 1 88  ? -10.357 9.297   -6.767  1.00 46.99 ? 88  ARG A CG  1 
ATOM   717  C  CD  . ARG A 1 88  ? -11.858 8.901   -6.602  1.00 54.23 ? 88  ARG A CD  1 
ATOM   718  N  NE  . ARG A 1 88  ? -12.160 8.302   -5.289  1.00 59.02 ? 88  ARG A NE  1 
ATOM   719  C  CZ  . ARG A 1 88  ? -12.008 6.999   -5.009  1.00 60.07 ? 88  ARG A CZ  1 
ATOM   720  N  NH1 . ARG A 1 88  ? -11.554 6.154   -5.932  1.00 60.54 ? 88  ARG A NH1 1 
ATOM   721  N  NH2 . ARG A 1 88  ? -12.308 6.539   -3.799  1.00 61.64 ? 88  ARG A NH2 1 
ATOM   722  N  N   . VAL A 1 89  ? -6.592  8.574   -8.069  1.00 35.97 ? 89  VAL A N   1 
ATOM   723  C  CA  . VAL A 1 89  ? -5.494  8.169   -7.205  1.00 33.22 ? 89  VAL A CA  1 
ATOM   724  C  C   . VAL A 1 89  ? -4.393  7.778   -8.159  1.00 30.84 ? 89  VAL A C   1 
ATOM   725  O  O   . VAL A 1 89  ? -4.640  7.185   -9.204  1.00 31.11 ? 89  VAL A O   1 
ATOM   726  C  CB  . VAL A 1 89  ? -5.814  6.979   -6.270  1.00 35.28 ? 89  VAL A CB  1 
ATOM   727  C  CG1 . VAL A 1 89  ? -6.950  7.322   -5.188  1.00 37.39 ? 89  VAL A CG1 1 
ATOM   728  C  CG2 . VAL A 1 89  ? -6.243  5.785   -7.071  1.00 38.28 ? 89  VAL A CG2 1 
ATOM   729  N  N   . ILE A 1 90  ? -3.179  8.117   -7.773  1.00 27.50 ? 90  ILE A N   1 
ATOM   730  C  CA  . ILE A 1 90  ? -2.008  7.761   -8.574  1.00 25.80 ? 90  ILE A CA  1 
ATOM   731  C  C   . ILE A 1 90  ? -1.243  6.720   -7.724  1.00 24.09 ? 90  ILE A C   1 
ATOM   732  O  O   . ILE A 1 90  ? -0.990  6.970   -6.574  1.00 24.53 ? 90  ILE A O   1 
ATOM   733  C  CB  . ILE A 1 90  ? -1.189  8.971   -8.793  1.00 24.03 ? 90  ILE A CB  1 
ATOM   734  C  CG1 . ILE A 1 90  ? -1.983  9.974   -9.672  1.00 27.20 ? 90  ILE A CG1 1 
ATOM   735  C  CG2 . ILE A 1 90  ? 0.215   8.557   -9.522  1.00 25.66 ? 90  ILE A CG2 1 
ATOM   736  C  CD1 . ILE A 1 90  ? -1.394  11.358  -9.675  1.00 26.86 ? 90  ILE A CD1 1 
ATOM   737  N  N   . TRP A 1 91  ? -0.907  5.606   -8.311  1.00 25.12 ? 91  TRP A N   1 
ATOM   738  C  CA  . TRP A 1 91  ? -0.302  4.468   -7.592  1.00 27.95 ? 91  TRP A CA  1 
ATOM   739  C  C   . TRP A 1 91  ? 0.979   4.106   -8.285  1.00 28.68 ? 91  TRP A C   1 
ATOM   740  O  O   . TRP A 1 91  ? 1.187   4.500   -9.454  1.00 30.24 ? 91  TRP A O   1 
ATOM   741  C  CB  . TRP A 1 91  ? -1.160  3.251   -7.774  1.00 28.57 ? 91  TRP A CB  1 
ATOM   742  C  CG  . TRP A 1 91  ? -2.437  3.247   -7.025  1.00 36.88 ? 91  TRP A CG  1 
ATOM   743  C  CD1 . TRP A 1 91  ? -2.797  4.067   -6.004  1.00 37.66 ? 91  TRP A CD1 1 
ATOM   744  C  CD2 . TRP A 1 91  ? -3.552  2.339   -7.239  1.00 37.48 ? 91  TRP A CD2 1 
ATOM   745  N  NE1 . TRP A 1 91  ? -4.055  3.698   -5.550  1.00 48.10 ? 91  TRP A NE1 1 
ATOM   746  C  CE2 . TRP A 1 91  ? -4.523  2.635   -6.286  1.00 37.70 ? 91  TRP A CE2 1 
ATOM   747  C  CE3 . TRP A 1 91  ? -3.787  1.273   -8.120  1.00 39.49 ? 91  TRP A CE3 1 
ATOM   748  C  CZ2 . TRP A 1 91  ? -5.726  1.954   -6.213  1.00 40.24 ? 91  TRP A CZ2 1 
ATOM   749  C  CZ3 . TRP A 1 91  ? -4.972  0.577   -8.024  1.00 35.99 ? 91  TRP A CZ3 1 
ATOM   750  C  CH2 . TRP A 1 91  ? -5.910  0.916   -7.085  1.00 36.40 ? 91  TRP A CH2 1 
ATOM   751  N  N   . ALA A 1 92  ? 1.759   3.265   -7.634  1.00 24.98 ? 92  ALA A N   1 
ATOM   752  C  CA  . ALA A 1 92  ? 2.947   2.653   -8.272  1.00 23.91 ? 92  ALA A CA  1 
ATOM   753  C  C   . ALA A 1 92  ? 2.643   1.183   -8.238  1.00 23.77 ? 92  ALA A C   1 
ATOM   754  O  O   . ALA A 1 92  ? 2.171   0.665   -7.186  1.00 24.16 ? 92  ALA A O   1 
ATOM   755  C  CB  . ALA A 1 92  ? 4.202   3.007   -7.462  1.00 23.84 ? 92  ALA A CB  1 
ATOM   756  N  N   . GLY A 1 93  ? 2.947   0.465   -9.296  1.00 23.83 ? 93  GLY A N   1 
ATOM   757  C  CA  . GLY A 1 93  ? 2.626   -0.975  -9.339  1.00 24.85 ? 93  GLY A CA  1 
ATOM   758  C  C   . GLY A 1 93  ? 3.771   -1.820  -8.746  1.00 24.32 ? 93  GLY A C   1 
ATOM   759  O  O   . GLY A 1 93  ? 4.899   -1.336  -8.485  1.00 23.63 ? 93  GLY A O   1 
ATOM   760  N  N   . ILE A 1 94  ? 3.500   -3.102  -8.538  1.00 26.26 ? 94  ILE A N   1 
ATOM   761  C  CA  . ILE A 1 94  ? 4.510   -4.047  -8.059  1.00 26.44 ? 94  ILE A CA  1 
ATOM   762  C  C   . ILE A 1 94  ? 4.707   -5.136  -9.123  1.00 29.16 ? 94  ILE A C   1 
ATOM   763  O  O   . ILE A 1 94  ? 3.774   -5.707  -9.544  1.00 30.39 ? 94  ILE A O   1 
ATOM   764  C  CB  . ILE A 1 94  ? 4.046   -4.695  -6.723  1.00 26.13 ? 94  ILE A CB  1 
ATOM   765  C  CG1 . ILE A 1 94  ? 3.786   -3.624  -5.643  1.00 26.62 ? 94  ILE A CG1 1 
ATOM   766  C  CG2 . ILE A 1 94  ? 5.046   -5.838  -6.329  1.00 25.53 ? 94  ILE A CG2 1 
ATOM   767  C  CD1 . ILE A 1 94  ? 4.999   -2.753  -5.342  1.00 26.76 ? 94  ILE A CD1 1 
ATOM   768  N  N   . GLU A 1 95  ? 5.931   -5.381  -9.521  1.00 33.86 ? 95  GLU A N   1 
ATOM   769  C  CA  . GLU A 1 95  ? 6.262   -6.440  -10.460 1.00 39.07 ? 95  GLU A CA  1 
ATOM   770  C  C   . GLU A 1 95  ? 6.654   -7.704  -9.639  1.00 39.33 ? 95  GLU A C   1 
ATOM   771  O  O   . GLU A 1 95  ? 7.424   -7.657  -8.619  1.00 40.23 ? 95  GLU A O   1 
ATOM   772  C  CB  . GLU A 1 95  ? 7.409   -5.999  -11.383 1.00 38.52 ? 95  GLU A CB  1 
ATOM   773  C  CG  . GLU A 1 95  ? 7.498   -6.804  -12.673 1.00 48.85 ? 95  GLU A CG  1 
ATOM   774  C  CD  . GLU A 1 95  ? 6.197   -6.778  -13.468 1.00 56.68 ? 95  GLU A CD  1 
ATOM   775  O  OE1 . GLU A 1 95  ? 6.004   -5.795  -14.243 1.00 58.94 ? 95  GLU A OE1 1 
ATOM   776  O  OE2 . GLU A 1 95  ? 5.373   -7.743  -13.310 1.00 59.09 ? 95  GLU A OE2 1 
ATOM   777  N  N   . ASN A 1 96  ? 6.166   -8.835  -10.117 1.00 39.78 ? 96  ASN A N   1 
ATOM   778  C  CA  . ASN A 1 96  ? 6.150   -10.059 -9.327  1.00 40.01 ? 96  ASN A CA  1 
ATOM   779  C  C   . ASN A 1 96  ? 5.389   -9.909  -8.001  1.00 37.69 ? 96  ASN A C   1 
ATOM   780  O  O   . ASN A 1 96  ? 5.919   -10.247 -6.914  1.00 40.17 ? 96  ASN A O   1 
ATOM   781  C  CB  . ASN A 1 96  ? 7.541   -10.706 -9.129  1.00 41.27 ? 96  ASN A CB  1 
ATOM   782  C  CG  . ASN A 1 96  ? 8.323   -10.104 -7.983  1.00 45.77 ? 96  ASN A CG  1 
ATOM   783  O  OD1 . ASN A 1 96  ? 9.509   -10.400 -7.765  1.00 45.88 ? 96  ASN A OD1 1 
ATOM   784  N  ND2 . ASN A 1 96  ? 7.663   -9.245  -7.240  1.00 51.22 ? 96  ASN A ND2 1 
ATOM   785  N  N   . ASP A 1 97  ? 4.121   -9.544  -8.088  1.00 34.78 ? 97  ASP A N   1 
ATOM   786  C  CA  . ASP A 1 97  ? 3.274   -9.474  -6.888  1.00 33.28 ? 97  ASP A CA  1 
ATOM   787  C  C   . ASP A 1 97  ? 2.496   -10.759 -6.520  1.00 33.09 ? 97  ASP A C   1 
ATOM   788  O  O   . ASP A 1 97  ? 1.594   -10.687 -5.707  1.00 31.35 ? 97  ASP A O   1 
ATOM   789  C  CB  . ASP A 1 97  ? 2.276   -8.332  -7.057  1.00 34.20 ? 97  ASP A CB  1 
ATOM   790  C  CG  . ASP A 1 97  ? 1.430   -8.505  -8.252  1.00 37.39 ? 97  ASP A CG  1 
ATOM   791  O  OD1 . ASP A 1 97  ? 1.851   -9.287  -9.130  1.00 42.06 ? 97  ASP A OD1 1 
ATOM   792  O  OD2 . ASP A 1 97  ? 0.325   -7.975  -8.385  1.00 43.52 ? 97  ASP A OD2 1 
ATOM   793  N  N   . GLU A 1 98  ? 2.823   -11.916 -7.105  1.00 31.82 ? 98  GLU A N   1 
ATOM   794  C  CA  . GLU A 1 98  ? 1.938   -13.084 -6.956  1.00 32.70 ? 98  GLU A CA  1 
ATOM   795  C  C   . GLU A 1 98  ? 1.933   -13.644 -5.557  1.00 30.76 ? 98  GLU A C   1 
ATOM   796  O  O   . GLU A 1 98  ? 0.854   -14.058 -5.061  1.00 29.73 ? 98  GLU A O   1 
ATOM   797  C  CB  . GLU A 1 98  ? 2.344   -14.225 -7.921  1.00 34.71 ? 98  GLU A CB  1 
ATOM   798  C  CG  . GLU A 1 98  ? 1.948   -14.012 -9.379  1.00 40.46 ? 98  GLU A CG  1 
ATOM   799  C  CD  . GLU A 1 98  ? 2.643   -12.824 -9.998  1.00 47.84 ? 98  GLU A CD  1 
ATOM   800  O  OE1 . GLU A 1 98  ? 3.871   -12.538 -9.715  1.00 48.15 ? 98  GLU A OE1 1 
ATOM   801  O  OE2 . GLU A 1 98  ? 1.907   -12.146 -10.737 1.00 54.18 ? 98  GLU A OE2 1 
ATOM   802  N  N   . ILE A 1 99  ? 3.110   -13.661 -4.911  1.00 30.12 ? 99  ILE A N   1 
ATOM   803  C  CA  . ILE A 1 99  ? 3.181   -14.149 -3.527  1.00 30.68 ? 99  ILE A CA  1 
ATOM   804  C  C   . ILE A 1 99  ? 2.471   -13.160 -2.601  1.00 29.31 ? 99  ILE A C   1 
ATOM   805  O  O   . ILE A 1 99  ? 1.644   -13.566 -1.764  1.00 29.58 ? 99  ILE A O   1 
ATOM   806  C  CB  . ILE A 1 99  ? 4.639   -14.418 -2.984  1.00 31.53 ? 99  ILE A CB  1 
ATOM   807  C  CG1 . ILE A 1 99  ? 5.335   -15.565 -3.726  1.00 34.77 ? 99  ILE A CG1 1 
ATOM   808  C  CG2 . ILE A 1 99  ? 4.535   -14.778 -1.461  1.00 29.90 ? 99  ILE A CG2 1 
ATOM   809  C  CD1 . ILE A 1 99  ? 6.356   -15.078 -4.655  1.00 38.79 ? 99  ILE A CD1 1 
ATOM   810  N  N   . ILE A 1 100 ? 2.703   -11.859 -2.781  1.00 28.56 ? 100 ILE A N   1 
ATOM   811  C  CA  . ILE A 1 100 ? 1.866   -10.888 -2.006  1.00 28.44 ? 100 ILE A CA  1 
ATOM   812  C  C   . ILE A 1 100 ? 0.354   -11.161 -2.133  1.00 26.77 ? 100 ILE A C   1 
ATOM   813  O  O   . ILE A 1 100 ? -0.435  -11.132 -1.141  1.00 25.69 ? 100 ILE A O   1 
ATOM   814  C  CB  . ILE A 1 100 ? 2.193   -9.415  -2.461  1.00 28.23 ? 100 ILE A CB  1 
ATOM   815  C  CG1 . ILE A 1 100 ? 3.649   -9.080  -2.074  1.00 30.41 ? 100 ILE A CG1 1 
ATOM   816  C  CG2 . ILE A 1 100 ? 1.266   -8.449  -1.763  1.00 29.33 ? 100 ILE A CG2 1 
ATOM   817  C  CD1 . ILE A 1 100 ? 4.128   -7.714  -2.689  1.00 31.70 ? 100 ILE A CD1 1 
ATOM   818  N  N   . ARG A 1 101 ? -0.047  -11.501 -3.369  1.00 27.56 ? 101 ARG A N   1 
ATOM   819  C  CA  . ARG A 1 101 ? -1.456  -11.701 -3.678  1.00 29.62 ? 101 ARG A CA  1 
ATOM   820  C  C   . ARG A 1 101 ? -1.928  -12.914 -2.953  1.00 28.44 ? 101 ARG A C   1 
ATOM   821  O  O   . ARG A 1 101 ? -2.994  -12.896 -2.316  1.00 28.83 ? 101 ARG A O   1 
ATOM   822  C  CB  . ARG A 1 101 ? -1.673  -11.974 -5.165  1.00 29.37 ? 101 ARG A CB  1 
ATOM   823  C  CG  . ARG A 1 101 ? -1.760  -10.746 -6.046  1.00 37.27 ? 101 ARG A CG  1 
ATOM   824  C  CD  . ARG A 1 101 ? -2.225  -11.075 -7.513  1.00 45.86 ? 101 ARG A CD  1 
ATOM   825  N  NE  . ARG A 1 101 ? -2.962  -12.351 -7.585  1.00 50.38 ? 101 ARG A NE  1 
ATOM   826  C  CZ  . ARG A 1 101 ? -2.884  -13.236 -8.607  1.00 55.69 ? 101 ARG A CZ  1 
ATOM   827  N  NH1 . ARG A 1 101 ? -3.621  -14.350 -8.583  1.00 54.12 ? 101 ARG A NH1 1 
ATOM   828  N  NH2 . ARG A 1 101 ? -2.109  -12.996 -9.677  1.00 56.27 ? 101 ARG A NH2 1 
ATOM   829  N  N   . GLU A 1 102 ? -1.109  -13.952 -3.013  1.00 29.32 ? 102 GLU A N   1 
ATOM   830  C  CA  . GLU A 1 102 ? -1.382  -15.194 -2.285  1.00 30.59 ? 102 GLU A CA  1 
ATOM   831  C  C   . GLU A 1 102 ? -1.557  -14.932 -0.781  1.00 28.70 ? 102 GLU A C   1 
ATOM   832  O  O   . GLU A 1 102 ? -2.496  -15.423 -0.182  1.00 25.64 ? 102 GLU A O   1 
ATOM   833  C  CB  . GLU A 1 102 ? -0.264  -16.222 -2.520  1.00 32.31 ? 102 GLU A CB  1 
ATOM   834  C  CG  . GLU A 1 102 ? -0.399  -16.944 -3.824  1.00 41.46 ? 102 GLU A CG  1 
ATOM   835  C  CD  . GLU A 1 102 ? -1.758  -17.592 -3.904  1.00 50.04 ? 102 GLU A CD  1 
ATOM   836  O  OE1 . GLU A 1 102 ? -2.107  -18.381 -2.984  1.00 52.35 ? 102 GLU A OE1 1 
ATOM   837  O  OE2 . GLU A 1 102 ? -2.492  -17.249 -4.844  1.00 56.87 ? 102 GLU A OE2 1 
HETATM 838  N  N   . MSE A 1 103 ? -0.650  -14.141 -0.159  1.00 26.19 ? 103 MSE A N   1 
HETATM 839  C  CA  . MSE A 1 103 ? -0.814  -13.764 1.249   1.00 26.35 ? 103 MSE A CA  1 
HETATM 840  C  C   . MSE A 1 103 ? -2.027  -13.008 1.562   1.00 23.89 ? 103 MSE A C   1 
HETATM 841  O  O   . MSE A 1 103 ? -2.662  -13.259 2.583   1.00 25.24 ? 103 MSE A O   1 
HETATM 842  C  CB  . MSE A 1 103 ? 0.412   -12.947 1.804   1.00 24.92 ? 103 MSE A CB  1 
HETATM 843  C  CG  . MSE A 1 103 ? 1.525   -13.835 2.008   1.00 31.72 ? 103 MSE A CG  1 
HETATM 844  SE SE  . MSE A 1 103 ? 2.909   -13.008 3.059   1.00 38.53 ? 103 MSE A SE  1 
HETATM 845  C  CE  . MSE A 1 103 ? 3.464   -12.216 1.409   1.00 25.29 ? 103 MSE A CE  1 
ATOM   846  N  N   . ALA A 1 104 ? -2.402  -12.068 0.700   1.00 24.94 ? 104 ALA A N   1 
ATOM   847  C  CA  . ALA A 1 104 ? -3.544  -11.252 1.007   1.00 24.87 ? 104 ALA A CA  1 
ATOM   848  C  C   . ALA A 1 104 ? -4.816  -12.150 0.895   1.00 27.14 ? 104 ALA A C   1 
ATOM   849  O  O   . ALA A 1 104 ? -5.759  -12.017 1.668   1.00 26.66 ? 104 ALA A O   1 
ATOM   850  C  CB  . ALA A 1 104 ? -3.582  -10.074 0.054   1.00 26.44 ? 104 ALA A CB  1 
ATOM   851  N  N   . ARG A 1 105 ? -4.819  -13.095 -0.042  1.00 27.93 ? 105 ARG A N   1 
ATOM   852  C  CA  . ARG A 1 105 ? -5.980  -13.982 -0.133  1.00 29.49 ? 105 ARG A CA  1 
ATOM   853  C  C   . ARG A 1 105 ? -6.015  -14.888 1.114   1.00 27.34 ? 105 ARG A C   1 
ATOM   854  O  O   . ARG A 1 105 ? -7.053  -15.144 1.679   1.00 28.35 ? 105 ARG A O   1 
ATOM   855  C  CB  . ARG A 1 105 ? -5.898  -14.846 -1.369  1.00 30.63 ? 105 ARG A CB  1 
ATOM   856  C  CG  . ARG A 1 105 ? -6.011  -14.076 -2.657  1.00 37.91 ? 105 ARG A CG  1 
ATOM   857  C  CD  . ARG A 1 105 ? -5.687  -14.953 -3.826  1.00 50.45 ? 105 ARG A CD  1 
ATOM   858  N  NE  . ARG A 1 105 ? -6.086  -14.419 -5.129  1.00 54.57 ? 105 ARG A NE  1 
ATOM   859  C  CZ  . ARG A 1 105 ? -5.653  -14.930 -6.274  1.00 57.70 ? 105 ARG A CZ  1 
ATOM   860  N  NH1 . ARG A 1 105 ? -6.057  -14.416 -7.429  1.00 56.30 ? 105 ARG A NH1 1 
ATOM   861  N  NH2 . ARG A 1 105 ? -4.801  -15.962 -6.253  1.00 60.22 ? 105 ARG A NH2 1 
ATOM   862  N  N   . GLU A 1 106 ? -4.870  -15.341 1.573   1.00 28.65 ? 106 GLU A N   1 
ATOM   863  C  CA  . GLU A 1 106 ? -4.862  -16.211 2.780   1.00 28.28 ? 106 GLU A CA  1 
ATOM   864  C  C   . GLU A 1 106 ? -5.301  -15.433 3.998   1.00 27.11 ? 106 GLU A C   1 
ATOM   865  O  O   . GLU A 1 106 ? -6.150  -15.897 4.756   1.00 28.06 ? 106 GLU A O   1 
ATOM   866  C  CB  . GLU A 1 106 ? -3.508  -16.844 3.016   1.00 28.68 ? 106 GLU A CB  1 
ATOM   867  C  CG  . GLU A 1 106 ? -3.604  -17.825 4.176   1.00 34.16 ? 106 GLU A CG  1 
ATOM   868  C  CD  . GLU A 1 106 ? -2.429  -18.726 4.230   1.00 39.84 ? 106 GLU A CD  1 
ATOM   869  O  OE1 . GLU A 1 106 ? -2.323  -19.447 5.246   1.00 44.87 ? 106 GLU A OE1 1 
ATOM   870  O  OE2 . GLU A 1 106 ? -1.660  -18.730 3.240   1.00 39.09 ? 106 GLU A OE2 1 
ATOM   871  N  N   . ILE A 1 107 ? -4.850  -14.178 4.116   1.00 24.17 ? 107 ILE A N   1 
ATOM   872  C  CA  . ILE A 1 107 ? -5.353  -13.336 5.155   1.00 24.72 ? 107 ILE A CA  1 
ATOM   873  C  C   . ILE A 1 107 ? -6.878  -13.178 5.096   1.00 26.96 ? 107 ILE A C   1 
ATOM   874  O  O   . ILE A 1 107 ? -7.548  -13.263 6.137   1.00 27.38 ? 107 ILE A O   1 
ATOM   875  C  CB  . ILE A 1 107 ? -4.630  -11.958 5.133   1.00 23.11 ? 107 ILE A CB  1 
ATOM   876  C  CG1 . ILE A 1 107 ? -3.156  -12.207 5.504   1.00 27.12 ? 107 ILE A CG1 1 
ATOM   877  C  CG2 . ILE A 1 107 ? -5.334  -10.915 6.126   1.00 20.65 ? 107 ILE A CG2 1 
ATOM   878  C  CD1 . ILE A 1 107 ? -2.188  -11.006 5.085   1.00 22.81 ? 107 ILE A CD1 1 
ATOM   879  N  N   . GLU A 1 108 ? -7.413  -12.867 3.905   1.00 27.25 ? 108 GLU A N   1 
ATOM   880  C  CA  . GLU A 1 108 ? -8.852  -12.676 3.819   1.00 29.85 ? 108 GLU A CA  1 
ATOM   881  C  C   . GLU A 1 108 ? -9.618  -13.941 4.231   1.00 28.60 ? 108 GLU A C   1 
ATOM   882  O  O   . GLU A 1 108 ? -10.621 -13.835 4.919   1.00 30.33 ? 108 GLU A O   1 
ATOM   883  C  CB  . GLU A 1 108 ? -9.293  -12.275 2.406   1.00 30.51 ? 108 GLU A CB  1 
ATOM   884  C  CG  . GLU A 1 108 ? -8.757  -10.903 1.976   1.00 34.88 ? 108 GLU A CG  1 
ATOM   885  C  CD  . GLU A 1 108 ? -9.889  -10.047 1.431   1.00 40.75 ? 108 GLU A CD  1 
ATOM   886  O  OE1 . GLU A 1 108 ? -10.134 -8.967  2.038   1.00 42.14 ? 108 GLU A OE1 1 
ATOM   887  O  OE2 . GLU A 1 108 ? -10.537 -10.512 0.433   1.00 37.14 ? 108 GLU A OE2 1 
ATOM   888  N  N   . ASP A 1 109 ? -9.136  -15.100 3.846   1.00 30.23 ? 109 ASP A N   1 
ATOM   889  C  CA  . ASP A 1 109 ? -9.854  -16.358 4.213   1.00 32.94 ? 109 ASP A CA  1 
ATOM   890  C  C   . ASP A 1 109 ? -9.844  -16.635 5.712   1.00 33.65 ? 109 ASP A C   1 
ATOM   891  O  O   . ASP A 1 109 ? -10.856 -17.019 6.300   1.00 34.98 ? 109 ASP A O   1 
ATOM   892  C  CB  . ASP A 1 109 ? -9.295  -17.570 3.479   1.00 33.67 ? 109 ASP A CB  1 
ATOM   893  C  CG  . ASP A 1 109 ? -9.511  -17.497 1.996   1.00 36.31 ? 109 ASP A CG  1 
ATOM   894  O  OD1 . ASP A 1 109 ? -8.746  -18.175 1.270   1.00 39.44 ? 109 ASP A OD1 1 
ATOM   895  O  OD2 . ASP A 1 109 ? -10.337 -16.715 1.471   1.00 37.28 ? 109 ASP A OD2 1 
ATOM   896  N  N   . GLU A 1 110 ? -8.726  -16.401 6.373   1.00 32.78 ? 110 GLU A N   1 
ATOM   897  C  CA  . GLU A 1 110 ? -8.637  -16.704 7.798   1.00 32.91 ? 110 GLU A CA  1 
ATOM   898  C  C   . GLU A 1 110 ? -9.448  -15.722 8.612   1.00 32.27 ? 110 GLU A C   1 
ATOM   899  O  O   . GLU A 1 110 ? -10.178 -16.114 9.577   1.00 31.76 ? 110 GLU A O   1 
ATOM   900  C  CB  . GLU A 1 110 ? -7.171  -16.701 8.244   1.00 33.26 ? 110 GLU A CB  1 
ATOM   901  C  CG  . GLU A 1 110 ? -6.366  -17.871 7.733   1.00 38.10 ? 110 GLU A CG  1 
ATOM   902  C  CD  . GLU A 1 110 ? -6.900  -19.213 8.250   1.00 42.70 ? 110 GLU A CD  1 
ATOM   903  O  OE1 . GLU A 1 110 ? -7.372  -19.278 9.401   1.00 44.35 ? 110 GLU A OE1 1 
ATOM   904  O  OE2 . GLU A 1 110 ? -6.930  -20.168 7.450   1.00 48.35 ? 110 GLU A OE2 1 
ATOM   905  N  N   . LEU A 1 111 ? -9.379  -14.436 8.230   1.00 30.50 ? 111 LEU A N   1 
ATOM   906  C  CA  . LEU A 1 111 ? -10.089 -13.393 8.968   1.00 30.54 ? 111 LEU A CA  1 
ATOM   907  C  C   . LEU A 1 111 ? -11.596 -13.471 8.698   1.00 31.52 ? 111 LEU A C   1 
ATOM   908  O  O   . LEU A 1 111 ? -12.426 -12.986 9.492   1.00 33.45 ? 111 LEU A O   1 
ATOM   909  C  CB  . LEU A 1 111 ? -9.538  -11.982 8.629   1.00 27.81 ? 111 LEU A CB  1 
ATOM   910  C  CG  . LEU A 1 111 ? -8.046  -11.689 9.013   1.00 32.13 ? 111 LEU A CG  1 
ATOM   911  C  CD1 . LEU A 1 111 ? -7.797  -10.207 9.199   1.00 32.31 ? 111 LEU A CD1 1 
ATOM   912  C  CD2 . LEU A 1 111 ? -7.463  -12.499 10.205  1.00 29.46 ? 111 LEU A CD2 1 
ATOM   913  N  N   . ALA A 1 112 ? -11.953 -14.058 7.562   1.00 33.55 ? 112 ALA A N   1 
ATOM   914  C  CA  . ALA A 1 112 ? -13.358 -14.426 7.340   1.00 36.17 ? 112 ALA A CA  1 
ATOM   915  C  C   . ALA A 1 112 ? -13.936 -15.233 8.542   1.00 37.36 ? 112 ALA A C   1 
ATOM   916  O  O   . ALA A 1 112 ? -15.093 -15.047 8.938   1.00 37.77 ? 112 ALA A O   1 
ATOM   917  C  CB  . ALA A 1 112 ? -13.475 -15.222 6.080   1.00 36.11 ? 112 ALA A CB  1 
ATOM   918  N  N   . LYS A 1 113 ? -13.125 -16.096 9.139   1.00 39.21 ? 113 LYS A N   1 
ATOM   919  C  CA  . LYS A 1 113 ? -13.573 -16.869 10.321  1.00 41.04 ? 113 LYS A CA  1 
ATOM   920  C  C   . LYS A 1 113 ? -13.910 -15.956 11.504  1.00 40.96 ? 113 LYS A C   1 
ATOM   921  O  O   . LYS A 1 113 ? -14.611 -16.384 12.452  1.00 42.02 ? 113 LYS A O   1 
ATOM   922  C  CB  . LYS A 1 113 ? -12.505 -17.883 10.790  1.00 41.93 ? 113 LYS A CB  1 
ATOM   923  C  CG  . LYS A 1 113 ? -12.345 -19.207 9.982   1.00 47.36 ? 113 LYS A CG  1 
ATOM   924  C  CD  . LYS A 1 113 ? -12.249 -18.998 8.511   1.00 52.77 ? 113 LYS A CD  1 
ATOM   925  C  CE  . LYS A 1 113 ? -12.183 -20.338 7.730   1.00 57.25 ? 113 LYS A CE  1 
ATOM   926  N  NZ  . LYS A 1 113 ? -10.854 -21.031 7.861   1.00 56.78 ? 113 LYS A NZ  1 
ATOM   927  N  N   . LEU A 1 114 ? -13.423 -14.713 11.483  1.00 38.48 ? 114 LEU A N   1 
ATOM   928  C  CA  . LEU A 1 114 ? -13.607 -13.818 12.625  1.00 36.06 ? 114 LEU A CA  1 
ATOM   929  C  C   . LEU A 1 114 ? -14.697 -12.785 12.307  1.00 36.69 ? 114 LEU A C   1 
ATOM   930  O  O   . LEU A 1 114 ? -15.009 -11.925 13.132  1.00 36.01 ? 114 LEU A O   1 
ATOM   931  C  CB  . LEU A 1 114 ? -12.285 -13.107 12.962  1.00 36.42 ? 114 LEU A CB  1 
ATOM   932  C  CG  . LEU A 1 114 ? -11.017 -13.907 13.260  1.00 38.34 ? 114 LEU A CG  1 
ATOM   933  C  CD1 . LEU A 1 114 ? -9.997  -12.998 13.956  1.00 39.37 ? 114 LEU A CD1 1 
ATOM   934  C  CD2 . LEU A 1 114 ? -11.271 -15.144 14.122  1.00 39.87 ? 114 LEU A CD2 1 
ATOM   935  N  N   . GLY A 1 115 ? -15.287 -12.901 11.110  1.00 35.40 ? 115 GLY A N   1 
ATOM   936  C  CA  . GLY A 1 115 ? -16.403 -12.062 10.702  1.00 35.79 ? 115 GLY A CA  1 
ATOM   937  C  C   . GLY A 1 115 ? -16.066 -10.939 9.726   1.00 36.02 ? 115 GLY A C   1 
ATOM   938  O  O   . GLY A 1 115 ? -16.931 -10.123 9.359   1.00 33.53 ? 115 GLY A O   1 
ATOM   939  N  N   . PHE A 1 116 ? -14.796 -10.834 9.319   1.00 35.47 ? 116 PHE A N   1 
ATOM   940  C  CA  . PHE A 1 116 ? -14.418 -9.708  8.481   1.00 35.11 ? 116 PHE A CA  1 
ATOM   941  C  C   . PHE A 1 116 ? -14.790 -10.118 7.081   1.00 35.96 ? 116 PHE A C   1 
ATOM   942  O  O   . PHE A 1 116 ? -14.482 -11.237 6.661   1.00 34.49 ? 116 PHE A O   1 
ATOM   943  C  CB  . PHE A 1 116 ? -12.904 -9.461  8.548   1.00 34.23 ? 116 PHE A CB  1 
ATOM   944  C  CG  . PHE A 1 116 ? -12.441 -8.917  9.849   1.00 31.72 ? 116 PHE A CG  1 
ATOM   945  C  CD1 . PHE A 1 116 ? -12.054 -9.756  10.843  1.00 32.08 ? 116 PHE A CD1 1 
ATOM   946  C  CD2 . PHE A 1 116 ? -12.402 -7.560  10.089  1.00 30.45 ? 116 PHE A CD2 1 
ATOM   947  C  CE1 . PHE A 1 116 ? -11.599 -9.235  12.070  1.00 30.66 ? 116 PHE A CE1 1 
ATOM   948  C  CE2 . PHE A 1 116 ? -11.920 -7.024  11.343  1.00 29.22 ? 116 PHE A CE2 1 
ATOM   949  C  CZ  . PHE A 1 116 ? -11.564 -7.874  12.324  1.00 28.50 ? 116 PHE A CZ  1 
ATOM   950  N  N   . LYS A 1 117 ? -15.375 -9.187  6.338   1.00 36.74 ? 117 LYS A N   1 
ATOM   951  C  CA  . LYS A 1 117 ? -15.802 -9.476  4.968   1.00 38.79 ? 117 LYS A CA  1 
ATOM   952  C  C   . LYS A 1 117 ? -14.625 -9.687  4.064   1.00 38.13 ? 117 LYS A C   1 
ATOM   953  O  O   . LYS A 1 117 ? -13.629 -8.948  4.187   1.00 37.17 ? 117 LYS A O   1 
ATOM   954  C  CB  . LYS A 1 117 ? -16.600 -8.291  4.451   1.00 39.28 ? 117 LYS A CB  1 
ATOM   955  C  CG  . LYS A 1 117 ? -17.773 -7.926  5.310   1.00 44.93 ? 117 LYS A CG  1 
ATOM   956  C  CD  . LYS A 1 117 ? -18.752 -7.055  4.526   1.00 50.28 ? 117 LYS A CD  1 
ATOM   957  C  CE  . LYS A 1 117 ? -19.437 -5.997  5.443   1.00 54.05 ? 117 LYS A CE  1 
ATOM   958  N  NZ  . LYS A 1 117 ? -20.582 -5.344  4.684   1.00 58.82 ? 117 LYS A NZ  1 
ATOM   959  N  N   . LYS A 1 118 ? -14.708 -10.692 3.186   1.00 39.44 ? 118 LYS A N   1 
ATOM   960  C  CA  . LYS A 1 118 ? -13.720 -10.859 2.121   1.00 42.13 ? 118 LYS A CA  1 
ATOM   961  C  C   . LYS A 1 118 ? -14.000 -9.801  1.064   1.00 43.59 ? 118 LYS A C   1 
ATOM   962  O  O   . LYS A 1 118 ? -15.146 -9.700  0.566   1.00 44.82 ? 118 LYS A O   1 
ATOM   963  C  CB  . LYS A 1 118 ? -13.757 -12.253 1.472   1.00 42.34 ? 118 LYS A CB  1 
ATOM   964  C  CG  . LYS A 1 118 ? -13.684 -13.393 2.450   1.00 43.70 ? 118 LYS A CG  1 
ATOM   965  C  CD  . LYS A 1 118 ? -13.820 -14.690 1.734   1.00 43.82 ? 118 LYS A CD  1 
ATOM   966  C  CE  . LYS A 1 118 ? -13.665 -15.850 2.683   1.00 43.47 ? 118 LYS A CE  1 
ATOM   967  N  NZ  . LYS A 1 118 ? -13.259 -17.057 1.861   1.00 45.48 ? 118 LYS A NZ  1 
ATOM   968  N  N   . GLU A 1 119 ? -13.003 -9.011  0.696   1.00 44.08 ? 119 GLU A N   1 
ATOM   969  C  CA  . GLU A 1 119 ? -13.291 -7.995  -0.299  1.00 46.80 ? 119 GLU A CA  1 
ATOM   970  C  C   . GLU A 1 119 ? -12.890 -8.356  -1.707  1.00 46.17 ? 119 GLU A C   1 
ATOM   971  O  O   . GLU A 1 119 ? -13.400 -7.771  -2.658  1.00 46.42 ? 119 GLU A O   1 
ATOM   972  C  CB  . GLU A 1 119 ? -12.794 -6.626  0.114   1.00 47.87 ? 119 GLU A CB  1 
ATOM   973  C  CG  . GLU A 1 119 ? -13.748 -5.976  1.112   1.00 54.37 ? 119 GLU A CG  1 
ATOM   974  C  CD  . GLU A 1 119 ? -13.495 -4.489  1.300   1.00 62.83 ? 119 GLU A CD  1 
ATOM   975  O  OE1 . GLU A 1 119 ? -12.503 -4.149  1.999   1.00 65.90 ? 119 GLU A OE1 1 
ATOM   976  O  OE2 . GLU A 1 119 ? -14.295 -3.666  0.762   1.00 65.58 ? 119 GLU A OE2 1 
ATOM   977  N  N   . GLY A 1 120 ? -11.995 -9.328  -1.845  1.00 46.69 ? 120 GLY A N   1 
ATOM   978  C  CA  . GLY A 1 120 ? -11.633 -9.840  -3.165  1.00 47.37 ? 120 GLY A CA  1 
ATOM   979  C  C   . GLY A 1 120 ? -10.974 -8.813  -4.083  1.00 47.89 ? 120 GLY A C   1 
ATOM   980  O  O   . GLY A 1 120 ? -10.678 -7.666  -3.676  1.00 47.40 ? 120 GLY A O   1 
ATOM   981  N  N   . ASN A 1 121 ? -10.707 -9.237  -5.319  1.00 48.43 ? 121 ASN A N   1 
ATOM   982  C  CA  . ASN A 1 121 ? -10.070 -8.391  -6.346  1.00 48.39 ? 121 ASN A CA  1 
ATOM   983  C  C   . ASN A 1 121 ? -8.887  -7.575  -5.786  1.00 47.92 ? 121 ASN A C   1 
ATOM   984  O  O   . ASN A 1 121 ? -8.831  -6.347  -5.966  1.00 48.10 ? 121 ASN A O   1 
ATOM   985  C  CB  . ASN A 1 121 ? -11.091 -7.432  -7.018  1.00 49.61 ? 121 ASN A CB  1 
ATOM   986  C  CG  . ASN A 1 121 ? -12.289 -8.173  -7.706  1.00 51.52 ? 121 ASN A CG  1 
ATOM   987  O  OD1 . ASN A 1 121 ? -13.360 -8.344  -7.109  1.00 53.98 ? 121 ASN A OD1 1 
ATOM   988  N  ND2 . ASN A 1 121 ? -12.099 -8.582  -8.957  1.00 50.02 ? 121 ASN A ND2 1 
ATOM   989  N  N   . PHE A 1 122 ? -7.998  -8.230  -5.031  1.00 46.39 ? 122 PHE A N   1 
ATOM   990  C  CA  . PHE A 1 122 ? -6.843  -7.544  -4.432  1.00 43.15 ? 122 PHE A CA  1 
ATOM   991  C  C   . PHE A 1 122 ? -5.893  -7.039  -5.556  1.00 41.54 ? 122 PHE A C   1 
ATOM   992  O  O   . PHE A 1 122 ? -5.683  -7.743  -6.518  1.00 43.37 ? 122 PHE A O   1 
ATOM   993  C  CB  . PHE A 1 122 ? -6.094  -8.512  -3.502  1.00 42.28 ? 122 PHE A CB  1 
ATOM   994  C  CG  . PHE A 1 122 ? -4.727  -8.039  -3.109  1.00 37.09 ? 122 PHE A CG  1 
ATOM   995  C  CD1 . PHE A 1 122 ? -4.589  -7.022  -2.196  1.00 36.22 ? 122 PHE A CD1 1 
ATOM   996  C  CD2 . PHE A 1 122 ? -3.572  -8.594  -3.689  1.00 32.02 ? 122 PHE A CD2 1 
ATOM   997  C  CE1 . PHE A 1 122 ? -3.270  -6.528  -1.821  1.00 34.77 ? 122 PHE A CE1 1 
ATOM   998  C  CE2 . PHE A 1 122 ? -2.208  -8.075  -3.343  1.00 28.70 ? 122 PHE A CE2 1 
ATOM   999  C  CZ  . PHE A 1 122 ? -2.093  -7.064  -2.390  1.00 30.91 ? 122 PHE A CZ  1 
ATOM   1000 N  N   . VAL A 1 123 ? -5.315  -5.845  -5.422  1.00 39.62 ? 123 VAL A N   1 
ATOM   1001 C  CA  . VAL A 1 123 ? -4.242  -5.438  -6.356  1.00 37.66 ? 123 VAL A CA  1 
ATOM   1002 C  C   . VAL A 1 123 ? -3.077  -4.798  -5.577  1.00 34.39 ? 123 VAL A C   1 
ATOM   1003 O  O   . VAL A 1 123 ? -3.248  -3.811  -4.881  1.00 34.67 ? 123 VAL A O   1 
ATOM   1004 C  CB  . VAL A 1 123 ? -4.755  -4.463  -7.453  1.00 39.39 ? 123 VAL A CB  1 
ATOM   1005 C  CG1 . VAL A 1 123 ? -3.616  -3.876  -8.271  1.00 40.22 ? 123 VAL A CG1 1 
ATOM   1006 C  CG2 . VAL A 1 123 ? -5.761  -5.190  -8.421  1.00 40.42 ? 123 VAL A CG2 1 
ATOM   1007 N  N   . ALA A 1 124 ? -1.913  -5.399  -5.659  1.00 29.71 ? 124 ALA A N   1 
ATOM   1008 C  CA  . ALA A 1 124 ? -0.762  -4.892  -4.927  1.00 29.13 ? 124 ALA A CA  1 
ATOM   1009 C  C   . ALA A 1 124 ? -0.336  -3.539  -5.528  1.00 27.20 ? 124 ALA A C   1 
ATOM   1010 O  O   . ALA A 1 124 ? 0.022   -3.449  -6.691  1.00 27.08 ? 124 ALA A O   1 
ATOM   1011 C  CB  . ALA A 1 124 ? 0.407   -5.934  -4.961  1.00 27.98 ? 124 ALA A CB  1 
ATOM   1012 N  N   . HIS A 1 125 ? -0.422  -2.493  -4.738  1.00 24.99 ? 125 HIS A N   1 
ATOM   1013 C  CA  . HIS A 1 125 ? 0.014   -1.176  -5.242  1.00 26.14 ? 125 HIS A CA  1 
ATOM   1014 C  C   . HIS A 1 125 ? 0.475   -0.358  -4.091  1.00 23.77 ? 125 HIS A C   1 
ATOM   1015 O  O   . HIS A 1 125 ? 0.163   -0.686  -2.938  1.00 22.94 ? 125 HIS A O   1 
ATOM   1016 C  CB  . HIS A 1 125 ? -1.153  -0.435  -5.958  1.00 26.48 ? 125 HIS A CB  1 
ATOM   1017 C  CG  . HIS A 1 125 ? -2.328  -0.164  -5.064  1.00 31.08 ? 125 HIS A CG  1 
ATOM   1018 N  ND1 . HIS A 1 125 ? -3.279  -1.123  -4.768  1.00 34.41 ? 125 HIS A ND1 1 
ATOM   1019 C  CD2 . HIS A 1 125 ? -2.691  0.950   -4.374  1.00 38.75 ? 125 HIS A CD2 1 
ATOM   1020 C  CE1 . HIS A 1 125 ? -4.195  -0.601  -3.968  1.00 38.14 ? 125 HIS A CE1 1 
ATOM   1021 N  NE2 . HIS A 1 125 ? -3.861  0.651   -3.702  1.00 37.11 ? 125 HIS A NE2 1 
ATOM   1022 N  N   . ILE A 1 126 ? 1.206   0.722   -4.377  1.00 21.42 ? 126 ILE A N   1 
ATOM   1023 C  CA  . ILE A 1 126 ? 1.541   1.704   -3.354  1.00 22.16 ? 126 ILE A CA  1 
ATOM   1024 C  C   . ILE A 1 126 ? 0.893   2.993   -3.776  1.00 23.39 ? 126 ILE A C   1 
ATOM   1025 O  O   . ILE A 1 126 ? 1.259   3.531   -4.859  1.00 20.95 ? 126 ILE A O   1 
ATOM   1026 C  CB  . ILE A 1 126 ? 3.086   1.880   -3.273  1.00 21.30 ? 126 ILE A CB  1 
ATOM   1027 C  CG1 . ILE A 1 126 ? 3.757   0.522   -2.883  1.00 20.02 ? 126 ILE A CG1 1 
ATOM   1028 C  CG2 . ILE A 1 126 ? 3.422   3.054   -2.327  1.00 21.96 ? 126 ILE A CG2 1 
ATOM   1029 C  CD1 . ILE A 1 126 ? 5.296   0.418   -3.341  1.00 18.64 ? 126 ILE A CD1 1 
ATOM   1030 N  N   . THR A 1 127 ? -0.007  3.533   -2.936  1.00 22.66 ? 127 THR A N   1 
ATOM   1031 C  CA  . THR A 1 127 ? -0.683  4.762   -3.329  1.00 22.75 ? 127 THR A CA  1 
ATOM   1032 C  C   . THR A 1 127 ? 0.313   5.904   -3.189  1.00 22.59 ? 127 THR A C   1 
ATOM   1033 O  O   . THR A 1 127 ? 0.996   6.008   -2.138  1.00 22.66 ? 127 THR A O   1 
ATOM   1034 C  CB  . THR A 1 127 ? -1.869  4.988   -2.456  1.00 22.52 ? 127 THR A CB  1 
ATOM   1035 O  OG1 . THR A 1 127 ? -2.822  3.970   -2.750  1.00 26.97 ? 127 THR A OG1 1 
ATOM   1036 C  CG2 . THR A 1 127 ? -2.635  6.423   -2.827  1.00 25.17 ? 127 THR A CG2 1 
ATOM   1037 N  N   . LEU A 1 128 ? 0.414   6.741   -4.223  1.00 21.72 ? 128 LEU A N   1 
ATOM   1038 C  CA  . LEU A 1 128 ? 1.358   7.898   -4.158  1.00 21.80 ? 128 LEU A CA  1 
ATOM   1039 C  C   . LEU A 1 128 ? 0.669   9.251   -3.835  1.00 21.72 ? 128 LEU A C   1 
ATOM   1040 O  O   . LEU A 1 128 ? 1.221   10.165  -3.231  1.00 24.11 ? 128 LEU A O   1 
ATOM   1041 C  CB  . LEU A 1 128 ? 2.092   8.038   -5.514  1.00 22.01 ? 128 LEU A CB  1 
ATOM   1042 C  CG  . LEU A 1 128 ? 3.010   6.900   -5.946  1.00 21.91 ? 128 LEU A CG  1 
ATOM   1043 C  CD1 . LEU A 1 128 ? 3.852   7.418   -7.197  1.00 22.50 ? 128 LEU A CD1 1 
ATOM   1044 C  CD2 . LEU A 1 128 ? 4.011   6.514   -4.844  1.00 20.86 ? 128 LEU A CD2 1 
ATOM   1045 N  N   . GLY A 1 129 ? -0.565  9.396   -4.240  1.00 23.76 ? 129 GLY A N   1 
ATOM   1046 C  CA  . GLY A 1 129 ? -1.315  10.592  -3.845  1.00 25.94 ? 129 GLY A CA  1 
ATOM   1047 C  C   . GLY A 1 129 ? -2.738  10.480  -4.353  1.00 27.56 ? 129 GLY A C   1 
ATOM   1048 O  O   . GLY A 1 129 ? -3.052  9.602   -5.185  1.00 26.00 ? 129 GLY A O   1 
ATOM   1049 N  N   . ARG A 1 130 ? -3.585  11.361  -3.813  1.00 29.19 ? 130 ARG A N   1 
ATOM   1050 C  CA  . ARG A 1 130 ? -4.994  11.463  -4.193  1.00 31.24 ? 130 ARG A CA  1 
ATOM   1051 C  C   . ARG A 1 130 ? -5.244  12.819  -4.887  1.00 29.12 ? 130 ARG A C   1 
ATOM   1052 O  O   . ARG A 1 130 ? -4.807  13.827  -4.387  1.00 29.74 ? 130 ARG A O   1 
ATOM   1053 C  CB  . ARG A 1 130 ? -5.844  11.430  -2.927  1.00 33.87 ? 130 ARG A CB  1 
ATOM   1054 C  CG  . ARG A 1 130 ? -5.720  10.109  -2.070  1.00 42.43 ? 130 ARG A CG  1 
ATOM   1055 C  CD  . ARG A 1 130 ? -4.393  9.933   -1.247  1.00 50.59 ? 130 ARG A CD  1 
ATOM   1056 N  NE  . ARG A 1 130 ? -4.425  8.880   -0.171  1.00 57.18 ? 130 ARG A NE  1 
ATOM   1057 C  CZ  . ARG A 1 130 ? -5.143  7.739   -0.182  1.00 58.90 ? 130 ARG A CZ  1 
ATOM   1058 N  NH1 . ARG A 1 130 ? -5.034  6.912   0.850   1.00 60.82 ? 130 ARG A NH1 1 
ATOM   1059 N  NH2 . ARG A 1 130 ? -5.966  7.415   -1.198  1.00 56.95 ? 130 ARG A NH2 1 
ATOM   1060 N  N   . VAL A 1 131 ? -5.906  12.795  -6.051  1.00 28.82 ? 131 VAL A N   1 
ATOM   1061 C  CA  . VAL A 1 131 ? -6.152  13.928  -6.907  1.00 29.49 ? 131 VAL A CA  1 
ATOM   1062 C  C   . VAL A 1 131 ? -7.414  14.572  -6.381  1.00 30.87 ? 131 VAL A C   1 
ATOM   1063 O  O   . VAL A 1 131 ? -8.438  13.913  -6.277  1.00 31.08 ? 131 VAL A O   1 
ATOM   1064 C  CB  . VAL A 1 131 ? -6.385  13.436  -8.324  1.00 29.58 ? 131 VAL A CB  1 
ATOM   1065 C  CG1 . VAL A 1 131 ? -6.707  14.588  -9.258  1.00 30.74 ? 131 VAL A CG1 1 
ATOM   1066 C  CG2 . VAL A 1 131 ? -5.141  12.560  -8.809  1.00 31.70 ? 131 VAL A CG2 1 
ATOM   1067 N  N   . LYS A 1 132 ? -7.286  15.807  -5.930  1.00 30.70 ? 132 LYS A N   1 
ATOM   1068 C  CA  . LYS A 1 132 ? -8.461  16.626  -5.627  1.00 31.56 ? 132 LYS A CA  1 
ATOM   1069 C  C   . LYS A 1 132 ? -9.182  17.121  -6.857  1.00 31.53 ? 132 LYS A C   1 
ATOM   1070 O  O   . LYS A 1 132 ? -10.392 16.975  -6.923  1.00 33.51 ? 132 LYS A O   1 
ATOM   1071 C  CB  . LYS A 1 132 ? -8.043  17.745  -4.716  1.00 30.51 ? 132 LYS A CB  1 
ATOM   1072 C  CG  . LYS A 1 132 ? -7.942  17.160  -3.323  1.00 34.42 ? 132 LYS A CG  1 
ATOM   1073 C  CD  . LYS A 1 132 ? -7.360  18.097  -2.347  1.00 43.60 ? 132 LYS A CD  1 
ATOM   1074 C  CE  . LYS A 1 132 ? -7.963  17.866  -1.001  1.00 45.14 ? 132 LYS A CE  1 
ATOM   1075 N  NZ  . LYS A 1 132 ? -7.263  16.878  -0.246  1.00 49.25 ? 132 LYS A NZ  1 
ATOM   1076 N  N   . PHE A 1 133 ? -8.440  17.660  -7.825  1.00 31.12 ? 133 PHE A N   1 
ATOM   1077 C  CA  . PHE A 1 133 ? -8.927  17.984  -9.168  1.00 32.58 ? 133 PHE A CA  1 
ATOM   1078 C  C   . PHE A 1 133 ? -7.749  18.246  -10.090 1.00 31.34 ? 133 PHE A C   1 
ATOM   1079 O  O   . PHE A 1 133 ? -6.656  18.654  -9.662  1.00 30.09 ? 133 PHE A O   1 
ATOM   1080 C  CB  . PHE A 1 133 ? -9.915  19.192  -9.164  1.00 31.91 ? 133 PHE A CB  1 
ATOM   1081 C  CG  . PHE A 1 133 ? -9.232  20.516  -8.995  1.00 31.02 ? 133 PHE A CG  1 
ATOM   1082 C  CD1 . PHE A 1 133 ? -8.898  21.265  -10.110 1.00 30.87 ? 133 PHE A CD1 1 
ATOM   1083 C  CD2 . PHE A 1 133 ? -8.901  20.993  -7.715  1.00 35.53 ? 133 PHE A CD2 1 
ATOM   1084 C  CE1 . PHE A 1 133 ? -8.268  22.498  -9.999  1.00 36.53 ? 133 PHE A CE1 1 
ATOM   1085 C  CE2 . PHE A 1 133 ? -8.264  22.227  -7.574  1.00 36.10 ? 133 PHE A CE2 1 
ATOM   1086 C  CZ  . PHE A 1 133 ? -7.924  22.975  -8.715  1.00 37.09 ? 133 PHE A CZ  1 
ATOM   1087 N  N   . VAL A 1 134 ? -8.002  17.992  -11.373 1.00 32.98 ? 134 VAL A N   1 
ATOM   1088 C  CA  . VAL A 1 134 ? -7.046  18.180  -12.432 1.00 32.03 ? 134 VAL A CA  1 
ATOM   1089 C  C   . VAL A 1 134 ? -7.085  19.584  -13.000 1.00 32.88 ? 134 VAL A C   1 
ATOM   1090 O  O   . VAL A 1 134 ? -8.146  20.107  -13.380 1.00 32.74 ? 134 VAL A O   1 
ATOM   1091 C  CB  . VAL A 1 134 ? -7.262  17.120  -13.601 1.00 32.48 ? 134 VAL A CB  1 
ATOM   1092 C  CG1 . VAL A 1 134 ? -6.279  17.319  -14.764 1.00 30.50 ? 134 VAL A CG1 1 
ATOM   1093 C  CG2 . VAL A 1 134 ? -7.186  15.655  -13.058 1.00 31.76 ? 134 VAL A CG2 1 
ATOM   1094 N  N   . LYS A 1 135 ? -5.915  20.171  -13.143 1.00 31.91 ? 135 LYS A N   1 
ATOM   1095 C  CA  . LYS A 1 135 ? -5.797  21.516  -13.777 1.00 31.60 ? 135 LYS A CA  1 
ATOM   1096 C  C   . LYS A 1 135 ? -5.477  21.508  -15.272 1.00 32.82 ? 135 LYS A C   1 
ATOM   1097 O  O   . LYS A 1 135 ? -6.167  22.178  -16.114 1.00 32.03 ? 135 LYS A O   1 
ATOM   1098 C  CB  . LYS A 1 135 ? -4.810  22.386  -13.016 1.00 29.31 ? 135 LYS A CB  1 
ATOM   1099 C  CG  . LYS A 1 135 ? -5.244  22.510  -11.571 1.00 31.90 ? 135 LYS A CG  1 
ATOM   1100 C  CD  . LYS A 1 135 ? -4.385  23.495  -10.722 1.00 35.22 ? 135 LYS A CD  1 
ATOM   1101 C  CE  . LYS A 1 135 ? -3.164  22.911  -10.179 1.00 33.60 ? 135 LYS A CE  1 
ATOM   1102 N  NZ  . LYS A 1 135 ? -2.444  23.707  -9.166  1.00 25.68 ? 135 LYS A NZ  1 
ATOM   1103 N  N   . ASP A 1 136 ? -4.487  20.703  -15.621 1.00 29.98 ? 136 ASP A N   1 
ATOM   1104 C  CA  . ASP A 1 136 ? -4.077  20.546  -17.001 1.00 29.99 ? 136 ASP A CA  1 
ATOM   1105 C  C   . ASP A 1 136 ? -4.110  19.044  -17.364 1.00 30.79 ? 136 ASP A C   1 
ATOM   1106 O  O   . ASP A 1 136 ? -3.118  18.314  -17.165 1.00 28.72 ? 136 ASP A O   1 
ATOM   1107 C  CB  . ASP A 1 136 ? -2.669  21.146  -17.093 1.00 28.94 ? 136 ASP A CB  1 
ATOM   1108 C  CG  . ASP A 1 136 ? -2.060  21.007  -18.445 1.00 31.47 ? 136 ASP A CG  1 
ATOM   1109 O  OD1 . ASP A 1 136 ? -0.886  21.468  -18.534 1.00 33.23 ? 136 ASP A OD1 1 
ATOM   1110 O  OD2 . ASP A 1 136 ? -2.641  20.398  -19.397 1.00 29.64 ? 136 ASP A OD2 1 
ATOM   1111 N  N   . LYS A 1 137 ? -5.240  18.586  -17.889 1.00 31.77 ? 137 LYS A N   1 
ATOM   1112 C  CA  . LYS A 1 137 ? -5.441  17.166  -18.152 1.00 35.47 ? 137 LYS A CA  1 
ATOM   1113 C  C   . LYS A 1 137 ? -4.402  16.617  -19.061 1.00 36.99 ? 137 LYS A C   1 
ATOM   1114 O  O   . LYS A 1 137 ? -3.766  15.594  -18.755 1.00 36.57 ? 137 LYS A O   1 
ATOM   1115 C  CB  . LYS A 1 137 ? -6.787  16.870  -18.788 1.00 37.57 ? 137 LYS A CB  1 
ATOM   1116 C  CG  . LYS A 1 137 ? -7.191  15.393  -18.660 1.00 41.47 ? 137 LYS A CG  1 
ATOM   1117 C  CD  . LYS A 1 137 ? -8.485  15.091  -19.415 1.00 52.23 ? 137 LYS A CD  1 
ATOM   1118 C  CE  . LYS A 1 137 ? -8.945  13.620  -19.161 1.00 56.68 ? 137 LYS A CE  1 
ATOM   1119 N  NZ  . LYS A 1 137 ? -9.670  13.372  -17.846 1.00 60.03 ? 137 LYS A NZ  1 
ATOM   1120 N  N   . LEU A 1 138 ? -4.227  17.283  -20.200 1.00 36.63 ? 138 LEU A N   1 
ATOM   1121 C  CA  . LEU A 1 138 ? -3.207  16.835  -21.155 1.00 37.85 ? 138 LEU A CA  1 
ATOM   1122 C  C   . LEU A 1 138 ? -1.809  16.740  -20.522 1.00 36.49 ? 138 LEU A C   1 
ATOM   1123 O  O   . LEU A 1 138 ? -1.086  15.768  -20.731 1.00 37.80 ? 138 LEU A O   1 
ATOM   1124 C  CB  . LEU A 1 138 ? -3.165  17.734  -22.373 1.00 38.25 ? 138 LEU A CB  1 
ATOM   1125 C  CG  . LEU A 1 138 ? -2.249  17.206  -23.454 1.00 43.36 ? 138 LEU A CG  1 
ATOM   1126 C  CD1 . LEU A 1 138 ? -2.639  15.774  -23.941 1.00 45.19 ? 138 LEU A CD1 1 
ATOM   1127 C  CD2 . LEU A 1 138 ? -2.195  18.203  -24.592 1.00 48.23 ? 138 LEU A CD2 1 
ATOM   1128 N  N   . GLY A 1 139 ? -1.416  17.754  -19.790 1.00 35.77 ? 139 GLY A N   1 
ATOM   1129 C  CA  . GLY A 1 139 ? -0.126  17.761  -19.153 1.00 35.74 ? 139 GLY A CA  1 
ATOM   1130 C  C   . GLY A 1 139 ? 0.029   16.623  -18.125 1.00 35.06 ? 139 GLY A C   1 
ATOM   1131 O  O   . GLY A 1 139 ? 1.108   16.001  -18.018 1.00 35.32 ? 139 GLY A O   1 
ATOM   1132 N  N   . LEU A 1 140 ? -1.017  16.387  -17.352 1.00 34.77 ? 140 LEU A N   1 
ATOM   1133 C  CA  . LEU A 1 140 ? -1.006  15.308  -16.355 1.00 34.45 ? 140 LEU A CA  1 
ATOM   1134 C  C   . LEU A 1 140 ? -0.921  13.972  -17.073 1.00 34.93 ? 140 LEU A C   1 
ATOM   1135 O  O   . LEU A 1 140 ? -0.073  13.153  -16.763 1.00 34.41 ? 140 LEU A O   1 
ATOM   1136 C  CB  . LEU A 1 140 ? -2.309  15.309  -15.544 1.00 34.34 ? 140 LEU A CB  1 
ATOM   1137 C  CG  . LEU A 1 140 ? -2.314  14.805  -14.086 1.00 33.06 ? 140 LEU A CG  1 
ATOM   1138 C  CD1 . LEU A 1 140 ? -3.646  14.156  -13.654 1.00 32.42 ? 140 LEU A CD1 1 
ATOM   1139 C  CD2 . LEU A 1 140 ? -1.073  14.108  -13.553 1.00 29.67 ? 140 LEU A CD2 1 
ATOM   1140 N  N   . THR A 1 141 ? -1.781  13.750  -18.059 1.00 36.60 ? 141 THR A N   1 
ATOM   1141 C  CA  . THR A 1 141 ? -1.718  12.480  -18.795 1.00 37.82 ? 141 THR A CA  1 
ATOM   1142 C  C   . THR A 1 141 ? -0.354  12.261  -19.438 1.00 37.63 ? 141 THR A C   1 
ATOM   1143 O  O   . THR A 1 141 ? 0.166   11.132  -19.451 1.00 38.25 ? 141 THR A O   1 
ATOM   1144 C  CB  . THR A 1 141 ? -2.826  12.426  -19.829 1.00 38.43 ? 141 THR A CB  1 
ATOM   1145 O  OG1 . THR A 1 141 ? -2.904  13.732  -20.437 1.00 46.44 ? 141 THR A OG1 1 
ATOM   1146 C  CG2 . THR A 1 141 ? -4.149  12.277  -19.153 1.00 36.80 ? 141 THR A CG2 1 
HETATM 1147 N  N   . MSE A 1 142 ? 0.257   13.322  -19.946 1.00 37.60 ? 142 MSE A N   1 
HETATM 1148 C  CA  . MSE A 1 142 ? 1.589   13.197  -20.533 1.00 39.88 ? 142 MSE A CA  1 
HETATM 1149 C  C   . MSE A 1 142 ? 2.679   12.740  -19.512 1.00 37.94 ? 142 MSE A C   1 
HETATM 1150 O  O   . MSE A 1 142 ? 3.549   11.881  -19.810 1.00 36.84 ? 142 MSE A O   1 
HETATM 1151 C  CB  . MSE A 1 142 ? 2.000   14.505  -21.199 1.00 41.31 ? 142 MSE A CB  1 
HETATM 1152 C  CG  . MSE A 1 142 ? 3.194   14.419  -22.156 1.00 47.76 ? 142 MSE A CG  1 
HETATM 1153 SE SE  . MSE A 1 142 ? 3.056   16.084  -23.260 1.00 59.17 ? 142 MSE A SE  1 
HETATM 1154 C  CE  . MSE A 1 142 ? 1.509   15.516  -24.378 1.00 53.96 ? 142 MSE A CE  1 
ATOM   1155 N  N   . LYS A 1 143 ? 2.636   13.328  -18.323 1.00 35.84 ? 143 LYS A N   1 
ATOM   1156 C  CA  . LYS A 1 143 ? 3.633   13.055  -17.338 1.00 35.22 ? 143 LYS A CA  1 
ATOM   1157 C  C   . LYS A 1 143 ? 3.423   11.603  -16.845 1.00 34.91 ? 143 LYS A C   1 
ATOM   1158 O  O   . LYS A 1 143 ? 4.392   10.890  -16.651 1.00 33.62 ? 143 LYS A O   1 
ATOM   1159 C  CB  . LYS A 1 143 ? 3.439   14.036  -16.207 1.00 36.40 ? 143 LYS A CB  1 
ATOM   1160 C  CG  . LYS A 1 143 ? 4.550   14.105  -15.244 1.00 36.93 ? 143 LYS A CG  1 
ATOM   1161 C  CD  . LYS A 1 143 ? 4.296   15.204  -14.287 1.00 37.58 ? 143 LYS A CD  1 
ATOM   1162 C  CE  . LYS A 1 143 ? 4.980   16.485  -14.710 1.00 29.03 ? 143 LYS A CE  1 
ATOM   1163 N  NZ  . LYS A 1 143 ? 5.002   17.519  -13.592 1.00 30.30 ? 143 LYS A NZ  1 
ATOM   1164 N  N   . LEU A 1 144 ? 2.158   11.183  -16.643 1.00 32.92 ? 144 LEU A N   1 
ATOM   1165 C  CA  . LEU A 1 144 ? 1.842   9.793   -16.216 1.00 33.08 ? 144 LEU A CA  1 
ATOM   1166 C  C   . LEU A 1 144 ? 2.185   8.732   -17.268 1.00 32.28 ? 144 LEU A C   1 
ATOM   1167 O  O   . LEU A 1 144 ? 2.640   7.643   -16.945 1.00 28.25 ? 144 LEU A O   1 
ATOM   1168 C  CB  . LEU A 1 144 ? 0.392   9.660   -15.799 1.00 33.02 ? 144 LEU A CB  1 
ATOM   1169 C  CG  . LEU A 1 144 ? -0.075  10.099  -14.397 1.00 35.19 ? 144 LEU A CG  1 
ATOM   1170 C  CD1 . LEU A 1 144 ? 0.814   11.105  -13.814 1.00 43.08 ? 144 LEU A CD1 1 
ATOM   1171 C  CD2 . LEU A 1 144 ? -1.498  10.617  -14.478 1.00 35.91 ? 144 LEU A CD2 1 
ATOM   1172 N  N   . LYS A 1 145 ? 2.015   9.074   -18.540 1.00 32.39 ? 145 LYS A N   1 
ATOM   1173 C  CA  . LYS A 1 145 ? 2.389   8.163   -19.613 1.00 33.75 ? 145 LYS A CA  1 
ATOM   1174 C  C   . LYS A 1 145 ? 3.895   7.920   -19.688 1.00 33.25 ? 145 LYS A C   1 
ATOM   1175 O  O   . LYS A 1 145 ? 4.324   6.783   -19.886 1.00 33.14 ? 145 LYS A O   1 
ATOM   1176 C  CB  . LYS A 1 145 ? 1.851   8.669   -20.942 1.00 35.17 ? 145 LYS A CB  1 
ATOM   1177 C  CG  . LYS A 1 145 ? 2.498   9.916   -21.424 1.00 40.06 ? 145 LYS A CG  1 
ATOM   1178 C  CD  . LYS A 1 145 ? 2.663   9.938   -22.964 1.00 44.93 ? 145 LYS A CD  1 
ATOM   1179 C  CE  . LYS A 1 145 ? 1.320   10.052  -23.630 1.00 47.86 ? 145 LYS A CE  1 
ATOM   1180 N  NZ  . LYS A 1 145 ? 1.423   10.748  -24.944 1.00 53.19 ? 145 LYS A NZ  1 
ATOM   1181 N  N   . GLU A 1 146 ? 4.708   8.953   -19.499 1.00 32.61 ? 146 GLU A N   1 
ATOM   1182 C  CA  . GLU A 1 146 ? 6.149   8.734   -19.410 1.00 35.00 ? 146 GLU A CA  1 
ATOM   1183 C  C   . GLU A 1 146 ? 6.551   7.774   -18.267 1.00 33.34 ? 146 GLU A C   1 
ATOM   1184 O  O   . GLU A 1 146 ? 7.634   7.194   -18.323 1.00 31.71 ? 146 GLU A O   1 
ATOM   1185 C  CB  . GLU A 1 146 ? 6.909   10.053  -19.227 1.00 36.80 ? 146 GLU A CB  1 
ATOM   1186 C  CG  . GLU A 1 146 ? 6.577   11.133  -20.229 1.00 45.16 ? 146 GLU A CG  1 
ATOM   1187 C  CD  . GLU A 1 146 ? 7.785   11.553  -20.997 1.00 55.81 ? 146 GLU A CD  1 
ATOM   1188 O  OE1 . GLU A 1 146 ? 8.572   12.383  -20.426 1.00 59.91 ? 146 GLU A OE1 1 
ATOM   1189 O  OE2 . GLU A 1 146 ? 7.942   11.025  -22.148 1.00 58.14 ? 146 GLU A OE2 1 
ATOM   1190 N  N   . LEU A 1 147 ? 5.682   7.635   -17.234 1.00 32.07 ? 147 LEU A N   1 
ATOM   1191 C  CA  . LEU A 1 147 ? 6.045   6.880   -16.018 1.00 30.07 ? 147 LEU A CA  1 
ATOM   1192 C  C   . LEU A 1 147 ? 5.424   5.512   -16.030 1.00 29.35 ? 147 LEU A C   1 
ATOM   1193 O  O   . LEU A 1 147 ? 5.614   4.703   -15.078 1.00 29.80 ? 147 LEU A O   1 
ATOM   1194 C  CB  . LEU A 1 147 ? 5.629   7.641   -14.733 1.00 29.72 ? 147 LEU A CB  1 
ATOM   1195 C  CG  . LEU A 1 147 ? 6.340   8.986   -14.535 1.00 29.70 ? 147 LEU A CG  1 
ATOM   1196 C  CD1 . LEU A 1 147 ? 5.865   9.744   -13.328 1.00 29.88 ? 147 LEU A CD1 1 
ATOM   1197 C  CD2 . LEU A 1 147 ? 7.833   8.668   -14.446 1.00 30.14 ? 147 LEU A CD2 1 
ATOM   1198 N  N   . ALA A 1 148 ? 4.709   5.210   -17.107 1.00 27.15 ? 148 ALA A N   1 
ATOM   1199 C  CA  . ALA A 1 148 ? 3.857   4.049   -17.073 1.00 28.14 ? 148 ALA A CA  1 
ATOM   1200 C  C   . ALA A 1 148 ? 4.559   2.728   -16.762 1.00 27.21 ? 148 ALA A C   1 
ATOM   1201 O  O   . ALA A 1 148 ? 3.987   1.880   -16.116 1.00 28.59 ? 148 ALA A O   1 
ATOM   1202 C  CB  . ALA A 1 148 ? 2.998   3.924   -18.387 1.00 30.62 ? 148 ALA A CB  1 
ATOM   1203 N  N   . ASN A 1 149 ? 5.784   2.536   -17.224 1.00 27.14 ? 149 ASN A N   1 
ATOM   1204 C  CA  . ASN A 1 149 ? 6.450   1.279   -16.953 1.00 27.22 ? 149 ASN A CA  1 
ATOM   1205 C  C   . ASN A 1 149 ? 7.772   1.537   -16.206 1.00 25.79 ? 149 ASN A C   1 
ATOM   1206 O  O   . ASN A 1 149 ? 8.731   0.720   -16.260 1.00 27.02 ? 149 ASN A O   1 
ATOM   1207 C  CB  . ASN A 1 149 ? 6.705   0.460   -18.259 1.00 27.72 ? 149 ASN A CB  1 
ATOM   1208 C  CG  . ASN A 1 149 ? 5.403   -0.131  -18.886 1.00 30.96 ? 149 ASN A CG  1 
ATOM   1209 O  OD1 . ASN A 1 149 ? 4.698   -0.938  -18.308 1.00 34.68 ? 149 ASN A OD1 1 
ATOM   1210 N  ND2 . ASN A 1 149 ? 5.165   0.230   -20.111 1.00 37.44 ? 149 ASN A ND2 1 
ATOM   1211 N  N   . GLU A 1 150 ? 7.859   2.670   -15.519 1.00 26.46 ? 150 GLU A N   1 
ATOM   1212 C  CA  . GLU A 1 150 ? 9.096   3.089   -14.870 1.00 26.09 ? 150 GLU A CA  1 
ATOM   1213 C  C   . GLU A 1 150 ? 9.595   2.104   -13.740 1.00 26.77 ? 150 GLU A C   1 
ATOM   1214 O  O   . GLU A 1 150 ? 8.839   1.701   -12.886 1.00 27.82 ? 150 GLU A O   1 
ATOM   1215 C  CB  . GLU A 1 150 ? 8.925   4.479   -14.272 1.00 27.17 ? 150 GLU A CB  1 
ATOM   1216 C  CG  . GLU A 1 150 ? 10.259  5.163   -13.935 1.00 29.91 ? 150 GLU A CG  1 
ATOM   1217 C  CD  . GLU A 1 150 ? 10.972  5.604   -15.206 1.00 37.48 ? 150 GLU A CD  1 
ATOM   1218 O  OE1 . GLU A 1 150 ? 12.200  5.802   -15.148 1.00 37.19 ? 150 GLU A OE1 1 
ATOM   1219 O  OE2 . GLU A 1 150 ? 10.276  5.741   -16.248 1.00 33.05 ? 150 GLU A OE2 1 
ATOM   1220 N  N   . ASP A 1 151 ? 10.885  1.782   -13.755 1.00 26.48 ? 151 ASP A N   1 
ATOM   1221 C  CA  . ASP A 1 151 ? 11.514  0.976   -12.735 1.00 26.89 ? 151 ASP A CA  1 
ATOM   1222 C  C   . ASP A 1 151 ? 11.905  1.905   -11.606 1.00 24.80 ? 151 ASP A C   1 
ATOM   1223 O  O   . ASP A 1 151 ? 12.877  2.681   -11.672 1.00 24.89 ? 151 ASP A O   1 
ATOM   1224 C  CB  . ASP A 1 151 ? 12.677  0.131   -13.341 1.00 27.74 ? 151 ASP A CB  1 
ATOM   1225 C  CG  . ASP A 1 151 ? 13.257  -0.852  -12.348 1.00 33.79 ? 151 ASP A CG  1 
ATOM   1226 O  OD1 . ASP A 1 151 ? 12.924  -0.785  -11.103 1.00 31.84 ? 151 ASP A OD1 1 
ATOM   1227 O  OD2 . ASP A 1 151 ? 14.032  -1.757  -12.748 1.00 34.23 ? 151 ASP A OD2 1 
ATOM   1228 N  N   . PHE A 1 152 ? 11.138  1.859   -10.510 1.00 22.42 ? 152 PHE A N   1 
ATOM   1229 C  CA  . PHE A 1 152 ? 11.491  2.766   -9.401  1.00 21.77 ? 152 PHE A CA  1 
ATOM   1230 C  C   . PHE A 1 152 ? 12.462  2.173   -8.424  1.00 23.94 ? 152 PHE A C   1 
ATOM   1231 O  O   . PHE A 1 152 ? 13.111  2.931   -7.732  1.00 26.10 ? 152 PHE A O   1 
ATOM   1232 C  CB  . PHE A 1 152 ? 10.203  3.138   -8.585  1.00 20.44 ? 152 PHE A CB  1 
ATOM   1233 C  CG  . PHE A 1 152 ? 9.231   3.923   -9.377  1.00 20.28 ? 152 PHE A CG  1 
ATOM   1234 C  CD1 . PHE A 1 152 ? 9.523   5.276   -9.640  1.00 19.88 ? 152 PHE A CD1 1 
ATOM   1235 C  CD2 . PHE A 1 152 ? 8.089   3.353   -9.886  1.00 20.37 ? 152 PHE A CD2 1 
ATOM   1236 C  CE1 . PHE A 1 152 ? 8.608   6.043   -10.385 1.00 22.94 ? 152 PHE A CE1 1 
ATOM   1237 C  CE2 . PHE A 1 152 ? 7.191   4.143   -10.692 1.00 23.46 ? 152 PHE A CE2 1 
ATOM   1238 C  CZ  . PHE A 1 152 ? 7.470   5.457   -10.903 1.00 28.62 ? 152 PHE A CZ  1 
ATOM   1239 N  N   . GLY A 1 153 ? 12.609  0.849   -8.399  1.00 25.19 ? 153 GLY A N   1 
ATOM   1240 C  CA  . GLY A 1 153 ? 13.539  0.213   -7.452  1.00 24.97 ? 153 GLY A CA  1 
ATOM   1241 C  C   . GLY A 1 153 ? 12.955  -1.096  -6.951  1.00 25.08 ? 153 GLY A C   1 
ATOM   1242 O  O   . GLY A 1 153 ? 11.844  -1.461  -7.343  1.00 23.94 ? 153 GLY A O   1 
ATOM   1243 N  N   . SER A 1 154 ? 13.667  -1.792  -6.065  1.00 26.69 ? 154 SER A N   1 
ATOM   1244 C  CA  . SER A 1 154 ? 13.218  -3.092  -5.593  1.00 27.43 ? 154 SER A CA  1 
ATOM   1245 C  C   . SER A 1 154 ? 13.440  -3.138  -4.062  1.00 25.82 ? 154 SER A C   1 
ATOM   1246 O  O   . SER A 1 154 ? 14.308  -2.443  -3.516  1.00 26.28 ? 154 SER A O   1 
ATOM   1247 C  CB  . SER A 1 154 ? 14.031  -4.227  -6.285  1.00 30.90 ? 154 SER A CB  1 
ATOM   1248 O  OG  . SER A 1 154 ? 13.815  -4.296  -7.713  1.00 33.99 ? 154 SER A OG  1 
ATOM   1249 N  N   . PHE A 1 155 ? 12.711  -4.016  -3.407  1.00 24.41 ? 155 PHE A N   1 
ATOM   1250 C  CA  . PHE A 1 155 ? 12.842  -4.179  -1.945  1.00 24.37 ? 155 PHE A CA  1 
ATOM   1251 C  C   . PHE A 1 155 ? 12.462  -5.603  -1.627  1.00 24.43 ? 155 PHE A C   1 
ATOM   1252 O  O   . PHE A 1 155 ? 11.749  -6.282  -2.405  1.00 25.34 ? 155 PHE A O   1 
ATOM   1253 C  CB  . PHE A 1 155 ? 11.976  -3.214  -1.113  1.00 22.31 ? 155 PHE A CB  1 
ATOM   1254 C  CG  . PHE A 1 155 ? 10.506  -3.486  -1.142  1.00 24.07 ? 155 PHE A CG  1 
ATOM   1255 C  CD1 . PHE A 1 155 ? 9.718   -3.072  -2.236  1.00 23.48 ? 155 PHE A CD1 1 
ATOM   1256 C  CD2 . PHE A 1 155 ? 9.883   -4.130  -0.017  1.00 23.73 ? 155 PHE A CD2 1 
ATOM   1257 C  CE1 . PHE A 1 155 ? 8.332   -3.284  -2.236  1.00 24.68 ? 155 PHE A CE1 1 
ATOM   1258 C  CE2 . PHE A 1 155 ? 8.536   -4.384  -0.018  1.00 24.10 ? 155 PHE A CE2 1 
ATOM   1259 C  CZ  . PHE A 1 155 ? 7.731   -3.946  -1.145  1.00 22.49 ? 155 PHE A CZ  1 
ATOM   1260 N  N   . VAL A 1 156 ? 12.921  -6.046  -0.460  1.00 24.91 ? 156 VAL A N   1 
ATOM   1261 C  CA  . VAL A 1 156 ? 12.630  -7.408  -0.015  1.00 26.37 ? 156 VAL A CA  1 
ATOM   1262 C  C   . VAL A 1 156 ? 11.397  -7.340  0.811   1.00 25.22 ? 156 VAL A C   1 
ATOM   1263 O  O   . VAL A 1 156 ? 11.308  -6.521  1.715   1.00 26.10 ? 156 VAL A O   1 
ATOM   1264 C  CB  . VAL A 1 156 ? 13.762  -7.953  0.876   1.00 26.99 ? 156 VAL A CB  1 
ATOM   1265 C  CG1 . VAL A 1 156 ? 13.380  -9.349  1.428   1.00 26.74 ? 156 VAL A CG1 1 
ATOM   1266 C  CG2 . VAL A 1 156 ? 15.042  -8.058  0.066   1.00 30.70 ? 156 VAL A CG2 1 
ATOM   1267 N  N   . VAL A 1 157 ? 10.403  -8.119  0.441   1.00 23.21 ? 157 VAL A N   1 
ATOM   1268 C  CA  . VAL A 1 157 ? 9.231   -8.330  1.280   1.00 23.77 ? 157 VAL A CA  1 
ATOM   1269 C  C   . VAL A 1 157 ? 9.687   -9.120  2.548   1.00 25.91 ? 157 VAL A C   1 
ATOM   1270 O  O   . VAL A 1 157 ? 9.861   -10.366 2.541   1.00 25.41 ? 157 VAL A O   1 
ATOM   1271 C  CB  . VAL A 1 157 ? 8.139   -9.113  0.509   1.00 24.27 ? 157 VAL A CB  1 
ATOM   1272 C  CG1 . VAL A 1 157 ? 6.972   -9.458  1.415   1.00 26.02 ? 157 VAL A CG1 1 
ATOM   1273 C  CG2 . VAL A 1 157 ? 7.659   -8.314  -0.763  1.00 24.10 ? 157 VAL A CG2 1 
ATOM   1274 N  N   . ASP A 1 158 ? 9.831   -8.375  3.628   1.00 26.45 ? 158 ASP A N   1 
ATOM   1275 C  CA  . ASP A 1 158 ? 10.428  -8.868  4.865   1.00 28.55 ? 158 ASP A CA  1 
ATOM   1276 C  C   . ASP A 1 158 ? 9.391   -9.407  5.891   1.00 27.38 ? 158 ASP A C   1 
ATOM   1277 O  O   . ASP A 1 158 ? 9.674   -10.364 6.673   1.00 24.70 ? 158 ASP A O   1 
ATOM   1278 C  CB  . ASP A 1 158 ? 11.120  -7.650  5.528   1.00 29.55 ? 158 ASP A CB  1 
ATOM   1279 C  CG  . ASP A 1 158 ? 12.184  -8.062  6.458   1.00 36.99 ? 158 ASP A CG  1 
ATOM   1280 O  OD1 . ASP A 1 158 ? 13.064  -8.897  6.058   1.00 41.15 ? 158 ASP A OD1 1 
ATOM   1281 O  OD2 . ASP A 1 158 ? 12.173  -7.596  7.628   1.00 43.68 ? 158 ASP A OD2 1 
ATOM   1282 N  N   . ALA A 1 159 ? 8.225   -8.740  5.949   1.00 23.90 ? 159 ALA A N   1 
ATOM   1283 C  CA  . ALA A 1 159 ? 7.272   -9.028  7.033   1.00 23.87 ? 159 ALA A CA  1 
ATOM   1284 C  C   . ALA A 1 159 ? 5.919   -8.461  6.654   1.00 23.24 ? 159 ALA A C   1 
ATOM   1285 O  O   . ALA A 1 159 ? 5.847   -7.622  5.801   1.00 26.45 ? 159 ALA A O   1 
ATOM   1286 C  CB  . ALA A 1 159 ? 7.709   -8.361  8.335   1.00 24.90 ? 159 ALA A CB  1 
ATOM   1287 N  N   . ILE A 1 160 ? 4.898   -8.933  7.303   1.00 20.65 ? 160 ILE A N   1 
ATOM   1288 C  CA  . ILE A 1 160 ? 3.597   -8.305  7.249   1.00 23.06 ? 160 ILE A CA  1 
ATOM   1289 C  C   . ILE A 1 160 ? 3.366   -7.639  8.605   1.00 21.57 ? 160 ILE A C   1 
ATOM   1290 O  O   . ILE A 1 160 ? 3.822   -8.129  9.700   1.00 19.19 ? 160 ILE A O   1 
ATOM   1291 C  CB  . ILE A 1 160 ? 2.480   -9.331  6.915   1.00 24.12 ? 160 ILE A CB  1 
ATOM   1292 C  CG1 . ILE A 1 160 ? 2.415   -10.442 7.928   1.00 27.94 ? 160 ILE A CG1 1 
ATOM   1293 C  CG2 . ILE A 1 160 ? 2.721   -9.925  5.558   1.00 26.16 ? 160 ILE A CG2 1 
ATOM   1294 C  CD1 . ILE A 1 160 ? 1.303   -11.547 7.549   1.00 35.25 ? 160 ILE A CD1 1 
ATOM   1295 N  N   . GLU A 1 161 ? 2.690   -6.518  8.552   1.00 20.09 ? 161 GLU A N   1 
ATOM   1296 C  CA  . GLU A 1 161 ? 2.581   -5.707  9.761   1.00 22.31 ? 161 GLU A CA  1 
ATOM   1297 C  C   . GLU A 1 161 ? 1.141   -5.369  9.996   1.00 20.36 ? 161 GLU A C   1 
ATOM   1298 O  O   . GLU A 1 161 ? 0.394   -5.076  9.054   1.00 20.22 ? 161 GLU A O   1 
ATOM   1299 C  CB  . GLU A 1 161 ? 3.361   -4.406  9.558   1.00 23.17 ? 161 GLU A CB  1 
ATOM   1300 C  CG  . GLU A 1 161 ? 4.828   -4.774  9.206   1.00 29.67 ? 161 GLU A CG  1 
ATOM   1301 C  CD  . GLU A 1 161 ? 5.803   -3.619  9.039   1.00 36.01 ? 161 GLU A CD  1 
ATOM   1302 O  OE1 . GLU A 1 161 ? 5.516   -2.543  9.529   1.00 41.06 ? 161 GLU A OE1 1 
ATOM   1303 O  OE2 . GLU A 1 161 ? 6.871   -3.852  8.397   1.00 35.46 ? 161 GLU A OE2 1 
ATOM   1304 N  N   . LEU A 1 162 ? 0.832   -5.212  11.272  1.00 21.02 ? 162 LEU A N   1 
ATOM   1305 C  CA  . LEU A 1 162 ? -0.481  -4.769  11.731  1.00 19.55 ? 162 LEU A CA  1 
ATOM   1306 C  C   . LEU A 1 162 ? -0.259  -3.374  12.189  1.00 21.50 ? 162 LEU A C   1 
ATOM   1307 O  O   . LEU A 1 162 ? 0.622   -3.102  13.043  1.00 20.20 ? 162 LEU A O   1 
ATOM   1308 C  CB  . LEU A 1 162 ? -0.952  -5.655  12.935  1.00 20.04 ? 162 LEU A CB  1 
ATOM   1309 C  CG  . LEU A 1 162 ? -2.328  -5.209  13.488  1.00 21.75 ? 162 LEU A CG  1 
ATOM   1310 C  CD1 . LEU A 1 162 ? -3.485  -5.467  12.418  1.00 20.62 ? 162 LEU A CD1 1 
ATOM   1311 C  CD2 . LEU A 1 162 ? -2.622  -6.011  14.812  1.00 21.72 ? 162 LEU A CD2 1 
ATOM   1312 N  N   . LYS A 1 163 ? -1.004  -2.451  11.585  1.00 21.78 ? 163 LYS A N   1 
ATOM   1313 C  CA  . LYS A 1 163 ? -0.841  -1.047  11.864  1.00 25.23 ? 163 LYS A CA  1 
ATOM   1314 C  C   . LYS A 1 163 ? -2.215  -0.460  12.213  1.00 26.36 ? 163 LYS A C   1 
ATOM   1315 O  O   . LYS A 1 163 ? -3.286  -1.060  11.993  1.00 24.49 ? 163 LYS A O   1 
ATOM   1316 C  CB  . LYS A 1 163 ? -0.404  -0.330  10.553  1.00 24.40 ? 163 LYS A CB  1 
ATOM   1317 C  CG  . LYS A 1 163 ? 0.975   -0.837  10.046  1.00 30.98 ? 163 LYS A CG  1 
ATOM   1318 C  CD  . LYS A 1 163 ? 1.501   0.088   8.982   1.00 37.86 ? 163 LYS A CD  1 
ATOM   1319 C  CE  . LYS A 1 163 ? 2.803   -0.410  8.475   1.00 39.43 ? 163 LYS A CE  1 
ATOM   1320 N  NZ  . LYS A 1 163 ? 3.941   -0.098  9.371   1.00 47.88 ? 163 LYS A NZ  1 
ATOM   1321 N  N   . LYS A 1 164 ? -2.163  0.749   12.708  1.00 27.39 ? 164 LYS A N   1 
ATOM   1322 C  CA  . LYS A 1 164 ? -3.394  1.486   12.903  1.00 29.70 ? 164 LYS A CA  1 
ATOM   1323 C  C   . LYS A 1 164 ? -3.170  2.994   12.643  1.00 30.77 ? 164 LYS A C   1 
ATOM   1324 O  O   . LYS A 1 164 ? -2.039  3.464   12.748  1.00 29.09 ? 164 LYS A O   1 
ATOM   1325 C  CB  . LYS A 1 164 ? -3.948  1.206   14.295  1.00 32.18 ? 164 LYS A CB  1 
ATOM   1326 C  CG  . LYS A 1 164 ? -3.320  2.004   15.353  1.00 35.53 ? 164 LYS A CG  1 
ATOM   1327 C  CD  . LYS A 1 164 ? -4.001  1.812   16.801  1.00 36.17 ? 164 LYS A CD  1 
ATOM   1328 C  CE  . LYS A 1 164 ? -3.567  3.067   17.698  1.00 42.73 ? 164 LYS A CE  1 
ATOM   1329 N  NZ  . LYS A 1 164 ? -3.675  2.965   19.234  1.00 44.50 ? 164 LYS A NZ  1 
ATOM   1330 N  N   . SER A 1 165 ? -4.231  3.700   12.231  1.00 30.60 ? 165 SER A N   1 
ATOM   1331 C  CA  . SER A 1 165 ? -4.160  5.159   11.991  1.00 33.26 ? 165 SER A CA  1 
ATOM   1332 C  C   . SER A 1 165 ? -5.161  5.817   12.917  1.00 32.58 ? 165 SER A C   1 
ATOM   1333 O  O   . SER A 1 165 ? -6.250  5.276   13.169  1.00 31.35 ? 165 SER A O   1 
ATOM   1334 C  CB  . SER A 1 165 ? -4.533  5.549   10.581  1.00 33.40 ? 165 SER A CB  1 
ATOM   1335 O  OG  . SER A 1 165 ? -5.778  4.957   10.290  1.00 41.39 ? 165 SER A OG  1 
ATOM   1336 N  N   . THR A 1 166 ? -4.753  6.936   13.472  1.00 32.84 ? 166 THR A N   1 
ATOM   1337 C  CA  . THR A 1 166 ? -5.566  7.626   14.460  1.00 33.40 ? 166 THR A CA  1 
ATOM   1338 C  C   . THR A 1 166 ? -5.609  9.079   14.044  1.00 35.37 ? 166 THR A C   1 
ATOM   1339 O  O   . THR A 1 166 ? -4.591  9.637   13.717  1.00 33.91 ? 166 THR A O   1 
ATOM   1340 C  CB  . THR A 1 166 ? -4.925  7.517   15.819  1.00 33.81 ? 166 THR A CB  1 
ATOM   1341 O  OG1 . THR A 1 166 ? -4.939  6.149   16.239  1.00 31.76 ? 166 THR A OG1 1 
ATOM   1342 C  CG2 . THR A 1 166 ? -5.911  8.273   16.901  1.00 33.86 ? 166 THR A CG2 1 
ATOM   1343 N  N   . LEU A 1 167 ? -6.790  9.682   14.013  1.00 37.63 ? 167 LEU A N   1 
ATOM   1344 C  CA  . LEU A 1 167 ? -6.890  11.078  13.626  1.00 40.39 ? 167 LEU A CA  1 
ATOM   1345 C  C   . LEU A 1 167 ? -6.613  11.881  14.883  1.00 40.48 ? 167 LEU A C   1 
ATOM   1346 O  O   . LEU A 1 167 ? -7.114  11.555  15.974  1.00 40.65 ? 167 LEU A O   1 
ATOM   1347 C  CB  . LEU A 1 167 ? -8.279  11.377  13.081  1.00 42.88 ? 167 LEU A CB  1 
ATOM   1348 C  CG  . LEU A 1 167 ? -8.555  12.662  12.288  1.00 47.08 ? 167 LEU A CG  1 
ATOM   1349 C  CD1 . LEU A 1 167 ? -9.035  13.770  13.244  1.00 53.31 ? 167 LEU A CD1 1 
ATOM   1350 C  CD2 . LEU A 1 167 ? -7.354  13.111  11.396  1.00 54.66 ? 167 LEU A CD2 1 
ATOM   1351 N  N   . THR A 1 168 ? -5.759  12.876  14.739  1.00 41.69 ? 168 THR A N   1 
ATOM   1352 C  CA  . THR A 1 168 ? -5.421  13.807  15.834  1.00 44.52 ? 168 THR A CA  1 
ATOM   1353 C  C   . THR A 1 168 ? -5.560  15.219  15.267  1.00 45.70 ? 168 THR A C   1 
ATOM   1354 O  O   . THR A 1 168 ? -5.696  15.389  14.040  1.00 45.08 ? 168 THR A O   1 
ATOM   1355 C  CB  . THR A 1 168 ? -3.987  13.608  16.243  1.00 44.77 ? 168 THR A CB  1 
ATOM   1356 O  OG1 . THR A 1 168 ? -3.159  14.280  15.285  1.00 47.85 ? 168 THR A OG1 1 
ATOM   1357 C  CG2 . THR A 1 168 ? -3.571  12.147  16.077  1.00 46.96 ? 168 THR A CG2 1 
ATOM   1358 N  N   . PRO A 1 169 ? -5.512  16.246  16.121  1.00 48.37 ? 169 PRO A N   1 
ATOM   1359 C  CA  . PRO A 1 169 ? -5.831  17.610  15.645  1.00 50.24 ? 169 PRO A CA  1 
ATOM   1360 C  C   . PRO A 1 169 ? -4.858  17.969  14.534  1.00 52.29 ? 169 PRO A C   1 
ATOM   1361 O  O   . PRO A 1 169 ? -5.244  18.498  13.491  1.00 53.98 ? 169 PRO A O   1 
ATOM   1362 C  CB  . PRO A 1 169 ? -5.604  18.487  16.885  1.00 49.64 ? 169 PRO A CB  1 
ATOM   1363 C  CG  . PRO A 1 169 ? -5.702  17.564  18.040  1.00 49.58 ? 169 PRO A CG  1 
ATOM   1364 C  CD  . PRO A 1 169 ? -5.125  16.239  17.550  1.00 48.27 ? 169 PRO A CD  1 
ATOM   1365 N  N   . LYS A 1 170 ? -3.588  17.616  14.728  1.00 54.59 ? 170 LYS A N   1 
ATOM   1366 C  CA  . LYS A 1 170 ? -2.584  17.829  13.676  1.00 55.99 ? 170 LYS A CA  1 
ATOM   1367 C  C   . LYS A 1 170 ? -2.586  16.786  12.533  1.00 54.90 ? 170 LYS A C   1 
ATOM   1368 O  O   . LYS A 1 170 ? -1.582  16.683  11.798  1.00 56.37 ? 170 LYS A O   1 
ATOM   1369 C  CB  . LYS A 1 170 ? -1.176  17.993  14.275  1.00 56.52 ? 170 LYS A CB  1 
ATOM   1370 C  CG  . LYS A 1 170 ? -0.507  19.326  13.880  1.00 59.61 ? 170 LYS A CG  1 
ATOM   1371 C  CD  . LYS A 1 170 ? 0.561   19.793  14.893  1.00 62.42 ? 170 LYS A CD  1 
ATOM   1372 C  CE  . LYS A 1 170 ? -0.062  20.266  16.241  1.00 64.22 ? 170 LYS A CE  1 
ATOM   1373 N  NZ  . LYS A 1 170 ? 0.909   20.862  17.235  1.00 62.52 ? 170 LYS A NZ  1 
ATOM   1374 N  N   . GLY A 1 171 ? -3.692  16.041  12.368  1.00 52.82 ? 171 GLY A N   1 
ATOM   1375 C  CA  . GLY A 1 171 ? -3.852  15.095  11.248  1.00 49.64 ? 171 GLY A CA  1 
ATOM   1376 C  C   . GLY A 1 171 ? -3.658  13.627  11.672  1.00 47.47 ? 171 GLY A C   1 
ATOM   1377 O  O   . GLY A 1 171 ? -3.470  13.382  12.863  1.00 46.16 ? 171 GLY A O   1 
ATOM   1378 N  N   . PRO A 1 172 ? -3.678  12.669  10.723  1.00 46.65 ? 172 PRO A N   1 
ATOM   1379 C  CA  . PRO A 1 172 ? -3.678  11.227  11.068  1.00 45.20 ? 172 PRO A CA  1 
ATOM   1380 C  C   . PRO A 1 172 ? -2.280  10.816  11.421  1.00 43.48 ? 172 PRO A C   1 
ATOM   1381 O  O   . PRO A 1 172 ? -1.333  11.347  10.818  1.00 44.53 ? 172 PRO A O   1 
ATOM   1382 C  CB  . PRO A 1 172 ? -4.091  10.537  9.774   1.00 45.77 ? 172 PRO A CB  1 
ATOM   1383 C  CG  . PRO A 1 172 ? -3.763  11.492  8.705   1.00 46.74 ? 172 PRO A CG  1 
ATOM   1384 C  CD  . PRO A 1 172 ? -3.633  12.872  9.268   1.00 45.81 ? 172 PRO A CD  1 
ATOM   1385 N  N   . ILE A 1 173 ? -2.132  9.970   12.423  1.00 40.94 ? 173 ILE A N   1 
ATOM   1386 C  CA  . ILE A 1 173 ? -0.825  9.416   12.747  1.00 39.72 ? 173 ILE A CA  1 
ATOM   1387 C  C   . ILE A 1 173 ? -0.935  7.882   12.635  1.00 38.89 ? 173 ILE A C   1 
ATOM   1388 O  O   . ILE A 1 173 ? -1.967  7.278   12.950  1.00 37.52 ? 173 ILE A O   1 
ATOM   1389 C  CB  . ILE A 1 173 ? -0.303  9.823   14.145  1.00 40.28 ? 173 ILE A CB  1 
ATOM   1390 C  CG1 . ILE A 1 173 ? -1.166  9.157   15.228  1.00 44.14 ? 173 ILE A CG1 1 
ATOM   1391 C  CG2 . ILE A 1 173 ? -0.146  11.419  14.260  1.00 41.01 ? 173 ILE A CG2 1 
ATOM   1392 C  CD1 . ILE A 1 173 ? -0.739  9.380   16.677  1.00 49.94 ? 173 ILE A CD1 1 
ATOM   1393 N  N   . TYR A 1 174 ? 0.130   7.258   12.180  1.00 37.57 ? 174 TYR A N   1 
ATOM   1394 C  CA  . TYR A 1 174 ? 0.084   5.820   11.920  1.00 37.78 ? 174 TYR A CA  1 
ATOM   1395 C  C   . TYR A 1 174 ? 1.019   5.153   12.910  1.00 36.63 ? 174 TYR A C   1 
ATOM   1396 O  O   . TYR A 1 174 ? 2.089   5.699   13.146  1.00 35.28 ? 174 TYR A O   1 
ATOM   1397 C  CB  . TYR A 1 174 ? 0.525   5.535   10.496  1.00 37.94 ? 174 TYR A CB  1 
ATOM   1398 C  CG  . TYR A 1 174 ? -0.463  5.955   9.458   1.00 41.71 ? 174 TYR A CG  1 
ATOM   1399 C  CD1 . TYR A 1 174 ? -1.379  5.053   8.943   1.00 45.22 ? 174 TYR A CD1 1 
ATOM   1400 C  CD2 . TYR A 1 174 ? -0.479  7.269   8.972   1.00 43.68 ? 174 TYR A CD2 1 
ATOM   1401 C  CE1 . TYR A 1 174 ? -2.298  5.432   7.950   1.00 47.47 ? 174 TYR A CE1 1 
ATOM   1402 C  CE2 . TYR A 1 174 ? -1.391  7.662   8.034   1.00 47.42 ? 174 TYR A CE2 1 
ATOM   1403 C  CZ  . TYR A 1 174 ? -2.297  6.739   7.502   1.00 49.47 ? 174 TYR A CZ  1 
ATOM   1404 O  OH  . TYR A 1 174 ? -3.196  7.130   6.514   1.00 51.24 ? 174 TYR A OH  1 
ATOM   1405 N  N   . GLU A 1 175 ? 0.620   3.992   13.463  1.00 34.97 ? 175 GLU A N   1 
ATOM   1406 C  CA  . GLU A 1 175 ? 1.498   3.219   14.365  1.00 34.23 ? 175 GLU A CA  1 
ATOM   1407 C  C   . GLU A 1 175 ? 1.616   1.733   13.973  1.00 32.61 ? 175 GLU A C   1 
ATOM   1408 O  O   . GLU A 1 175 ? 0.700   1.196   13.346  1.00 30.59 ? 175 GLU A O   1 
ATOM   1409 C  CB  . GLU A 1 175 ? 1.104   3.387   15.823  1.00 36.07 ? 175 GLU A CB  1 
ATOM   1410 C  CG  . GLU A 1 175 ? -0.006  2.556   16.421  1.00 41.95 ? 175 GLU A CG  1 
ATOM   1411 C  CD  . GLU A 1 175 ? -0.152  2.799   17.938  1.00 52.53 ? 175 GLU A CD  1 
ATOM   1412 O  OE1 . GLU A 1 175 ? -0.933  2.049   18.605  1.00 53.69 ? 175 GLU A OE1 1 
ATOM   1413 O  OE2 . GLU A 1 175 ? 0.491   3.744   18.491  1.00 52.33 ? 175 GLU A OE2 1 
ATOM   1414 N  N   . THR A 1 176 ? 2.730   1.111   14.324  1.00 28.46 ? 176 THR A N   1 
ATOM   1415 C  CA  . THR A 1 176 ? 2.920   -0.307  13.995  1.00 29.62 ? 176 THR A CA  1 
ATOM   1416 C  C   . THR A 1 176 ? 2.609   -1.063  15.257  1.00 28.23 ? 176 THR A C   1 
ATOM   1417 O  O   . THR A 1 176 ? 3.361   -0.913  16.217  1.00 29.81 ? 176 THR A O   1 
ATOM   1418 C  CB  . THR A 1 176 ? 4.397   -0.583  13.597  1.00 28.51 ? 176 THR A CB  1 
ATOM   1419 O  OG1 . THR A 1 176 ? 4.654   0.078   12.369  1.00 30.37 ? 176 THR A OG1 1 
ATOM   1420 C  CG2 . THR A 1 176 ? 4.555   -2.101  13.274  1.00 30.55 ? 176 THR A CG2 1 
ATOM   1421 N  N   . LEU A 1 177 ? 1.520   -1.834  15.289  1.00 26.34 ? 177 LEU A N   1 
ATOM   1422 C  CA  . LEU A 1 177 ? 1.182   -2.609  16.454  1.00 26.38 ? 177 LEU A CA  1 
ATOM   1423 C  C   . LEU A 1 177 ? 2.012   -3.883  16.542  1.00 27.04 ? 177 LEU A C   1 
ATOM   1424 O  O   . LEU A 1 177 ? 2.260   -4.402  17.635  1.00 28.62 ? 177 LEU A O   1 
ATOM   1425 C  CB  . LEU A 1 177 ? -0.329  -2.948  16.476  1.00 27.29 ? 177 LEU A CB  1 
ATOM   1426 C  CG  . LEU A 1 177 ? -1.217  -1.715  16.238  1.00 31.74 ? 177 LEU A CG  1 
ATOM   1427 C  CD1 . LEU A 1 177 ? -2.686  -2.092  16.037  1.00 32.99 ? 177 LEU A CD1 1 
ATOM   1428 C  CD2 . LEU A 1 177 ? -1.036  -0.708  17.429  1.00 29.78 ? 177 LEU A CD2 1 
ATOM   1429 N  N   . ALA A 1 178 ? 2.376   -4.473  15.402  1.00 24.98 ? 178 ALA A N   1 
ATOM   1430 C  CA  . ALA A 1 178 ? 3.070   -5.751  15.462  1.00 24.49 ? 178 ALA A CA  1 
ATOM   1431 C  C   . ALA A 1 178 ? 3.643   -6.048  14.113  1.00 24.58 ? 178 ALA A C   1 
ATOM   1432 O  O   . ALA A 1 178 ? 3.118   -5.564  13.074  1.00 21.17 ? 178 ALA A O   1 
ATOM   1433 C  CB  . ALA A 1 178 ? 2.056   -6.912  15.806  1.00 25.17 ? 178 ALA A CB  1 
ATOM   1434 N  N   . ARG A 1 179 ? 4.645   -6.894  14.096  1.00 21.54 ? 179 ARG A N   1 
ATOM   1435 C  CA  . ARG A 1 179 ? 5.325   -7.152  12.836  1.00 24.35 ? 179 ARG A CA  1 
ATOM   1436 C  C   . ARG A 1 179 ? 5.674   -8.633  12.803  1.00 25.56 ? 179 ARG A C   1 
ATOM   1437 O  O   . ARG A 1 179 ? 6.107   -9.161  13.825  1.00 25.64 ? 179 ARG A O   1 
ATOM   1438 C  CB  . ARG A 1 179 ? 6.580   -6.266  12.818  1.00 25.67 ? 179 ARG A CB  1 
ATOM   1439 C  CG  . ARG A 1 179 ? 7.391   -6.392  11.631  1.00 31.35 ? 179 ARG A CG  1 
ATOM   1440 C  CD  . ARG A 1 179 ? 8.245   -5.180  11.433  1.00 35.31 ? 179 ARG A CD  1 
ATOM   1441 N  NE  . ARG A 1 179 ? 9.006   -5.334  10.199  1.00 38.39 ? 179 ARG A NE  1 
ATOM   1442 C  CZ  . ARG A 1 179 ? 10.118  -6.055  10.114  1.00 41.51 ? 179 ARG A CZ  1 
ATOM   1443 N  NH1 . ARG A 1 179 ? 10.782  -6.122  8.971   1.00 45.98 ? 179 ARG A NH1 1 
ATOM   1444 N  NH2 . ARG A 1 179 ? 10.560  -6.734  11.172  1.00 45.45 ? 179 ARG A NH2 1 
ATOM   1445 N  N   . PHE A 1 180 ? 5.429   -9.299  11.676  1.00 23.68 ? 180 PHE A N   1 
ATOM   1446 C  CA  . PHE A 1 180 ? 5.569   -10.749 11.559  1.00 24.23 ? 180 PHE A CA  1 
ATOM   1447 C  C   . PHE A 1 180 ? 6.473   -11.025 10.363  1.00 24.38 ? 180 PHE A C   1 
ATOM   1448 O  O   . PHE A 1 180 ? 6.075   -10.851 9.183   1.00 23.12 ? 180 PHE A O   1 
ATOM   1449 C  CB  . PHE A 1 180 ? 4.202   -11.442 11.469  1.00 22.97 ? 180 PHE A CB  1 
ATOM   1450 C  CG  . PHE A 1 180 ? 3.305   -11.073 12.595  1.00 25.98 ? 180 PHE A CG  1 
ATOM   1451 C  CD1 . PHE A 1 180 ? 2.372   -10.065 12.448  1.00 24.89 ? 180 PHE A CD1 1 
ATOM   1452 C  CD2 . PHE A 1 180 ? 3.501   -11.658 13.853  1.00 26.81 ? 180 PHE A CD2 1 
ATOM   1453 C  CE1 . PHE A 1 180 ? 1.604   -9.614  13.562  1.00 26.91 ? 180 PHE A CE1 1 
ATOM   1454 C  CE2 . PHE A 1 180 ? 2.739   -11.269 14.943  1.00 27.49 ? 180 PHE A CE2 1 
ATOM   1455 C  CZ  . PHE A 1 180 ? 1.780   -10.250 14.799  1.00 26.50 ? 180 PHE A CZ  1 
ATOM   1456 N  N   . GLU A 1 181 ? 7.655   -11.508 10.670  1.00 26.81 ? 181 GLU A N   1 
ATOM   1457 C  CA  . GLU A 1 181 ? 8.648   -11.799 9.642   1.00 27.45 ? 181 GLU A CA  1 
ATOM   1458 C  C   . GLU A 1 181 ? 8.276   -13.002 8.803   1.00 27.64 ? 181 GLU A C   1 
ATOM   1459 O  O   . GLU A 1 181 ? 7.756   -14.001 9.305   1.00 27.17 ? 181 GLU A O   1 
ATOM   1460 C  CB  . GLU A 1 181 ? 10.087  -11.882 10.203  1.00 30.99 ? 181 GLU A CB  1 
ATOM   1461 C  CG  . GLU A 1 181 ? 10.825  -10.547 10.202  1.00 33.71 ? 181 GLU A CG  1 
ATOM   1462 C  CD  . GLU A 1 181 ? 12.377  -10.658 10.336  1.00 45.61 ? 181 GLU A CD  1 
ATOM   1463 O  OE1 . GLU A 1 181 ? 12.995  -9.644  10.724  1.00 49.80 ? 181 GLU A OE1 1 
ATOM   1464 O  OE2 . GLU A 1 181 ? 12.988  -11.709 10.036  1.00 44.88 ? 181 GLU A OE2 1 
ATOM   1465 N  N   . LEU A 1 182 ? 8.459   -12.890 7.483   1.00 26.42 ? 182 LEU A N   1 
ATOM   1466 C  CA  . LEU A 1 182 ? 8.329   -14.049 6.638   1.00 26.49 ? 182 LEU A CA  1 
ATOM   1467 C  C   . LEU A 1 182 ? 9.515   -15.018 6.937   1.00 27.63 ? 182 LEU A C   1 
ATOM   1468 O  O   . LEU A 1 182 ? 10.556  -14.607 7.408   1.00 25.90 ? 182 LEU A O   1 
ATOM   1469 C  CB  . LEU A 1 182 ? 8.437   -13.641 5.162   1.00 23.01 ? 182 LEU A CB  1 
ATOM   1470 C  CG  . LEU A 1 182 ? 7.018   -13.315 4.612   1.00 25.08 ? 182 LEU A CG  1 
ATOM   1471 C  CD1 . LEU A 1 182 ? 6.418   -12.198 5.387   1.00 28.73 ? 182 LEU A CD1 1 
ATOM   1472 C  CD2 . LEU A 1 182 ? 7.129   -12.932 3.147   1.00 25.34 ? 182 LEU A CD2 1 
ATOM   1473 N  N   . SER A 1 183 ? 9.321   -16.256 6.542   1.00 30.63 ? 183 SER A N   1 
ATOM   1474 C  CA  . SER A 1 183 ? 10.358  -17.289 6.612   1.00 34.36 ? 183 SER A CA  1 
ATOM   1475 C  C   . SER A 1 183 ? 11.589  -16.937 5.732   1.00 35.88 ? 183 SER A C   1 
ATOM   1476 O  O   . SER A 1 183 ? 11.453  -16.377 4.619   1.00 31.86 ? 183 SER A O   1 
ATOM   1477 C  CB  . SER A 1 183 ? 9.722   -18.626 6.183   1.00 33.65 ? 183 SER A CB  1 
ATOM   1478 O  OG  . SER A 1 183 ? 10.626  -19.663 6.439   1.00 39.72 ? 183 SER A OG  1 
ATOM   1479 N  N   . GLU A 1 184 ? 12.777  -17.246 6.242   1.00 39.52 ? 184 GLU A N   1 
ATOM   1480 C  CA  . GLU A 1 184 ? 13.997  -17.058 5.460   1.00 44.91 ? 184 GLU A CA  1 
ATOM   1481 C  C   . GLU A 1 184 ? 14.149  -18.236 4.500   1.00 46.21 ? 184 GLU A C   1 
ATOM   1482 O  O   . GLU A 1 184 ? 13.406  -19.222 4.535   1.00 48.15 ? 184 GLU A O   1 
ATOM   1483 C  CB  . GLU A 1 184 ? 15.260  -16.967 6.355   1.00 45.85 ? 184 GLU A CB  1 
ATOM   1484 C  CG  . GLU A 1 184 ? 15.282  -15.818 7.348   1.00 50.18 ? 184 GLU A CG  1 
ATOM   1485 C  CD  . GLU A 1 184 ? 15.737  -14.516 6.718   1.00 53.15 ? 184 GLU A CD  1 
ATOM   1486 O  OE1 . GLU A 1 184 ? 16.146  -14.541 5.545   1.00 55.42 ? 184 GLU A OE1 1 
ATOM   1487 O  OE2 . GLU A 1 184 ? 15.689  -13.460 7.398   1.00 55.33 ? 184 GLU A OE2 1 
ATOM   1488 O  OXT . GLU A 1 184 ? 15.047  -18.241 3.641   1.00 48.79 ? 184 GLU A OXT 1 
HETATM 1489 O  O   . HOH B 2 .   ? 6.852   -5.139  5.905   1.00 21.49 ? 201 HOH A O   1 
HETATM 1490 O  O   . HOH B 2 .   ? -1.762  -0.382  -0.972  1.00 22.59 ? 202 HOH A O   1 
HETATM 1491 O  O   . HOH B 2 .   ? 1.143   4.283   0.218   1.00 26.78 ? 203 HOH A O   1 
HETATM 1492 O  O   . HOH B 2 .   ? 0.752   17.936  -11.268 1.00 26.55 ? 204 HOH A O   1 
HETATM 1493 O  O   . HOH B 2 .   ? 6.752   -18.378 -0.425  1.00 33.73 ? 205 HOH A O   1 
HETATM 1494 O  O   . HOH B 2 .   ? 4.963   -11.088 -4.380  1.00 27.19 ? 206 HOH A O   1 
HETATM 1495 O  O   . HOH B 2 .   ? -11.180 -3.216  22.948  1.00 37.68 ? 207 HOH A O   1 
HETATM 1496 O  O   . HOH B 2 .   ? 12.229  14.808  -7.925  1.00 29.54 ? 208 HOH A O   1 
HETATM 1497 O  O   . HOH B 2 .   ? -10.610 17.117  -12.219 1.00 28.23 ? 209 HOH A O   1 
HETATM 1498 O  O   . HOH B 2 .   ? -11.795 -11.355 5.490   1.00 30.76 ? 210 HOH A O   1 
HETATM 1499 O  O   . HOH B 2 .   ? 9.014   -5.268  3.847   1.00 30.84 ? 211 HOH A O   1 
HETATM 1500 O  O   . HOH B 2 .   ? -9.080  -4.350  2.423   1.00 31.79 ? 212 HOH A O   1 
HETATM 1501 O  O   . HOH B 2 .   ? 15.078  -4.455  1.049   1.00 30.42 ? 213 HOH A O   1 
HETATM 1502 O  O   . HOH B 2 .   ? 5.696   -7.700  16.609  1.00 43.34 ? 214 HOH A O   1 
HETATM 1503 O  O   . HOH B 2 .   ? -2.412  -3.083  -2.265  1.00 34.78 ? 215 HOH A O   1 
HETATM 1504 O  O   . HOH B 2 .   ? 0.709   16.972  -0.679  1.00 30.38 ? 216 HOH A O   1 
HETATM 1505 O  O   . HOH B 2 .   ? 0.169   -9.637  23.404  1.00 44.14 ? 217 HOH A O   1 
HETATM 1506 O  O   . HOH B 2 .   ? -14.053 -9.088  20.065  1.00 35.45 ? 218 HOH A O   1 
HETATM 1507 O  O   . HOH B 2 .   ? 5.077   21.443  -7.990  1.00 37.62 ? 219 HOH A O   1 
HETATM 1508 O  O   . HOH B 2 .   ? -9.423  13.186  -14.540 1.00 40.70 ? 220 HOH A O   1 
HETATM 1509 O  O   . HOH B 2 .   ? -0.710  2.253   -0.457  1.00 28.94 ? 221 HOH A O   1 
HETATM 1510 O  O   . HOH B 2 .   ? 6.091   -14.489 11.585  1.00 43.72 ? 222 HOH A O   1 
HETATM 1511 O  O   . HOH B 2 .   ? 8.783   -12.107 13.347  1.00 39.97 ? 223 HOH A O   1 
HETATM 1512 O  O   . HOH B 2 .   ? -16.132 -7.011  7.600   1.00 49.57 ? 224 HOH A O   1 
HETATM 1513 O  O   . HOH B 2 .   ? 12.494  -4.326  2.871   1.00 42.91 ? 225 HOH A O   1 
HETATM 1514 O  O   . HOH B 2 .   ? 6.411   19.728  -14.667 1.00 54.49 ? 226 HOH A O   1 
HETATM 1515 O  O   . HOH B 2 .   ? 0.955   -4.484  -9.062  1.00 41.15 ? 227 HOH A O   1 
HETATM 1516 O  O   . HOH B 2 .   ? 5.032   2.376   6.103   1.00 44.47 ? 228 HOH A O   1 
HETATM 1517 O  O   . HOH B 2 .   ? 16.284  -5.099  -2.585  1.00 51.07 ? 229 HOH A O   1 
HETATM 1518 O  O   . HOH B 2 .   ? 1.274   10.584  9.241   1.00 52.63 ? 230 HOH A O   1 
HETATM 1519 O  O   . HOH B 2 .   ? 13.483  -13.135 -4.414  1.00 37.72 ? 231 HOH A O   1 
HETATM 1520 O  O   . HOH B 2 .   ? 7.611   16.922  -17.889 1.00 55.72 ? 232 HOH A O   1 
HETATM 1521 O  O   . HOH B 2 .   ? 12.695  16.057  -5.316  1.00 37.06 ? 233 HOH A O   1 
HETATM 1522 O  O   . HOH B 2 .   ? -1.820  24.126  -15.401 1.00 60.61 ? 234 HOH A O   1 
HETATM 1523 O  O   . HOH B 2 .   ? 16.109  0.132   -4.784  1.00 44.92 ? 235 HOH A O   1 
HETATM 1524 O  O   . HOH B 2 .   ? 9.698   -4.179  6.458   1.00 44.00 ? 236 HOH A O   1 
HETATM 1525 O  O   . HOH B 2 .   ? 3.866   -4.173  -13.493 1.00 56.43 ? 237 HOH A O   1 
HETATM 1526 O  O   . HOH B 2 .   ? -8.700  -0.312  15.857  1.00 38.62 ? 238 HOH A O   1 
HETATM 1527 O  O   . HOH B 2 .   ? 16.721  5.201   -4.196  1.00 30.68 ? 239 HOH A O   1 
HETATM 1528 O  O   . HOH B 2 .   ? 14.614  -2.376  -9.474  1.00 38.08 ? 240 HOH A O   1 
HETATM 1529 O  O   . HOH B 2 .   ? -0.097  10.396  4.178   1.00 26.96 ? 241 HOH A O   1 
# 
